data_7Z4O
#
_entry.id   7Z4O
#
_cell.length_a   76.474
_cell.length_b   144.131
_cell.length_c   336.197
_cell.angle_alpha   90.000
_cell.angle_beta   90.000
_cell.angle_gamma   90.000
#
_symmetry.space_group_name_H-M   'P 21 21 21'
#
loop_
_entity.id
_entity.type
_entity.pdbx_description
1 polymer 'Polymerase acidic protein'
2 polymer 'RNA-directed RNA polymerase catalytic subunit'
3 polymer 'Polymerase basic protein 2'
4 polymer SER-TYR-SER-PRO-THR-SEP-PRO-SER-TYR-SER
5 polymer "RNA (5'-R(P*AP*GP*UP*AP*GP*UP*AP*AP*CP*AP*AP*G)-3')"
6 non-polymer 'MAGNESIUM ION'
#
loop_
_entity_poly.entity_id
_entity_poly.type
_entity_poly.pdbx_seq_one_letter_code
_entity_poly.pdbx_strand_id
1 'polypeptide(L)'
;MIEERFEITGTMRRLADQSLPPNFSSLENFRAYVDGFEPNGCIEGKLSQMSKEVNARIEPFLRTTPRPLRLPDGPPCSQR
SKFLLMDALKLSIEDPSHEGEGIPLYDAIKCMKTFFGWKEPNIIKPHEKGINPNYLLTWKQVLAELQDIENEEKIPRTKN
MKKTSQLKWALGENMAPEKVDFEDCKDVNDLKQYDSDEPEPRSLACWIQSEFNKACELTDSSWVELDEIGEDVAPIEHIA
SMRRNYFTAEVSHCRATEYIMKGVYINTALLNASCAAMDDFQLIPMISKCRTKEGRRKTNLYGFIIKGRSHLRNDTDVVN
FVSMEFSLTDPRLEPHKWEKYCVLEIGDMLLRTAVGQVSRPMFLYVRTNGTSKIKMKWGMEMRRCLLQSLQQIESMIEAE
SSVKEKDLTKEFFENKSETWPIGESPKGVEEGSIGKVCRTLLAKSVFNSLYASPQLEGFSAESRKLLLIVQALRDNLEPG
TFDLEGLYEAIEECLINDPWVLLNASWFNSFLTHALR
;
AAA,DDD
2 'polypeptide(L)'
;MDVNPTLLFLKVPVQNAISTTFPYTGDPPYSHGTGTGYTMDTVNRTHKYSEKGKWTTNTETGAPQLNPIDGPLPEDNEPS
GYAQTDCVLEAMAFLEESHPGIFENSCLETMEIVQQTRVDKLTQGRQTYDWTLNRNQPAATALANTIEVFRSNGLTANES
GRLIDFLKDVMDSMDKEEMEITTHFQRKRRVRDNMTKKMVTQRTIGKKKQRLNKRSYLIRALTLNTMTKDAERGKLKRRA
IATPGMQIRGFVYFVEALARSICEKLEQSGLPVGGNEKKAKLANVVRKMMTNSQDTELSFTITGDNTKWNENQNPRMFLA
MITYITRNQPEWFRNVLSIAPIMFSNKMARLGKGYMFESKSMKLRTQVPAEMLANIDLKYFNKSTREKIEKIRPLLIDGT
ASLSPGMMMGMFNMLSTVLGVSILNLGQKKYTKTTYWWDGLQSSDDFALIVNAPNHEGIQAGVDRFYRTCKLVGINMSKK
KSYINRTGTFEFTSFFYRYGFVANFSMELPSFGVSGINESADMSVGVTVIKNNMINNDLGPATAQMALQLFIKDYRYTYR
CHRGDTQIQTRRAFELKKLWEQTRSKAGLLVSDGGPNLYNIRNLHIPEVCLKWELMDEDYQGRLCNPMNPFVSHKEIDSV
NNAVVMPAHGPAKSMEYDAVATTHSWIPKRNRSILNTSQRGILEDEQMYQKCCNLFEKFFPSSSYRRPVGISSMVEAMVS
RARIDARIDFESGRIKKEEFAEIMKICSTIEELRRQK
;
BBB,EEE
3 'polypeptide(L)'
;MERIKELRDLMSQSRTREILTKTTVDHMAIIKKYTSGRQEKNPALRMKWMMAMKYPITADKRIMEMIPERNEQGQTLWSK
TNDAGSDRVMVSPLAVTWWNRNGPTTSTVHYPKVYKTYFEKVERLKHGSGSENLYFQGSHHHHHHHH
;
CCC,FFF
4 'polypeptide(L)' YSPT(SEP)PSYSPT(SEP)PSYSPT(SEP)PSYSPT(SEP)PS JJJ,KKK
5 'polyribonucleotide' AGUAGUAACAAG UUU,VVV
#
loop_
_chem_comp.id
_chem_comp.type
_chem_comp.name
_chem_comp.formula
A RNA linking ADENOSINE-5'-MONOPHOSPHATE 'C10 H14 N5 O7 P'
C RNA linking CYTIDINE-5'-MONOPHOSPHATE 'C9 H14 N3 O8 P'
G RNA linking GUANOSINE-5'-MONOPHOSPHATE 'C10 H14 N5 O8 P'
MG non-polymer 'MAGNESIUM ION' 'Mg 2'
U RNA linking URIDINE-5'-MONOPHOSPHATE 'C9 H13 N2 O9 P'
#
# COMPACT_ATOMS: atom_id res chain seq x y z
N GLU A 4 -25.73 -5.21 75.97
CA GLU A 4 -24.94 -5.99 74.96
C GLU A 4 -24.34 -7.23 75.63
N ARG A 5 -24.50 -8.40 75.01
CA ARG A 5 -23.90 -9.68 75.46
C ARG A 5 -23.19 -10.38 74.29
N PHE A 6 -22.14 -11.14 74.59
CA PHE A 6 -21.39 -12.01 73.65
C PHE A 6 -20.56 -13.01 74.48
N GLU A 7 -20.98 -14.28 74.49
CA GLU A 7 -20.44 -15.33 75.39
C GLU A 7 -19.72 -16.40 74.55
N ILE A 8 -18.62 -16.94 75.09
CA ILE A 8 -17.84 -18.06 74.46
C ILE A 8 -18.57 -19.36 74.78
N THR A 9 -19.12 -20.00 73.74
CA THR A 9 -20.06 -21.15 73.80
C THR A 9 -19.26 -22.42 74.12
N GLY A 10 -19.95 -23.56 74.25
CA GLY A 10 -19.39 -24.88 74.58
C GLY A 10 -18.20 -25.25 73.71
N THR A 11 -18.44 -25.55 72.42
CA THR A 11 -17.42 -26.00 71.43
C THR A 11 -16.25 -25.00 71.41
N MET A 12 -16.56 -23.71 71.47
CA MET A 12 -15.59 -22.59 71.31
C MET A 12 -14.70 -22.49 72.57
N ARG A 13 -15.28 -22.68 73.76
CA ARG A 13 -14.55 -22.65 75.05
C ARG A 13 -13.47 -23.74 75.04
N ARG A 14 -13.84 -24.96 74.64
CA ARG A 14 -12.98 -26.18 74.62
C ARG A 14 -11.75 -25.93 73.73
N LEU A 15 -11.91 -25.12 72.67
CA LEU A 15 -10.78 -24.67 71.80
C LEU A 15 -9.94 -23.66 72.57
N ALA A 16 -10.57 -22.57 73.01
CA ALA A 16 -9.96 -21.41 73.71
C ALA A 16 -9.01 -21.88 74.81
N ASP A 17 -9.41 -22.91 75.56
CA ASP A 17 -8.66 -23.43 76.73
C ASP A 17 -7.38 -24.12 76.25
N GLN A 18 -7.39 -24.76 75.07
CA GLN A 18 -6.21 -25.46 74.51
C GLN A 18 -5.23 -24.43 73.93
N SER A 19 -5.73 -23.24 73.55
CA SER A 19 -4.94 -22.13 72.96
C SER A 19 -4.51 -21.15 74.05
N LEU A 20 -3.76 -21.63 75.04
CA LEU A 20 -3.24 -20.82 76.18
C LEU A 20 -1.77 -21.17 76.40
N PRO A 21 -0.98 -20.32 77.09
CA PRO A 21 0.38 -20.69 77.48
C PRO A 21 0.37 -21.98 78.31
N PRO A 22 1.47 -22.75 78.32
CA PRO A 22 1.48 -24.06 79.00
C PRO A 22 1.17 -23.97 80.50
N ASN A 23 0.34 -24.91 80.98
CA ASN A 23 0.00 -25.14 82.41
C ASN A 23 -1.01 -24.08 82.89
N PHE A 24 -1.86 -23.60 81.97
CA PHE A 24 -3.06 -22.78 82.22
C PHE A 24 -4.25 -23.49 81.59
N SER A 25 -4.89 -24.41 82.33
CA SER A 25 -5.82 -25.43 81.79
C SER A 25 -7.22 -24.86 81.54
N SER A 26 -7.43 -23.56 81.80
CA SER A 26 -8.72 -22.84 81.61
C SER A 26 -8.44 -21.38 81.23
N LEU A 27 -9.26 -20.82 80.32
CA LEU A 27 -9.13 -19.40 79.89
C LEU A 27 -9.33 -18.49 81.12
N GLU A 28 -10.45 -18.67 81.82
CA GLU A 28 -10.82 -17.86 83.02
C GLU A 28 -9.68 -17.95 84.06
N ASN A 29 -9.03 -19.11 84.18
CA ASN A 29 -7.82 -19.29 85.02
C ASN A 29 -6.76 -18.29 84.56
N PHE A 30 -6.41 -18.31 83.27
CA PHE A 30 -5.34 -17.49 82.65
C PHE A 30 -5.68 -16.00 82.83
N ARG A 31 -6.89 -15.59 82.46
CA ARG A 31 -7.36 -14.19 82.54
C ARG A 31 -7.09 -13.62 83.94
N ALA A 32 -7.26 -14.44 85.00
CA ALA A 32 -7.04 -14.05 86.40
C ALA A 32 -5.58 -13.62 86.61
N TYR A 33 -4.62 -14.43 86.14
CA TYR A 33 -3.16 -14.17 86.22
C TYR A 33 -2.85 -12.83 85.57
N VAL A 34 -3.37 -12.63 84.35
CA VAL A 34 -3.17 -11.40 83.51
C VAL A 34 -3.75 -10.19 84.25
N ASP A 35 -5.01 -10.29 84.68
CA ASP A 35 -5.77 -9.20 85.35
C ASP A 35 -4.99 -8.68 86.56
N GLY A 36 -4.39 -9.59 87.35
CA GLY A 36 -3.66 -9.26 88.58
C GLY A 36 -2.15 -9.23 88.39
N PHE A 37 -1.68 -9.19 87.14
CA PHE A 37 -0.22 -9.13 86.82
C PHE A 37 0.31 -7.72 87.10
N GLU A 38 1.28 -7.63 88.01
CA GLU A 38 2.13 -6.42 88.23
C GLU A 38 3.57 -6.82 87.91
N PRO A 39 4.25 -6.12 86.98
CA PRO A 39 5.58 -6.54 86.52
C PRO A 39 6.62 -6.43 87.64
N ASN A 40 7.66 -7.27 87.59
CA ASN A 40 8.72 -7.33 88.63
C ASN A 40 10.00 -7.92 88.02
N GLY A 41 10.77 -7.08 87.33
CA GLY A 41 12.05 -7.43 86.68
C GLY A 41 12.01 -8.79 85.99
N CYS A 42 10.89 -9.15 85.37
CA CYS A 42 10.69 -10.43 84.64
C CYS A 42 11.73 -10.52 83.51
N ILE A 43 11.76 -9.48 82.66
CA ILE A 43 12.71 -9.33 81.51
C ILE A 43 14.14 -9.25 82.06
N GLU A 44 14.39 -8.34 82.99
CA GLU A 44 15.72 -8.16 83.65
C GLU A 44 16.23 -9.52 84.11
N GLY A 45 15.35 -10.33 84.69
CA GLY A 45 15.64 -11.66 85.24
C GLY A 45 15.88 -12.69 84.14
N LYS A 46 14.97 -12.78 83.16
CA LYS A 46 15.07 -13.75 82.04
C LYS A 46 16.29 -13.45 81.18
N LEU A 47 16.72 -12.18 81.09
CA LEU A 47 17.90 -11.73 80.30
C LEU A 47 19.18 -12.23 80.98
N SER A 48 19.32 -11.96 82.28
CA SER A 48 20.43 -12.45 83.14
C SER A 48 20.47 -13.98 83.09
N GLN A 49 19.30 -14.62 82.96
CA GLN A 49 19.14 -16.10 82.81
C GLN A 49 19.67 -16.55 81.44
N MET A 50 19.16 -15.96 80.36
CA MET A 50 19.37 -16.42 78.95
C MET A 50 20.86 -16.50 78.63
N SER A 51 21.21 -17.40 77.70
CA SER A 51 22.56 -17.64 77.14
C SER A 51 23.21 -16.32 76.68
N LYS A 52 24.52 -16.18 76.87
CA LYS A 52 25.33 -14.99 76.47
C LYS A 52 25.91 -15.22 75.07
N GLU A 53 25.66 -16.40 74.48
CA GLU A 53 25.91 -16.70 73.05
C GLU A 53 24.96 -15.87 72.19
N VAL A 54 23.73 -15.68 72.66
CA VAL A 54 22.65 -14.88 72.00
C VAL A 54 22.98 -13.40 72.18
N ASN A 55 23.39 -12.72 71.09
CA ASN A 55 23.78 -11.29 71.07
C ASN A 55 24.01 -10.83 69.62
N ALA A 56 24.12 -9.51 69.43
CA ALA A 56 24.38 -8.85 68.13
C ALA A 56 25.78 -8.22 68.15
N ARG A 57 26.80 -9.05 67.92
CA ARG A 57 28.22 -8.64 67.83
C ARG A 57 28.38 -7.79 66.55
N ILE A 58 28.96 -6.60 66.68
CA ILE A 58 29.09 -5.60 65.58
C ILE A 58 30.44 -5.78 64.87
N GLU A 59 30.45 -6.50 63.74
CA GLU A 59 31.61 -6.60 62.83
C GLU A 59 31.90 -5.21 62.28
N PRO A 60 33.06 -4.59 62.58
CA PRO A 60 33.39 -3.28 62.01
C PRO A 60 33.62 -3.39 60.50
N PHE A 61 32.98 -2.52 59.72
CA PHE A 61 33.12 -2.39 58.25
C PHE A 61 34.21 -1.36 57.96
N LEU A 62 35.37 -1.84 57.50
CA LEU A 62 36.57 -1.05 57.16
C LEU A 62 36.82 -1.14 55.65
N ARG A 63 37.59 -0.19 55.10
CA ARG A 63 37.96 -0.18 53.66
C ARG A 63 38.48 -1.57 53.24
N THR A 64 39.00 -2.35 54.19
CA THR A 64 39.63 -3.67 53.96
C THR A 64 38.60 -4.80 53.93
N THR A 65 37.48 -4.69 54.66
CA THR A 65 36.58 -5.85 54.98
C THR A 65 35.88 -6.39 53.74
N PRO A 66 35.35 -5.55 52.82
CA PRO A 66 34.53 -6.06 51.71
C PRO A 66 35.37 -6.59 50.55
N ARG A 67 35.16 -7.86 50.20
CA ARG A 67 35.82 -8.54 49.05
C ARG A 67 34.95 -8.35 47.83
N PRO A 68 35.45 -8.64 46.60
CA PRO A 68 34.60 -8.64 45.41
C PRO A 68 33.57 -9.78 45.44
N LEU A 69 32.49 -9.64 44.68
CA LEU A 69 31.40 -10.66 44.58
C LEU A 69 31.94 -11.88 43.81
N ARG A 70 31.41 -13.06 44.15
CA ARG A 70 31.85 -14.38 43.58
C ARG A 70 30.98 -14.71 42.37
N LEU A 71 31.44 -14.32 41.18
CA LEU A 71 30.76 -14.60 39.88
C LEU A 71 30.93 -16.08 39.53
N PRO A 72 29.86 -16.80 39.14
CA PRO A 72 29.94 -18.24 38.89
C PRO A 72 30.77 -18.58 37.65
N ASP A 73 31.43 -19.74 37.68
CA ASP A 73 32.25 -20.29 36.57
C ASP A 73 31.40 -21.28 35.76
N GLY A 74 31.75 -21.48 34.49
CA GLY A 74 31.07 -22.42 33.59
C GLY A 74 31.08 -21.94 32.14
N PRO A 75 30.12 -22.40 31.30
CA PRO A 75 30.03 -21.96 29.92
C PRO A 75 29.59 -20.50 29.83
N PRO A 76 30.07 -19.73 28.83
CA PRO A 76 29.59 -18.36 28.63
C PRO A 76 28.06 -18.32 28.49
N CYS A 77 27.42 -17.30 29.06
CA CYS A 77 25.95 -17.07 29.01
C CYS A 77 25.53 -16.77 27.56
N SER A 78 24.28 -17.09 27.21
CA SER A 78 23.72 -16.96 25.84
C SER A 78 22.75 -15.80 25.78
N GLN A 79 22.30 -15.45 24.56
CA GLN A 79 21.27 -14.41 24.31
C GLN A 79 19.89 -15.01 24.59
N ARG A 80 19.13 -14.40 25.50
CA ARG A 80 17.75 -14.84 25.86
C ARG A 80 16.73 -13.76 25.47
N SER A 81 17.18 -12.55 25.10
CA SER A 81 16.30 -11.44 24.61
C SER A 81 15.45 -11.97 23.45
N LYS A 82 14.17 -11.60 23.43
CA LYS A 82 13.16 -12.14 22.47
C LYS A 82 13.58 -11.79 21.04
N PHE A 83 14.08 -10.57 20.83
CA PHE A 83 14.57 -10.07 19.52
C PHE A 83 16.01 -9.57 19.68
N LEU A 84 16.73 -9.48 18.55
CA LEU A 84 18.12 -8.97 18.46
C LEU A 84 18.11 -7.49 18.86
N LEU A 85 19.21 -7.00 19.44
CA LEU A 85 19.34 -5.59 19.87
C LEU A 85 20.42 -4.89 19.04
N MET A 86 21.70 -5.15 19.31
CA MET A 86 22.83 -4.49 18.61
C MET A 86 23.08 -5.17 17.25
N ASP A 87 22.57 -6.39 17.06
CA ASP A 87 22.90 -7.26 15.90
C ASP A 87 21.83 -7.12 14.80
N ALA A 88 20.65 -6.59 15.13
CA ALA A 88 19.48 -6.51 14.22
C ALA A 88 19.83 -5.69 12.98
N LEU A 89 19.15 -5.99 11.87
CA LEU A 89 19.24 -5.23 10.58
C LEU A 89 17.83 -4.86 10.13
N LYS A 90 17.69 -3.72 9.44
CA LYS A 90 16.36 -3.17 9.04
C LYS A 90 16.32 -2.97 7.53
N LEU A 91 15.27 -3.49 6.88
CA LEU A 91 14.87 -3.10 5.51
C LEU A 91 13.79 -2.01 5.66
N SER A 92 14.05 -0.81 5.11
CA SER A 92 13.31 0.44 5.41
C SER A 92 12.66 1.01 4.15
N ILE A 93 11.55 1.73 4.33
CA ILE A 93 10.88 2.54 3.27
C ILE A 93 10.47 3.89 3.86
N GLU A 94 10.39 4.92 3.02
CA GLU A 94 9.86 6.26 3.36
C GLU A 94 8.32 6.19 3.39
N ASP A 95 7.69 6.90 4.34
CA ASP A 95 6.20 6.84 4.54
C ASP A 95 5.61 8.25 4.56
N PRO A 96 5.63 8.98 3.42
CA PRO A 96 5.04 10.31 3.35
C PRO A 96 3.52 10.24 3.06
N SER A 97 2.81 9.39 3.82
CA SER A 97 1.34 9.16 3.71
C SER A 97 0.66 9.59 5.01
N HIS A 98 1.43 9.85 6.06
CA HIS A 98 0.95 10.28 7.41
C HIS A 98 -0.13 9.32 7.90
N GLU A 99 -0.03 8.04 7.50
CA GLU A 99 -1.05 6.98 7.73
C GLU A 99 -1.03 6.55 9.20
N GLY A 100 -2.20 6.24 9.76
CA GLY A 100 -2.39 5.85 11.17
C GLY A 100 -1.78 4.49 11.46
N GLU A 101 -2.61 3.43 11.45
CA GLU A 101 -2.18 2.04 11.74
C GLU A 101 -2.16 1.25 10.43
N GLY A 102 -1.26 1.63 9.50
CA GLY A 102 -1.12 1.03 8.16
C GLY A 102 -0.83 -0.47 8.24
N ILE A 103 -1.47 -1.27 7.38
CA ILE A 103 -1.48 -2.77 7.48
C ILE A 103 -0.04 -3.26 7.47
N PRO A 104 0.40 -3.95 8.55
CA PRO A 104 1.82 -4.26 8.75
C PRO A 104 2.35 -5.22 7.66
N LEU A 105 1.55 -6.21 7.27
CA LEU A 105 1.90 -7.20 6.22
C LEU A 105 2.46 -6.47 4.99
N TYR A 106 1.81 -5.40 4.54
CA TYR A 106 2.15 -4.68 3.28
C TYR A 106 3.35 -3.77 3.51
N ASP A 107 3.38 -3.04 4.64
CA ASP A 107 4.59 -2.29 5.07
C ASP A 107 5.80 -3.21 4.95
N ALA A 108 5.68 -4.44 5.46
CA ALA A 108 6.73 -5.48 5.46
C ALA A 108 7.12 -5.83 4.02
N ILE A 109 6.15 -6.17 3.17
CA ILE A 109 6.40 -6.58 1.75
C ILE A 109 7.12 -5.43 1.03
N LYS A 110 6.56 -4.23 1.11
CA LYS A 110 7.13 -3.00 0.50
C LYS A 110 8.59 -2.86 0.95
N CYS A 111 8.87 -3.12 2.23
CA CYS A 111 10.24 -3.14 2.81
C CYS A 111 11.09 -4.23 2.12
N MET A 112 10.57 -5.45 2.07
CA MET A 112 11.24 -6.64 1.49
C MET A 112 11.62 -6.36 0.03
N LYS A 113 10.76 -5.67 -0.72
CA LYS A 113 10.95 -5.39 -2.17
C LYS A 113 12.12 -4.42 -2.39
N THR A 114 12.55 -3.69 -1.35
CA THR A 114 13.64 -2.68 -1.46
C THR A 114 15.00 -3.36 -1.61
N PHE A 115 15.11 -4.65 -1.26
CA PHE A 115 16.37 -5.44 -1.26
C PHE A 115 16.35 -6.47 -2.40
N PHE A 116 17.45 -6.55 -3.15
CA PHE A 116 17.62 -7.48 -4.31
C PHE A 116 18.99 -8.16 -4.23
N GLY A 117 19.36 -8.66 -3.05
CA GLY A 117 20.64 -9.33 -2.80
C GLY A 117 20.46 -10.70 -2.15
N TRP A 118 19.26 -11.27 -2.24
CA TRP A 118 18.89 -12.59 -1.67
C TRP A 118 19.75 -13.68 -2.33
N LYS A 119 20.11 -14.72 -1.56
CA LYS A 119 20.88 -15.90 -2.03
C LYS A 119 20.09 -17.17 -1.72
N GLU A 120 20.61 -18.31 -2.19
CA GLU A 120 20.17 -19.66 -1.77
C GLU A 120 20.58 -19.83 -0.30
N PRO A 121 19.63 -19.90 0.66
CA PRO A 121 19.99 -19.95 2.08
C PRO A 121 20.80 -21.20 2.44
N ASN A 122 21.87 -21.02 3.22
CA ASN A 122 22.79 -22.10 3.68
C ASN A 122 23.12 -21.85 5.16
N ILE A 123 23.03 -22.89 5.99
CA ILE A 123 23.21 -22.79 7.47
C ILE A 123 24.68 -22.45 7.76
N ILE A 124 24.93 -21.58 8.74
CA ILE A 124 26.30 -21.17 9.17
C ILE A 124 26.54 -21.73 10.57
N LYS A 125 26.00 -21.08 11.62
CA LYS A 125 26.04 -21.56 13.02
C LYS A 125 24.75 -22.33 13.29
N PRO A 126 24.80 -23.67 13.37
CA PRO A 126 23.60 -24.49 13.57
C PRO A 126 23.21 -24.57 15.05
N HIS A 127 21.90 -24.65 15.32
CA HIS A 127 21.34 -24.82 16.69
C HIS A 127 21.66 -26.23 17.18
N GLU A 128 22.40 -26.33 18.29
CA GLU A 128 23.06 -27.60 18.73
C GLU A 128 22.03 -28.71 18.88
N LYS A 129 20.88 -28.41 19.49
CA LYS A 129 19.88 -29.40 19.98
C LYS A 129 18.65 -29.45 19.05
N GLY A 130 18.69 -28.77 17.90
CA GLY A 130 17.54 -28.60 17.00
C GLY A 130 17.73 -29.31 15.67
N ILE A 131 16.62 -29.62 14.99
CA ILE A 131 16.58 -30.16 13.59
C ILE A 131 16.91 -29.03 12.63
N ASN A 132 18.20 -28.73 12.46
CA ASN A 132 18.71 -27.54 11.73
C ASN A 132 17.98 -27.37 10.40
N PRO A 133 17.87 -28.42 9.55
CA PRO A 133 17.20 -28.27 8.26
C PRO A 133 15.75 -27.73 8.31
N ASN A 134 15.06 -27.92 9.44
CA ASN A 134 13.68 -27.41 9.66
C ASN A 134 13.66 -25.87 9.60
N TYR A 135 14.64 -25.21 10.25
CA TYR A 135 14.76 -23.74 10.30
C TYR A 135 14.86 -23.21 8.87
N LEU A 136 15.90 -23.64 8.14
CA LEU A 136 16.16 -23.26 6.72
C LEU A 136 14.89 -23.42 5.90
N LEU A 137 14.17 -24.54 6.08
CA LEU A 137 12.88 -24.84 5.38
C LEU A 137 11.85 -23.76 5.72
N THR A 138 11.75 -23.37 7.00
CA THR A 138 10.76 -22.39 7.51
C THR A 138 10.95 -21.07 6.76
N TRP A 139 12.20 -20.58 6.71
CA TRP A 139 12.59 -19.32 6.01
C TRP A 139 12.18 -19.41 4.53
N LYS A 140 12.45 -20.54 3.88
CA LYS A 140 12.07 -20.81 2.47
C LYS A 140 10.54 -20.73 2.34
N GLN A 141 9.81 -21.38 3.26
CA GLN A 141 8.33 -21.35 3.29
C GLN A 141 7.85 -19.89 3.42
N VAL A 142 8.42 -19.13 4.36
CA VAL A 142 8.13 -17.68 4.56
C VAL A 142 8.36 -16.94 3.24
N LEU A 143 9.57 -17.03 2.69
CA LEU A 143 9.97 -16.40 1.40
C LEU A 143 8.91 -16.73 0.34
N ALA A 144 8.60 -18.02 0.18
CA ALA A 144 7.67 -18.55 -0.85
C ALA A 144 6.26 -17.96 -0.65
N GLU A 145 5.71 -18.11 0.55
CA GLU A 145 4.28 -17.82 0.85
C GLU A 145 4.01 -16.32 0.67
N LEU A 146 5.03 -15.47 0.81
CA LEU A 146 4.95 -13.99 0.60
C LEU A 146 4.85 -13.70 -0.90
N GLN A 147 5.38 -14.58 -1.75
CA GLN A 147 5.24 -14.49 -3.23
C GLN A 147 3.83 -14.98 -3.59
N ASP A 148 3.37 -16.08 -3.00
CA ASP A 148 2.03 -16.69 -3.26
C ASP A 148 0.92 -15.62 -3.15
N ILE A 149 1.05 -14.68 -2.20
CA ILE A 149 0.12 -13.52 -2.03
C ILE A 149 -0.01 -12.80 -3.38
N GLU A 150 1.13 -12.45 -4.00
CA GLU A 150 1.23 -11.60 -5.22
C GLU A 150 0.32 -12.14 -6.32
N ASN A 151 0.19 -13.47 -6.44
CA ASN A 151 -0.68 -14.13 -7.45
C ASN A 151 -1.88 -14.77 -6.73
N GLU A 152 -2.69 -13.93 -6.08
CA GLU A 152 -3.94 -14.33 -5.36
C GLU A 152 -5.08 -13.40 -5.81
N GLU A 153 -6.26 -13.96 -6.05
CA GLU A 153 -7.43 -13.26 -6.67
C GLU A 153 -7.76 -12.01 -5.84
N LYS A 154 -7.81 -12.14 -4.51
CA LYS A 154 -7.92 -11.01 -3.54
C LYS A 154 -6.56 -10.86 -2.85
N ILE A 155 -6.43 -9.92 -1.91
CA ILE A 155 -5.21 -9.72 -1.07
C ILE A 155 -5.59 -9.97 0.39
N PRO A 156 -4.86 -10.84 1.12
CA PRO A 156 -5.12 -11.05 2.54
C PRO A 156 -4.53 -9.91 3.41
N ARG A 157 -5.22 -9.58 4.51
CA ARG A 157 -4.82 -8.54 5.50
C ARG A 157 -3.74 -9.10 6.43
N THR A 158 -3.78 -10.42 6.69
CA THR A 158 -2.82 -11.17 7.54
C THR A 158 -2.60 -12.55 6.93
N LYS A 159 -1.34 -13.04 6.93
CA LYS A 159 -0.97 -14.37 6.35
C LYS A 159 -0.82 -15.38 7.49
N ASN A 160 -1.70 -16.37 7.54
CA ASN A 160 -1.58 -17.57 8.43
C ASN A 160 -0.81 -18.64 7.66
N MET A 161 0.36 -19.04 8.17
CA MET A 161 1.32 -19.95 7.48
C MET A 161 0.73 -21.37 7.42
N LYS A 162 1.09 -22.13 6.38
CA LYS A 162 0.70 -23.55 6.19
C LYS A 162 1.38 -24.39 7.29
N LYS A 163 0.61 -25.20 8.03
CA LYS A 163 1.12 -26.02 9.16
C LYS A 163 1.98 -27.17 8.62
N THR A 164 3.18 -26.86 8.13
CA THR A 164 4.12 -27.82 7.51
C THR A 164 4.91 -28.55 8.59
N SER A 165 5.54 -29.67 8.20
CA SER A 165 6.42 -30.52 9.04
C SER A 165 7.38 -29.65 9.88
N GLN A 166 8.07 -28.71 9.23
CA GLN A 166 9.10 -27.85 9.87
C GLN A 166 8.45 -26.95 10.94
N LEU A 167 7.34 -26.28 10.58
CA LEU A 167 6.65 -25.30 11.46
C LEU A 167 5.96 -26.04 12.62
N LYS A 168 5.49 -27.26 12.37
CA LYS A 168 4.89 -28.13 13.42
C LYS A 168 5.97 -28.51 14.44
N TRP A 169 7.23 -28.62 14.02
CA TRP A 169 8.36 -28.96 14.93
C TRP A 169 8.82 -27.72 15.70
N ALA A 170 9.04 -26.61 15.01
CA ALA A 170 9.64 -25.37 15.55
C ALA A 170 8.74 -24.73 16.61
N LEU A 171 7.43 -24.93 16.52
CA LEU A 171 6.40 -24.33 17.41
C LEU A 171 5.89 -25.36 18.43
N GLY A 172 6.38 -26.61 18.36
CA GLY A 172 6.17 -27.65 19.37
C GLY A 172 4.81 -28.33 19.28
N GLU A 173 4.26 -28.45 18.06
CA GLU A 173 2.92 -29.06 17.81
C GLU A 173 2.92 -30.51 18.30
N ASN A 174 2.11 -30.80 19.32
CA ASN A 174 1.89 -32.15 19.91
C ASN A 174 3.24 -32.71 20.41
N MET A 175 3.95 -31.93 21.24
CA MET A 175 5.28 -32.30 21.80
C MET A 175 5.20 -32.40 23.33
N ALA A 176 4.00 -32.25 23.92
CA ALA A 176 3.75 -32.39 25.38
C ALA A 176 3.17 -33.78 25.66
N PRO A 177 3.44 -34.36 26.85
CA PRO A 177 2.79 -35.62 27.24
C PRO A 177 1.27 -35.43 27.38
N GLU A 178 0.50 -36.52 27.21
CA GLU A 178 -0.99 -36.49 27.29
C GLU A 178 -1.41 -36.61 28.76
N LYS A 179 -2.35 -35.76 29.19
CA LYS A 179 -2.88 -35.72 30.59
C LYS A 179 -3.85 -36.88 30.78
N VAL A 180 -3.49 -37.83 31.66
CA VAL A 180 -4.34 -39.00 32.05
C VAL A 180 -4.57 -38.93 33.56
N ASP A 181 -5.73 -39.42 34.03
CA ASP A 181 -6.09 -39.51 35.47
C ASP A 181 -5.11 -40.44 36.18
N PHE A 182 -4.88 -40.24 37.47
CA PHE A 182 -3.88 -41.00 38.27
C PHE A 182 -4.24 -42.48 38.33
N GLU A 183 -5.55 -42.80 38.35
CA GLU A 183 -6.07 -44.20 38.44
C GLU A 183 -5.60 -45.03 37.25
N ASP A 184 -5.53 -44.42 36.05
CA ASP A 184 -5.29 -45.11 34.75
C ASP A 184 -3.80 -45.17 34.42
N CYS A 185 -2.93 -44.62 35.28
CA CYS A 185 -1.45 -44.64 35.09
C CYS A 185 -0.71 -44.61 36.43
N LYS A 186 -1.33 -45.11 37.51
CA LYS A 186 -0.75 -45.09 38.88
C LYS A 186 0.44 -46.05 38.94
N ASP A 187 0.27 -47.28 38.42
CA ASP A 187 1.31 -48.34 38.39
C ASP A 187 2.10 -48.19 37.09
N VAL A 188 2.99 -47.20 37.05
CA VAL A 188 3.95 -46.95 35.92
C VAL A 188 5.36 -47.01 36.51
N ASN A 189 6.35 -47.37 35.69
CA ASN A 189 7.75 -47.70 36.12
C ASN A 189 8.54 -46.42 36.41
N ASP A 190 8.34 -45.37 35.60
CA ASP A 190 9.12 -44.10 35.68
C ASP A 190 8.16 -42.91 35.78
N LEU A 191 7.11 -43.01 36.62
CA LEU A 191 6.17 -41.90 36.92
C LEU A 191 6.67 -41.15 38.16
N LYS A 192 7.69 -40.29 37.98
CA LYS A 192 8.27 -39.41 39.02
C LYS A 192 7.80 -37.97 38.77
N GLN A 193 8.04 -37.08 39.73
CA GLN A 193 7.64 -35.65 39.66
C GLN A 193 8.49 -34.93 38.61
N TYR A 194 7.99 -33.81 38.09
CA TYR A 194 8.68 -32.91 37.12
C TYR A 194 10.06 -32.53 37.66
N ASP A 195 11.06 -32.41 36.79
CA ASP A 195 12.45 -32.00 37.15
C ASP A 195 12.43 -30.55 37.63
N SER A 196 12.75 -30.33 38.91
CA SER A 196 12.83 -29.01 39.58
C SER A 196 14.26 -28.77 40.08
N ASP A 197 15.23 -28.90 39.16
CA ASP A 197 16.68 -28.76 39.43
C ASP A 197 17.05 -27.27 39.51
N GLU A 198 18.29 -26.98 39.92
CA GLU A 198 18.91 -25.63 39.87
C GLU A 198 19.13 -25.26 38.40
N PRO A 199 19.00 -23.97 38.02
CA PRO A 199 19.44 -23.53 36.69
C PRO A 199 20.96 -23.72 36.53
N GLU A 200 21.38 -24.25 35.38
CA GLU A 200 22.79 -24.63 35.08
C GLU A 200 23.66 -23.37 35.08
N PRO A 201 24.69 -23.30 35.95
CA PRO A 201 25.45 -22.05 36.16
C PRO A 201 26.35 -21.67 34.98
N ARG A 202 26.20 -20.44 34.48
CA ARG A 202 26.92 -19.88 33.30
C ARG A 202 27.82 -18.73 33.73
N SER A 203 28.92 -18.51 33.00
CA SER A 203 29.93 -17.46 33.26
C SER A 203 29.58 -16.19 32.47
N LEU A 204 30.04 -15.02 32.95
CA LEU A 204 29.81 -13.69 32.33
C LEU A 204 30.60 -13.58 31.03
N ALA A 205 29.90 -13.62 29.90
CA ALA A 205 30.44 -13.34 28.56
C ALA A 205 30.66 -11.83 28.41
N CYS A 206 31.54 -11.43 27.48
CA CYS A 206 31.97 -10.02 27.24
C CYS A 206 30.93 -9.27 26.39
N TRP A 207 29.96 -9.96 25.79
CA TRP A 207 29.01 -9.38 24.80
C TRP A 207 27.90 -8.58 25.49
N ILE A 208 27.43 -8.99 26.67
CA ILE A 208 26.31 -8.31 27.39
C ILE A 208 26.66 -6.84 27.60
N GLN A 209 27.94 -6.53 27.87
CA GLN A 209 28.46 -5.15 28.02
C GLN A 209 28.39 -4.45 26.65
N SER A 210 28.93 -5.09 25.61
CA SER A 210 28.95 -4.61 24.20
C SER A 210 27.53 -4.25 23.75
N GLU A 211 26.53 -5.05 24.14
CA GLU A 211 25.08 -4.84 23.82
C GLU A 211 24.60 -3.56 24.50
N PHE A 212 24.93 -3.39 25.78
CA PHE A 212 24.50 -2.27 26.64
C PHE A 212 25.18 -0.97 26.20
N ASN A 213 26.45 -1.04 25.77
CA ASN A 213 27.22 0.13 25.27
C ASN A 213 26.45 0.76 24.10
N LYS A 214 25.86 -0.06 23.23
CA LYS A 214 25.12 0.40 22.02
C LYS A 214 23.73 0.90 22.42
N ALA A 215 23.23 0.47 23.59
CA ALA A 215 21.94 0.92 24.14
C ALA A 215 22.03 2.41 24.52
N CYS A 216 23.19 2.84 25.00
CA CYS A 216 23.45 4.24 25.48
C CYS A 216 23.78 5.15 24.30
N GLU A 217 24.11 4.58 23.14
CA GLU A 217 24.40 5.31 21.88
C GLU A 217 23.22 6.20 21.49
N LEU A 218 23.52 7.36 20.93
CA LEU A 218 22.56 8.21 20.17
C LEU A 218 22.42 7.66 18.75
N THR A 219 21.29 7.90 18.10
CA THR A 219 20.99 7.49 16.71
C THR A 219 20.78 8.74 15.85
N ASP A 220 20.60 8.56 14.55
CA ASP A 220 20.31 9.65 13.57
C ASP A 220 18.80 9.85 13.45
N SER A 221 17.98 9.03 14.11
CA SER A 221 16.50 9.04 13.99
C SER A 221 15.84 9.38 15.32
N SER A 222 14.68 10.05 15.28
CA SER A 222 13.82 10.38 16.46
C SER A 222 12.85 9.21 16.68
N TRP A 223 12.98 8.51 17.82
CA TRP A 223 12.33 7.20 18.06
C TRP A 223 11.04 7.32 18.86
N VAL A 224 10.78 8.48 19.48
CA VAL A 224 9.57 8.72 20.32
C VAL A 224 8.93 10.05 19.90
N GLU A 225 7.60 10.09 19.86
CA GLU A 225 6.80 11.33 19.61
C GLU A 225 5.74 11.44 20.71
N LEU A 226 5.95 12.29 21.71
CA LEU A 226 5.04 12.50 22.86
C LEU A 226 4.08 13.65 22.55
N ASP A 227 2.84 13.54 23.01
CA ASP A 227 1.76 14.54 22.75
C ASP A 227 1.97 15.75 23.67
N GLU A 228 1.33 16.88 23.33
CA GLU A 228 1.43 18.19 24.04
C GLU A 228 0.70 18.12 25.38
N ILE A 229 0.89 19.14 26.23
CA ILE A 229 0.09 19.37 27.47
C ILE A 229 -0.23 20.86 27.56
N GLY A 230 -1.04 21.26 28.55
CA GLY A 230 -1.49 22.64 28.78
C GLY A 230 -0.33 23.59 29.03
N GLU A 231 -0.57 24.90 28.90
CA GLU A 231 0.44 25.98 29.08
C GLU A 231 0.98 25.93 30.52
N ASP A 232 2.30 26.07 30.67
CA ASP A 232 2.98 26.19 31.99
C ASP A 232 2.56 27.51 32.64
N VAL A 233 1.77 27.44 33.71
CA VAL A 233 1.27 28.61 34.49
C VAL A 233 1.90 28.56 35.88
N ALA A 234 1.51 27.59 36.70
CA ALA A 234 1.97 27.41 38.09
C ALA A 234 3.50 27.34 38.12
N PRO A 235 4.15 27.77 39.22
CA PRO A 235 5.61 27.84 39.28
C PRO A 235 6.26 26.47 39.00
N ILE A 236 5.79 25.45 39.72
CA ILE A 236 6.27 24.03 39.62
C ILE A 236 6.18 23.57 38.16
N GLU A 237 5.13 23.98 37.44
CA GLU A 237 4.87 23.55 36.04
C GLU A 237 6.00 24.02 35.12
N HIS A 238 6.63 25.15 35.40
CA HIS A 238 7.78 25.68 34.61
C HIS A 238 8.98 24.75 34.81
N ILE A 239 9.32 24.48 36.07
CA ILE A 239 10.43 23.58 36.48
C ILE A 239 10.20 22.20 35.86
N ALA A 240 8.98 21.67 36.01
CA ALA A 240 8.52 20.35 35.50
C ALA A 240 8.84 20.24 34.02
N SER A 241 8.33 21.19 33.23
CA SER A 241 8.46 21.23 31.75
C SER A 241 9.91 21.55 31.36
N MET A 242 10.67 22.26 32.21
CA MET A 242 12.12 22.50 31.99
C MET A 242 12.86 21.15 32.09
N ARG A 243 12.81 20.52 33.27
CA ARG A 243 13.41 19.19 33.54
C ARG A 243 13.06 18.25 32.39
N ARG A 244 11.75 18.07 32.15
CA ARG A 244 11.18 17.09 31.21
C ARG A 244 11.72 17.34 29.80
N ASN A 245 11.65 18.58 29.31
CA ASN A 245 12.01 18.95 27.91
C ASN A 245 13.49 18.69 27.68
N TYR A 246 14.35 19.01 28.65
CA TYR A 246 15.81 18.70 28.61
C TYR A 246 15.99 17.18 28.43
N PHE A 247 15.44 16.40 29.36
CA PHE A 247 15.53 14.91 29.39
C PHE A 247 15.03 14.31 28.08
N THR A 248 13.83 14.73 27.65
CA THR A 248 13.15 14.22 26.43
C THR A 248 13.98 14.59 25.19
N ALA A 249 14.93 15.53 25.30
CA ALA A 249 15.86 15.91 24.22
C ALA A 249 17.00 14.90 24.13
N GLU A 250 17.64 14.58 25.25
CA GLU A 250 18.82 13.67 25.32
C GLU A 250 18.37 12.23 24.98
N VAL A 251 17.14 11.87 25.34
CA VAL A 251 16.59 10.49 25.24
C VAL A 251 15.92 10.28 23.87
N SER A 252 15.40 11.35 23.25
CA SER A 252 14.65 11.31 21.97
C SER A 252 15.31 10.37 20.96
N HIS A 253 16.63 10.52 20.77
CA HIS A 253 17.41 9.89 19.67
C HIS A 253 18.18 8.65 20.16
N CYS A 254 18.18 8.37 21.47
CA CYS A 254 18.90 7.24 22.13
C CYS A 254 18.46 5.90 21.53
N ARG A 255 19.39 4.96 21.36
CA ARG A 255 19.10 3.65 20.71
C ARG A 255 18.12 2.85 21.58
N ALA A 256 18.24 2.92 22.92
CA ALA A 256 17.36 2.22 23.88
C ALA A 256 15.89 2.54 23.57
N THR A 257 15.63 3.77 23.14
CA THR A 257 14.29 4.27 22.73
C THR A 257 13.79 3.46 21.53
N GLU A 258 14.66 3.16 20.56
CA GLU A 258 14.35 2.27 19.40
C GLU A 258 13.89 0.91 19.96
N TYR A 259 14.63 0.35 20.91
CA TYR A 259 14.31 -0.94 21.58
C TYR A 259 12.94 -0.81 22.27
N ILE A 260 12.69 0.30 22.98
CA ILE A 260 11.38 0.53 23.69
C ILE A 260 10.24 0.38 22.68
N MET A 261 10.30 1.08 21.54
CA MET A 261 9.28 0.99 20.46
C MET A 261 9.25 -0.43 19.90
N LYS A 262 10.42 -0.96 19.52
CA LYS A 262 10.59 -2.31 18.91
C LYS A 262 9.83 -3.34 19.75
N GLY A 263 10.10 -3.37 21.06
CA GLY A 263 9.44 -4.27 22.03
C GLY A 263 7.94 -4.12 22.02
N VAL A 264 7.45 -2.88 22.11
CA VAL A 264 5.99 -2.54 22.14
C VAL A 264 5.36 -3.07 20.84
N TYR A 265 5.89 -2.66 19.69
CA TYR A 265 5.39 -2.98 18.32
C TYR A 265 5.29 -4.50 18.13
N ILE A 266 6.25 -5.26 18.67
CA ILE A 266 6.26 -6.76 18.59
C ILE A 266 5.24 -7.30 19.58
N ASN A 267 5.42 -7.02 20.87
CA ASN A 267 4.60 -7.61 21.97
C ASN A 267 3.11 -7.31 21.72
N THR A 268 2.74 -6.05 21.47
CA THR A 268 1.35 -5.62 21.15
C THR A 268 0.76 -6.58 20.10
N ALA A 269 1.37 -6.63 18.91
CA ALA A 269 0.92 -7.42 17.75
C ALA A 269 0.87 -8.91 18.11
N LEU A 270 1.90 -9.41 18.81
CA LEU A 270 2.02 -10.83 19.22
C LEU A 270 0.85 -11.20 20.15
N LEU A 271 0.54 -10.34 21.11
CA LEU A 271 -0.51 -10.59 22.15
C LEU A 271 -1.90 -10.54 21.51
N ASN A 272 -2.10 -9.71 20.49
CA ASN A 272 -3.38 -9.59 19.74
C ASN A 272 -3.61 -10.88 18.96
N ALA A 273 -2.63 -11.27 18.13
CA ALA A 273 -2.63 -12.52 17.34
C ALA A 273 -2.77 -13.72 18.29
N SER A 274 -2.14 -13.66 19.46
CA SER A 274 -2.22 -14.70 20.53
C SER A 274 -3.69 -14.95 20.91
N CYS A 275 -4.52 -13.91 20.93
CA CYS A 275 -5.93 -13.97 21.37
C CYS A 275 -6.84 -14.39 20.22
N ALA A 276 -6.82 -13.66 19.10
CA ALA A 276 -7.74 -13.83 17.95
C ALA A 276 -7.44 -15.14 17.21
N ALA A 277 -6.23 -15.26 16.66
CA ALA A 277 -5.77 -16.41 15.85
C ALA A 277 -5.13 -17.47 16.78
N MET A 278 -5.95 -18.11 17.63
CA MET A 278 -5.49 -19.09 18.64
C MET A 278 -4.90 -20.32 17.94
N ASP A 279 -5.52 -20.76 16.84
CA ASP A 279 -5.17 -22.04 16.15
C ASP A 279 -4.37 -21.77 14.87
N ASP A 280 -4.24 -20.51 14.44
CA ASP A 280 -3.53 -20.14 13.19
C ASP A 280 -2.05 -19.88 13.50
N PHE A 281 -1.16 -20.30 12.60
CA PHE A 281 0.30 -20.03 12.63
C PHE A 281 0.56 -18.69 11.93
N GLN A 282 0.11 -17.59 12.55
CA GLN A 282 0.08 -16.23 11.94
C GLN A 282 1.51 -15.72 11.73
N LEU A 283 1.82 -15.24 10.53
CA LEU A 283 3.06 -14.49 10.23
C LEU A 283 2.91 -13.08 10.79
N ILE A 284 3.81 -12.67 11.71
CA ILE A 284 3.81 -11.33 12.36
C ILE A 284 5.13 -10.65 12.01
N PRO A 285 5.13 -9.63 11.13
CA PRO A 285 6.38 -8.98 10.72
C PRO A 285 6.85 -8.01 11.82
N MET A 286 8.16 -7.88 12.00
CA MET A 286 8.79 -7.08 13.09
C MET A 286 9.12 -5.68 12.57
N ILE A 287 8.28 -4.69 12.91
CA ILE A 287 8.27 -3.34 12.29
C ILE A 287 8.34 -2.26 13.38
N SER A 288 9.17 -1.24 13.13
CA SER A 288 9.20 0.03 13.90
C SER A 288 9.23 1.20 12.91
N LYS A 289 8.64 2.34 13.31
CA LYS A 289 8.56 3.56 12.48
C LYS A 289 9.23 4.72 13.23
N CYS A 290 9.96 5.58 12.50
CA CYS A 290 10.72 6.71 13.10
C CYS A 290 10.89 7.85 12.10
N ARG A 291 11.23 9.03 12.61
CA ARG A 291 11.50 10.27 11.82
C ARG A 291 13.01 10.39 11.64
N THR A 292 13.45 10.69 10.42
CA THR A 292 14.87 10.72 9.99
C THR A 292 15.55 11.98 10.52
N LYS A 293 16.82 12.17 10.16
CA LYS A 293 17.61 13.40 10.42
C LYS A 293 16.91 14.58 9.73
N GLU A 294 16.41 14.35 8.52
CA GLU A 294 15.75 15.36 7.66
C GLU A 294 14.36 15.69 8.23
N GLY A 295 13.58 14.67 8.61
CA GLY A 295 12.25 14.83 9.22
C GLY A 295 11.20 13.92 8.61
N ARG A 296 11.48 13.32 7.45
CA ARG A 296 10.52 12.42 6.74
C ARG A 296 10.26 11.16 7.58
N ARG A 297 9.03 10.64 7.51
CA ARG A 297 8.59 9.41 8.23
C ARG A 297 9.21 8.20 7.54
N LYS A 298 9.68 7.22 8.32
CA LYS A 298 10.44 6.03 7.85
C LYS A 298 9.93 4.77 8.57
N THR A 299 9.51 3.76 7.80
CA THR A 299 9.04 2.43 8.26
C THR A 299 10.15 1.38 8.08
N ASN A 300 10.40 0.57 9.13
CA ASN A 300 11.53 -0.39 9.21
C ASN A 300 11.00 -1.81 9.44
N LEU A 301 11.66 -2.81 8.82
CA LEU A 301 11.43 -4.27 9.01
C LEU A 301 12.72 -4.93 9.50
N TYR A 302 12.68 -5.54 10.70
CA TYR A 302 13.84 -6.23 11.36
C TYR A 302 13.87 -7.71 10.98
N GLY A 303 12.72 -8.24 10.54
CA GLY A 303 12.50 -9.67 10.22
C GLY A 303 11.05 -10.07 10.42
N PHE A 304 10.79 -11.36 10.65
CA PHE A 304 9.44 -11.94 10.82
C PHE A 304 9.39 -12.84 12.05
N ILE A 305 8.19 -12.97 12.65
CA ILE A 305 7.89 -13.86 13.81
C ILE A 305 6.64 -14.67 13.47
N ILE A 306 6.77 -15.98 13.28
CA ILE A 306 5.61 -16.90 13.17
C ILE A 306 5.24 -17.38 14.57
N LYS A 307 4.04 -17.01 15.04
CA LYS A 307 3.44 -17.42 16.32
C LYS A 307 2.84 -18.82 16.15
N GLY A 308 3.11 -19.74 17.08
CA GLY A 308 2.50 -21.08 17.11
C GLY A 308 1.06 -21.01 17.58
N ARG A 309 0.53 -22.13 18.07
CA ARG A 309 -0.83 -22.19 18.68
C ARG A 309 -0.79 -21.42 20.00
N SER A 310 -1.74 -20.50 20.19
CA SER A 310 -1.79 -19.56 21.34
C SER A 310 -3.08 -19.80 22.13
N HIS A 311 -3.18 -20.94 22.82
CA HIS A 311 -4.26 -21.26 23.77
C HIS A 311 -3.80 -20.90 25.18
N LEU A 312 -3.98 -19.64 25.57
CA LEU A 312 -3.55 -19.09 26.90
C LEU A 312 -4.78 -18.90 27.79
N ARG A 313 -4.83 -19.65 28.90
CA ARG A 313 -5.84 -19.53 29.98
C ARG A 313 -5.18 -18.83 31.17
N ASN A 314 -4.02 -19.33 31.60
CA ASN A 314 -3.18 -18.76 32.69
C ASN A 314 -2.25 -17.70 32.09
N ASP A 315 -1.88 -16.69 32.88
CA ASP A 315 -0.94 -15.61 32.49
C ASP A 315 0.46 -16.22 32.31
N THR A 316 0.73 -17.32 33.01
CA THR A 316 2.04 -18.04 33.03
C THR A 316 2.17 -18.95 31.79
N ASP A 317 1.06 -19.48 31.29
CA ASP A 317 0.98 -20.40 30.12
C ASP A 317 1.71 -19.76 28.94
N VAL A 318 2.51 -20.55 28.23
CA VAL A 318 3.51 -20.08 27.22
C VAL A 318 2.92 -20.22 25.81
N VAL A 319 3.32 -19.31 24.90
CA VAL A 319 3.08 -19.35 23.44
C VAL A 319 4.45 -19.45 22.76
N ASN A 320 4.69 -20.51 21.98
CA ASN A 320 5.95 -20.69 21.22
C ASN A 320 5.86 -19.88 19.92
N PHE A 321 7.00 -19.31 19.48
CA PHE A 321 7.13 -18.60 18.19
C PHE A 321 8.54 -18.82 17.62
N VAL A 322 8.79 -18.31 16.41
CA VAL A 322 10.09 -18.45 15.68
C VAL A 322 10.55 -17.04 15.26
N SER A 323 11.66 -16.56 15.84
CA SER A 323 12.27 -15.22 15.55
C SER A 323 13.29 -15.36 14.43
N MET A 324 12.85 -15.14 13.18
CA MET A 324 13.70 -14.98 11.97
C MET A 324 14.02 -13.48 11.81
N GLU A 325 15.24 -13.07 12.14
CA GLU A 325 15.64 -11.64 12.19
C GLU A 325 16.86 -11.42 11.29
N PHE A 326 16.82 -10.34 10.49
CA PHE A 326 17.94 -9.91 9.61
C PHE A 326 19.07 -9.39 10.48
N SER A 327 20.31 -9.65 10.06
CA SER A 327 21.55 -9.19 10.75
C SER A 327 22.74 -9.22 9.79
N LEU A 328 23.68 -8.30 10.00
CA LEU A 328 25.01 -8.27 9.31
C LEU A 328 26.07 -8.95 10.20
N THR A 329 25.80 -9.12 11.50
CA THR A 329 26.74 -9.73 12.49
C THR A 329 27.05 -11.18 12.08
N ASP A 330 28.33 -11.47 11.81
CA ASP A 330 28.82 -12.85 11.54
C ASP A 330 28.68 -13.64 12.84
N PRO A 331 27.88 -14.73 12.89
CA PRO A 331 27.61 -15.44 14.15
C PRO A 331 28.86 -16.15 14.69
N ARG A 332 29.81 -16.49 13.81
CA ARG A 332 31.04 -17.27 14.13
C ARG A 332 32.03 -16.42 14.94
N LEU A 333 31.76 -15.13 15.14
CA LEU A 333 32.61 -14.23 15.96
C LEU A 333 32.44 -14.62 17.44
N GLU A 334 31.19 -14.71 17.91
CA GLU A 334 30.85 -15.05 19.32
C GLU A 334 29.76 -16.11 19.31
N PRO A 335 30.09 -17.37 18.94
CA PRO A 335 29.07 -18.40 18.73
C PRO A 335 28.38 -18.88 20.02
N HIS A 336 29.00 -18.63 21.17
CA HIS A 336 28.46 -18.95 22.53
C HIS A 336 27.21 -18.11 22.81
N LYS A 337 27.18 -16.87 22.32
CA LYS A 337 26.03 -15.93 22.45
C LYS A 337 24.80 -16.54 21.76
N TRP A 338 25.00 -17.18 20.61
CA TRP A 338 23.94 -17.71 19.70
C TRP A 338 23.71 -19.20 19.96
N GLU A 339 23.83 -19.62 21.23
CA GLU A 339 23.62 -21.01 21.69
C GLU A 339 22.27 -21.53 21.20
N LYS A 340 21.20 -20.74 21.40
CA LYS A 340 19.78 -21.13 21.15
C LYS A 340 19.37 -20.81 19.71
N TYR A 341 20.20 -20.09 18.96
CA TYR A 341 19.91 -19.57 17.60
C TYR A 341 20.51 -20.49 16.54
N CYS A 342 19.81 -20.68 15.42
CA CYS A 342 20.34 -21.27 14.16
C CYS A 342 20.49 -20.15 13.12
N VAL A 343 21.72 -19.84 12.73
CA VAL A 343 22.02 -18.66 11.87
C VAL A 343 22.28 -19.13 10.43
N LEU A 344 21.54 -18.55 9.47
CA LEU A 344 21.67 -18.81 8.01
C LEU A 344 22.44 -17.65 7.36
N GLU A 345 22.87 -17.84 6.11
CA GLU A 345 23.47 -16.77 5.25
C GLU A 345 22.51 -16.55 4.08
N ILE A 346 21.64 -15.53 4.16
CA ILE A 346 20.39 -15.47 3.33
C ILE A 346 20.53 -14.38 2.26
N GLY A 347 21.75 -13.88 2.01
CA GLY A 347 22.03 -12.93 0.92
C GLY A 347 23.33 -12.18 1.09
N ASP A 348 23.66 -11.29 0.15
CA ASP A 348 24.84 -10.39 0.19
C ASP A 348 24.37 -8.94 0.04
N MET A 349 24.89 -8.01 0.85
CA MET A 349 24.56 -6.57 0.74
C MET A 349 25.75 -5.83 0.13
N LEU A 350 25.49 -4.82 -0.71
CA LEU A 350 26.53 -3.97 -1.35
C LEU A 350 26.37 -2.54 -0.84
N LEU A 351 27.36 -2.03 -0.10
CA LEU A 351 27.40 -0.61 0.38
C LEU A 351 28.58 0.11 -0.30
N ARG A 352 28.29 1.15 -1.08
CA ARG A 352 29.29 2.00 -1.77
C ARG A 352 29.66 3.15 -0.82
N THR A 353 30.80 3.04 -0.13
CA THR A 353 31.30 4.02 0.88
C THR A 353 32.36 4.90 0.23
N ALA A 354 32.79 5.97 0.93
CA ALA A 354 33.76 6.97 0.45
C ALA A 354 35.18 6.37 0.43
N VAL A 355 35.38 5.19 1.05
CA VAL A 355 36.69 4.47 1.13
C VAL A 355 36.68 3.23 0.21
N GLY A 356 35.57 2.99 -0.50
CA GLY A 356 35.49 1.96 -1.57
C GLY A 356 34.13 1.29 -1.63
N GLN A 357 34.10 0.11 -2.24
CA GLN A 357 32.91 -0.76 -2.38
C GLN A 357 32.98 -1.87 -1.33
N VAL A 358 32.15 -1.78 -0.28
CA VAL A 358 32.07 -2.79 0.82
C VAL A 358 30.95 -3.76 0.48
N SER A 359 31.24 -5.06 0.55
CA SER A 359 30.28 -6.16 0.22
C SER A 359 30.17 -7.10 1.42
N ARG A 360 29.42 -6.68 2.44
CA ARG A 360 29.14 -7.48 3.66
C ARG A 360 28.01 -8.47 3.35
N PRO A 361 28.01 -9.67 3.97
CA PRO A 361 26.96 -10.66 3.75
C PRO A 361 25.82 -10.59 4.78
N MET A 362 24.59 -10.84 4.33
CA MET A 362 23.34 -10.75 5.14
C MET A 362 22.99 -12.13 5.73
N PHE A 363 22.96 -12.21 7.07
CA PHE A 363 22.60 -13.42 7.84
C PHE A 363 21.14 -13.35 8.25
N LEU A 364 20.64 -14.43 8.88
CA LEU A 364 19.26 -14.50 9.45
C LEU A 364 19.33 -15.33 10.74
N TYR A 365 19.02 -14.71 11.88
CA TYR A 365 19.09 -15.35 13.22
C TYR A 365 17.73 -15.96 13.55
N VAL A 366 17.47 -17.14 12.97
CA VAL A 366 16.25 -17.97 13.21
C VAL A 366 16.38 -18.65 14.58
N ARG A 367 15.30 -18.69 15.35
CA ARG A 367 15.31 -19.26 16.73
C ARG A 367 13.88 -19.54 17.21
N THR A 368 13.63 -20.78 17.67
CA THR A 368 12.43 -21.18 18.45
C THR A 368 12.50 -20.46 19.81
N ASN A 369 11.47 -19.69 20.15
CA ASN A 369 11.39 -18.94 21.43
C ASN A 369 9.97 -19.09 21.99
N GLY A 370 9.76 -18.60 23.20
CA GLY A 370 8.44 -18.54 23.86
C GLY A 370 8.26 -17.24 24.63
N THR A 371 7.01 -16.93 24.97
CA THR A 371 6.60 -15.80 25.85
C THR A 371 5.27 -16.16 26.50
N SER A 372 4.82 -15.35 27.46
CA SER A 372 3.57 -15.53 28.23
C SER A 372 2.76 -14.25 28.19
N LYS A 373 1.46 -14.33 28.48
CA LYS A 373 0.54 -13.16 28.51
C LYS A 373 1.18 -12.06 29.37
N ILE A 374 1.60 -12.40 30.59
CA ILE A 374 2.25 -11.45 31.54
C ILE A 374 3.50 -10.84 30.88
N LYS A 375 4.36 -11.67 30.28
CA LYS A 375 5.64 -11.21 29.66
C LYS A 375 5.34 -10.27 28.49
N MET A 376 4.30 -10.57 27.71
CA MET A 376 3.86 -9.73 26.56
C MET A 376 3.27 -8.40 27.08
N LYS A 377 2.35 -8.47 28.05
CA LYS A 377 1.68 -7.30 28.67
C LYS A 377 2.74 -6.29 29.17
N TRP A 378 3.85 -6.78 29.73
CA TRP A 378 4.93 -5.93 30.31
C TRP A 378 5.89 -5.46 29.21
N GLY A 379 5.90 -6.16 28.08
CA GLY A 379 6.60 -5.71 26.86
C GLY A 379 5.91 -4.51 26.25
N MET A 380 4.57 -4.51 26.27
CA MET A 380 3.73 -3.41 25.73
C MET A 380 3.89 -2.14 26.58
N GLU A 381 4.08 -2.30 27.89
CA GLU A 381 4.23 -1.18 28.86
C GLU A 381 5.73 -0.91 29.09
N MET A 382 6.52 -0.84 28.02
CA MET A 382 7.99 -0.62 28.12
C MET A 382 8.27 0.89 28.22
N ARG A 383 7.33 1.72 27.76
CA ARG A 383 7.49 3.19 27.76
C ARG A 383 7.68 3.71 29.20
N ARG A 384 7.22 2.97 30.22
CA ARG A 384 7.44 3.35 31.64
C ARG A 384 8.95 3.37 31.93
N CYS A 385 9.78 2.81 31.05
CA CYS A 385 11.25 2.97 31.08
C CYS A 385 11.60 4.46 31.04
N LEU A 386 10.93 5.22 30.18
CA LEU A 386 11.11 6.69 30.07
C LEU A 386 10.71 7.35 31.40
N LEU A 387 9.53 7.01 31.93
CA LEU A 387 9.00 7.54 33.21
C LEU A 387 10.00 7.26 34.35
N GLN A 388 10.41 6.00 34.54
CA GLN A 388 11.41 5.67 35.61
C GLN A 388 12.71 6.44 35.34
N SER A 389 13.23 6.34 34.11
CA SER A 389 14.48 7.03 33.68
C SER A 389 14.41 8.51 34.11
N LEU A 390 13.32 9.21 33.79
CA LEU A 390 13.10 10.64 34.14
C LEU A 390 12.99 10.78 35.66
N GLN A 391 12.26 9.87 36.32
CA GLN A 391 12.09 9.84 37.80
C GLN A 391 13.48 9.83 38.47
N GLN A 392 14.39 8.99 37.96
CA GLN A 392 15.76 8.82 38.52
C GLN A 392 16.52 10.16 38.46
N ILE A 393 16.43 10.89 37.35
CA ILE A 393 17.06 12.24 37.16
C ILE A 393 16.36 13.22 38.11
N GLU A 394 15.03 13.29 38.03
CA GLU A 394 14.20 14.26 38.80
C GLU A 394 14.51 14.12 40.30
N SER A 395 14.56 12.89 40.82
CA SER A 395 14.90 12.56 42.23
C SER A 395 16.33 13.01 42.54
N MET A 396 17.28 12.69 41.65
CA MET A 396 18.71 13.05 41.78
C MET A 396 18.83 14.58 41.89
N ILE A 397 18.07 15.33 41.11
CA ILE A 397 18.05 16.82 41.11
C ILE A 397 17.38 17.31 42.40
N GLU A 398 16.18 16.81 42.69
CA GLU A 398 15.39 17.16 43.92
C GLU A 398 16.31 17.16 45.14
N ALA A 399 17.15 16.13 45.26
CA ALA A 399 18.07 15.88 46.39
C ALA A 399 19.18 16.92 46.38
N GLU A 400 19.99 16.95 45.32
CA GLU A 400 21.19 17.84 45.20
C GLU A 400 20.74 19.30 45.31
N SER A 401 19.47 19.60 45.02
CA SER A 401 18.87 20.97 45.11
C SER A 401 18.48 21.32 46.56
N SER A 402 18.02 20.34 47.35
CA SER A 402 17.45 20.53 48.72
C SER A 402 18.53 21.02 49.70
N VAL A 403 19.80 20.65 49.49
CA VAL A 403 20.95 21.09 50.34
C VAL A 403 21.20 22.59 50.13
N LYS A 404 21.13 23.07 48.89
CA LYS A 404 21.34 24.51 48.53
C LYS A 404 20.04 25.29 48.76
N GLU A 405 18.89 24.60 48.76
CA GLU A 405 17.52 25.17 48.88
C GLU A 405 17.25 26.07 47.67
N LYS A 406 17.70 25.62 46.49
CA LYS A 406 17.62 26.35 45.20
C LYS A 406 17.66 25.31 44.06
N ASP A 407 16.60 25.25 43.26
CA ASP A 407 16.44 24.28 42.14
C ASP A 407 17.68 24.33 41.23
N LEU A 408 18.37 23.20 41.07
CA LEU A 408 19.63 23.08 40.28
C LEU A 408 19.35 22.43 38.92
N THR A 409 18.15 22.60 38.35
CA THR A 409 17.73 21.94 37.09
C THR A 409 18.55 22.52 35.92
N LYS A 410 18.37 23.82 35.65
CA LYS A 410 19.06 24.54 34.55
C LYS A 410 20.57 24.35 34.71
N GLU A 411 21.09 24.52 35.92
CA GLU A 411 22.52 24.30 36.28
C GLU A 411 22.96 22.89 35.87
N PHE A 412 22.14 21.87 36.16
CA PHE A 412 22.45 20.42 35.93
C PHE A 412 22.71 20.14 34.44
N PHE A 413 21.83 20.64 33.60
CA PHE A 413 21.76 20.35 32.14
C PHE A 413 22.67 21.34 31.39
N GLU A 414 22.58 22.64 31.68
CA GLU A 414 23.32 23.69 30.92
C GLU A 414 24.82 23.56 31.16
N ASN A 415 25.27 23.25 32.39
CA ASN A 415 26.68 22.86 32.69
C ASN A 415 27.17 21.86 31.63
N LYS A 416 27.76 22.39 30.56
CA LYS A 416 28.32 21.61 29.43
C LYS A 416 29.79 21.33 29.79
N SER A 417 29.98 20.35 30.64
CA SER A 417 31.31 19.83 31.09
C SER A 417 31.17 18.39 31.55
N GLU A 418 31.91 17.47 30.94
CA GLU A 418 31.86 16.01 31.25
C GLU A 418 32.28 15.80 32.71
N THR A 419 31.33 15.67 33.63
CA THR A 419 31.59 15.61 35.10
C THR A 419 31.16 14.28 35.73
N TRP A 420 30.29 13.48 35.10
CA TRP A 420 29.62 12.35 35.80
C TRP A 420 30.39 11.05 35.58
N PRO A 421 30.88 10.39 36.65
CA PRO A 421 31.47 9.06 36.49
C PRO A 421 30.40 8.09 35.98
N ILE A 422 30.59 7.50 34.80
CA ILE A 422 29.52 6.72 34.10
C ILE A 422 30.10 5.47 33.44
N GLY A 423 31.32 5.54 32.91
CA GLY A 423 31.99 4.40 32.26
C GLY A 423 33.39 4.17 32.80
N GLU A 424 34.03 3.10 32.33
CA GLU A 424 35.43 2.71 32.67
C GLU A 424 36.14 2.26 31.39
N SER A 425 37.29 2.87 31.08
CA SER A 425 38.26 2.40 30.06
C SER A 425 39.50 1.87 30.78
N PRO A 426 40.44 1.18 30.09
CA PRO A 426 41.69 0.74 30.73
C PRO A 426 42.43 1.85 31.51
N LYS A 427 42.17 3.12 31.17
CA LYS A 427 42.74 4.35 31.80
C LYS A 427 42.21 4.49 33.24
N GLY A 428 41.07 3.87 33.55
CA GLY A 428 40.34 4.03 34.83
C GLY A 428 38.95 4.58 34.58
N VAL A 429 38.32 5.16 35.60
CA VAL A 429 36.92 5.68 35.53
C VAL A 429 36.89 6.86 34.57
N GLU A 430 35.96 6.82 33.60
CA GLU A 430 35.73 7.91 32.62
C GLU A 430 34.48 8.70 33.03
N GLU A 431 34.53 10.01 32.82
CA GLU A 431 33.44 10.97 33.14
C GLU A 431 32.69 11.30 31.86
N GLY A 432 31.36 11.29 31.93
CA GLY A 432 30.42 11.65 30.85
C GLY A 432 29.59 12.86 31.23
N SER A 433 28.72 13.28 30.32
CA SER A 433 27.81 14.45 30.44
C SER A 433 26.43 14.00 30.92
N ILE A 434 25.67 14.93 31.51
CA ILE A 434 24.27 14.70 31.98
C ILE A 434 23.48 14.00 30.88
N GLY A 435 23.68 14.43 29.62
CA GLY A 435 23.07 13.80 28.44
C GLY A 435 23.34 12.31 28.40
N LYS A 436 24.62 11.92 28.53
CA LYS A 436 25.07 10.50 28.58
C LYS A 436 24.45 9.84 29.82
N VAL A 437 24.45 10.53 30.96
CA VAL A 437 23.81 10.02 32.22
C VAL A 437 22.37 9.61 31.91
N CYS A 438 21.58 10.52 31.35
CA CYS A 438 20.14 10.28 31.00
C CYS A 438 20.01 8.98 30.19
N ARG A 439 20.71 8.92 29.06
CA ARG A 439 20.67 7.78 28.12
C ARG A 439 21.09 6.49 28.84
N THR A 440 22.17 6.53 29.63
CA THR A 440 22.67 5.38 30.44
C THR A 440 21.54 4.90 31.38
N LEU A 441 21.04 5.83 32.20
CA LEU A 441 19.97 5.58 33.20
C LEU A 441 18.71 5.05 32.50
N LEU A 442 18.46 5.46 31.26
CA LEU A 442 17.36 4.89 30.42
C LEU A 442 17.71 3.44 30.06
N ALA A 443 18.84 3.25 29.37
CA ALA A 443 19.34 1.94 28.89
C ALA A 443 19.24 0.91 30.03
N LYS A 444 19.79 1.24 31.20
CA LYS A 444 19.70 0.37 32.39
C LYS A 444 18.24 -0.06 32.58
N SER A 445 17.35 0.93 32.68
CA SER A 445 15.89 0.75 32.91
C SER A 445 15.27 -0.11 31.82
N VAL A 446 15.76 0.01 30.58
CA VAL A 446 15.27 -0.79 29.40
C VAL A 446 15.72 -2.24 29.56
N PHE A 447 17.02 -2.47 29.80
CA PHE A 447 17.60 -3.82 29.97
C PHE A 447 17.00 -4.50 31.22
N ASN A 448 16.64 -3.71 32.24
CA ASN A 448 15.89 -4.18 33.43
C ASN A 448 14.54 -4.77 32.99
N SER A 449 13.99 -4.30 31.87
CA SER A 449 12.69 -4.76 31.30
C SER A 449 12.93 -5.93 30.34
N LEU A 450 13.86 -5.76 29.39
CA LEU A 450 14.23 -6.79 28.38
C LEU A 450 14.67 -8.08 29.09
N TYR A 451 15.58 -7.97 30.08
CA TYR A 451 16.24 -9.10 30.76
C TYR A 451 15.72 -9.26 32.20
N ALA A 452 14.45 -8.94 32.44
CA ALA A 452 13.79 -9.08 33.77
C ALA A 452 13.89 -10.54 34.21
N SER A 453 14.23 -10.79 35.46
CA SER A 453 14.46 -12.15 36.02
C SER A 453 14.52 -12.10 37.54
N PRO A 454 13.95 -13.11 38.24
CA PRO A 454 13.99 -13.15 39.70
C PRO A 454 15.42 -12.94 40.22
N GLN A 455 16.41 -13.49 39.52
CA GLN A 455 17.86 -13.30 39.79
C GLN A 455 18.16 -11.80 39.95
N LEU A 456 17.78 -11.01 38.94
CA LEU A 456 17.96 -9.52 38.92
C LEU A 456 17.22 -8.92 40.12
N GLU A 457 15.90 -9.14 40.16
CA GLU A 457 14.99 -8.65 41.23
C GLU A 457 15.67 -8.83 42.59
N GLY A 458 16.13 -10.06 42.87
CA GLY A 458 16.81 -10.44 44.13
C GLY A 458 18.15 -9.74 44.29
N PHE A 459 19.03 -9.83 43.28
CA PHE A 459 20.38 -9.24 43.31
C PHE A 459 20.28 -7.75 43.67
N SER A 460 19.47 -7.01 42.91
CA SER A 460 19.22 -5.55 43.10
C SER A 460 18.91 -5.28 44.57
N ALA A 461 17.92 -6.00 45.11
CA ALA A 461 17.39 -5.87 46.49
C ALA A 461 18.53 -6.03 47.50
N GLU A 462 19.32 -7.11 47.40
CA GLU A 462 20.35 -7.45 48.43
C GLU A 462 21.59 -6.56 48.23
N SER A 463 22.09 -6.42 47.01
CA SER A 463 23.31 -5.61 46.67
C SER A 463 23.12 -4.17 47.16
N ARG A 464 21.91 -3.62 47.00
CA ARG A 464 21.53 -2.27 47.49
C ARG A 464 22.01 -2.09 48.94
N LYS A 465 21.80 -3.11 49.79
CA LYS A 465 22.14 -3.09 51.23
C LYS A 465 23.65 -2.82 51.39
N LEU A 466 24.47 -3.70 50.79
CA LEU A 466 25.96 -3.60 50.78
C LEU A 466 26.36 -2.22 50.23
N LEU A 467 25.71 -1.81 49.13
CA LEU A 467 25.96 -0.50 48.46
C LEU A 467 25.75 0.64 49.46
N LEU A 468 24.65 0.60 50.22
CA LEU A 468 24.30 1.60 51.25
C LEU A 468 25.34 1.58 52.38
N ILE A 469 25.74 0.38 52.81
CA ILE A 469 26.80 0.18 53.84
C ILE A 469 28.07 0.90 53.34
N VAL A 470 28.53 0.55 52.13
CA VAL A 470 29.76 1.14 51.51
C VAL A 470 29.68 2.66 51.59
N GLN A 471 28.54 3.26 51.23
CA GLN A 471 28.36 4.74 51.22
C GLN A 471 28.60 5.29 52.63
N ALA A 472 28.06 4.64 53.66
CA ALA A 472 28.17 5.06 55.08
C ALA A 472 29.65 5.15 55.48
N LEU A 473 30.49 4.26 54.95
CA LEU A 473 31.96 4.27 55.12
C LEU A 473 32.50 5.56 54.48
N ARG A 474 32.07 5.86 53.25
CA ARG A 474 32.58 7.04 52.48
C ARG A 474 32.12 8.33 53.19
N ASP A 475 30.97 8.27 53.90
CA ASP A 475 30.40 9.41 54.68
C ASP A 475 31.13 9.55 56.02
N ASN A 476 32.04 8.62 56.34
CA ASN A 476 32.75 8.57 57.65
C ASN A 476 31.71 8.39 58.76
N LEU A 477 30.82 7.39 58.62
CA LEU A 477 29.76 7.11 59.62
C LEU A 477 30.00 5.76 60.30
N GLU A 478 31.27 5.46 60.63
CA GLU A 478 31.71 4.26 61.38
C GLU A 478 30.72 3.11 61.16
N PRO A 479 30.64 2.54 59.94
CA PRO A 479 29.69 1.48 59.64
C PRO A 479 30.09 0.16 60.31
N GLY A 480 29.10 -0.65 60.68
CA GLY A 480 29.29 -2.02 61.20
C GLY A 480 28.19 -2.95 60.70
N THR A 481 28.55 -4.22 60.40
CA THR A 481 27.61 -5.29 59.99
C THR A 481 27.43 -6.28 61.15
N PHE A 482 26.47 -7.19 61.03
CA PHE A 482 26.20 -8.27 62.01
C PHE A 482 26.64 -9.61 61.43
N ASP A 483 26.30 -9.86 60.16
CA ASP A 483 26.62 -11.09 59.39
C ASP A 483 26.89 -10.69 57.93
N LEU A 484 28.02 -10.04 57.69
CA LEU A 484 28.43 -9.53 56.35
C LEU A 484 28.48 -10.70 55.35
N GLU A 485 29.07 -11.83 55.76
CA GLU A 485 29.19 -13.07 54.94
C GLU A 485 27.79 -13.51 54.50
N GLY A 486 26.86 -13.63 55.46
CA GLY A 486 25.45 -13.95 55.22
C GLY A 486 24.86 -13.10 54.10
N LEU A 487 25.06 -11.79 54.19
CA LEU A 487 24.60 -10.78 53.19
C LEU A 487 25.15 -11.19 51.81
N TYR A 488 26.47 -11.39 51.70
CA TYR A 488 27.17 -11.84 50.47
C TYR A 488 26.49 -13.12 49.94
N GLU A 489 26.41 -14.16 50.77
CA GLU A 489 25.84 -15.49 50.40
C GLU A 489 24.46 -15.29 49.76
N ALA A 490 23.65 -14.36 50.29
CA ALA A 490 22.30 -14.02 49.80
C ALA A 490 22.37 -13.31 48.44
N ILE A 491 23.38 -12.44 48.25
CA ILE A 491 23.63 -11.70 46.98
C ILE A 491 24.05 -12.70 45.90
N GLU A 492 25.10 -13.48 46.18
CA GLU A 492 25.76 -14.41 45.21
C GLU A 492 24.79 -15.53 44.83
N GLU A 493 23.93 -15.95 45.76
CA GLU A 493 22.83 -16.94 45.55
C GLU A 493 22.05 -16.60 44.27
N CYS A 494 21.93 -15.32 43.94
CA CYS A 494 21.17 -14.80 42.76
C CYS A 494 22.01 -14.82 41.49
N LEU A 495 23.35 -14.80 41.61
CA LEU A 495 24.29 -14.76 40.46
C LEU A 495 24.44 -16.18 39.89
N ILE A 496 23.54 -16.59 39.00
CA ILE A 496 23.52 -17.96 38.41
C ILE A 496 23.95 -17.90 36.93
N ASN A 497 23.05 -17.53 36.02
CA ASN A 497 23.26 -17.68 34.55
C ASN A 497 22.73 -16.48 33.74
N ASP A 498 22.23 -15.41 34.39
CA ASP A 498 21.58 -14.28 33.68
C ASP A 498 22.62 -13.23 33.30
N PRO A 499 22.92 -13.12 31.98
CA PRO A 499 23.95 -12.20 31.50
C PRO A 499 23.79 -10.82 32.16
N TRP A 500 22.56 -10.30 32.13
CA TRP A 500 22.21 -8.97 32.70
C TRP A 500 22.59 -8.91 34.18
N VAL A 501 22.25 -9.95 34.96
CA VAL A 501 22.54 -9.98 36.42
C VAL A 501 24.07 -10.02 36.57
N LEU A 502 24.72 -10.97 35.88
CA LEU A 502 26.18 -11.18 35.98
C LEU A 502 26.90 -9.86 35.69
N LEU A 503 26.45 -9.11 34.67
CA LEU A 503 27.03 -7.79 34.31
C LEU A 503 26.79 -6.80 35.45
N ASN A 504 25.58 -6.73 35.99
CA ASN A 504 25.20 -5.80 37.09
C ASN A 504 26.08 -6.12 38.32
N ALA A 505 26.46 -7.40 38.48
CA ALA A 505 27.42 -7.86 39.52
C ALA A 505 28.83 -7.35 39.17
N SER A 506 29.32 -7.66 37.97
CA SER A 506 30.62 -7.17 37.45
C SER A 506 30.77 -5.68 37.75
N TRP A 507 29.74 -4.90 37.39
CA TRP A 507 29.64 -3.44 37.63
C TRP A 507 29.86 -3.13 39.11
N PHE A 508 29.21 -3.88 40.01
CA PHE A 508 29.35 -3.69 41.47
C PHE A 508 30.83 -3.83 41.85
N ASN A 509 31.47 -4.93 41.42
CA ASN A 509 32.92 -5.18 41.64
C ASN A 509 33.70 -3.98 41.11
N SER A 510 33.50 -3.62 39.83
CA SER A 510 34.12 -2.44 39.18
C SER A 510 34.02 -1.22 40.11
N PHE A 511 32.82 -0.92 40.61
CA PHE A 511 32.54 0.24 41.52
C PHE A 511 33.37 0.09 42.79
N LEU A 512 33.18 -1.03 43.50
CA LEU A 512 33.80 -1.33 44.82
C LEU A 512 35.29 -0.99 44.77
N THR A 513 36.00 -1.45 43.72
CA THR A 513 37.43 -1.19 43.47
C THR A 513 37.75 0.30 43.70
N HIS A 514 36.98 1.18 43.05
CA HIS A 514 37.21 2.66 43.04
C HIS A 514 36.60 3.30 44.29
N ALA A 515 35.55 2.69 44.85
CA ALA A 515 34.81 3.19 46.05
C ALA A 515 35.73 3.16 47.28
N LEU A 516 36.51 2.09 47.43
CA LEU A 516 37.36 1.85 48.63
C LEU A 516 38.72 2.54 48.49
N ARG A 517 39.00 3.15 47.33
CA ARG A 517 40.22 3.96 47.07
C ARG A 517 39.96 5.41 47.50
N MET B 1 35.30 3.50 25.81
CA MET B 1 34.70 3.61 27.16
C MET B 1 33.56 2.60 27.30
N ASP B 2 33.60 1.78 28.36
CA ASP B 2 32.53 0.79 28.73
C ASP B 2 31.68 1.41 29.84
N VAL B 3 30.36 1.51 29.64
CA VAL B 3 29.44 2.25 30.56
C VAL B 3 29.11 1.35 31.76
N ASN B 4 28.93 1.97 32.94
CA ASN B 4 28.68 1.29 34.23
C ASN B 4 27.88 2.24 35.15
N PRO B 5 26.53 2.25 35.08
CA PRO B 5 25.73 3.19 35.85
C PRO B 5 26.14 3.25 37.32
N THR B 6 26.47 2.09 37.91
CA THR B 6 26.89 1.94 39.33
C THR B 6 28.00 2.94 39.68
N LEU B 7 28.80 3.39 38.70
CA LEU B 7 29.92 4.34 38.94
C LEU B 7 29.40 5.75 39.25
N LEU B 8 28.12 6.04 39.00
CA LEU B 8 27.46 7.31 39.42
C LEU B 8 27.74 7.59 40.90
N PHE B 9 27.61 6.55 41.74
CA PHE B 9 27.67 6.62 43.22
C PHE B 9 29.06 7.07 43.69
N LEU B 10 30.03 7.21 42.77
CA LEU B 10 31.34 7.84 43.07
C LEU B 10 31.12 9.35 43.27
N LYS B 11 30.31 9.97 42.41
CA LYS B 11 29.93 11.41 42.50
C LYS B 11 28.69 11.56 43.39
N VAL B 12 27.68 10.72 43.19
CA VAL B 12 26.32 10.89 43.80
C VAL B 12 26.26 10.08 45.09
N PRO B 13 25.66 10.62 46.18
CA PRO B 13 25.30 9.82 47.34
C PRO B 13 24.20 8.79 47.03
N VAL B 14 24.40 7.54 47.47
CA VAL B 14 23.53 6.38 47.15
C VAL B 14 22.07 6.75 47.45
N GLN B 15 21.82 7.42 48.57
CA GLN B 15 20.44 7.83 49.00
C GLN B 15 19.78 8.69 47.92
N ASN B 16 20.56 9.56 47.26
CA ASN B 16 20.05 10.53 46.26
C ASN B 16 19.59 9.77 45.00
N ALA B 17 20.46 8.93 44.45
CA ALA B 17 20.21 8.16 43.21
C ALA B 17 19.83 6.71 43.54
N ILE B 18 19.18 6.49 44.68
CA ILE B 18 18.71 5.14 45.13
C ILE B 18 17.63 4.66 44.16
N SER B 19 16.81 5.59 43.66
CA SER B 19 15.81 5.40 42.58
C SER B 19 16.37 4.50 41.46
N THR B 20 17.70 4.44 41.31
CA THR B 20 18.40 3.74 40.19
C THR B 20 18.74 2.28 40.55
N THR B 21 18.35 1.80 41.73
CA THR B 21 18.66 0.42 42.20
C THR B 21 17.39 -0.44 42.22
N PHE B 22 16.34 -0.02 41.51
CA PHE B 22 15.00 -0.67 41.47
C PHE B 22 14.66 -1.03 40.03
N PRO B 23 14.55 -2.34 39.67
CA PRO B 23 14.22 -2.75 38.30
C PRO B 23 12.74 -3.08 38.06
N TYR B 24 11.85 -2.11 38.29
CA TYR B 24 10.37 -2.27 38.26
C TYR B 24 9.82 -1.72 36.94
N THR B 25 10.39 -2.15 35.79
CA THR B 25 10.01 -1.72 34.42
C THR B 25 9.62 -2.92 33.53
N GLY B 26 10.22 -4.10 33.79
CA GLY B 26 9.85 -5.37 33.13
C GLY B 26 8.88 -6.16 33.98
N ASP B 27 8.46 -7.33 33.50
CA ASP B 27 7.46 -8.21 34.19
C ASP B 27 8.05 -8.67 35.52
N PRO B 28 7.20 -8.90 36.56
CA PRO B 28 7.69 -9.39 37.85
C PRO B 28 7.86 -10.91 37.83
N PRO B 29 8.64 -11.48 38.77
CA PRO B 29 8.71 -12.94 38.93
C PRO B 29 7.34 -13.53 39.29
N TYR B 30 6.73 -14.25 38.35
CA TYR B 30 5.49 -15.05 38.53
C TYR B 30 5.87 -16.51 38.76
N SER B 31 5.22 -17.17 39.74
CA SER B 31 5.38 -18.60 40.06
C SER B 31 4.50 -19.44 39.12
N HIS B 32 5.09 -20.45 38.47
CA HIS B 32 4.40 -21.40 37.56
C HIS B 32 4.03 -22.68 38.33
N GLY B 33 2.94 -23.35 37.94
CA GLY B 33 2.55 -24.68 38.42
C GLY B 33 1.77 -24.63 39.73
N THR B 34 2.28 -25.27 40.78
CA THR B 34 1.61 -25.42 42.11
C THR B 34 2.61 -25.06 43.23
N GLY B 35 2.18 -24.17 44.15
CA GLY B 35 2.97 -23.76 45.32
C GLY B 35 2.68 -24.62 46.54
N THR B 36 2.28 -25.87 46.31
CA THR B 36 2.02 -26.88 47.36
C THR B 36 3.34 -27.18 48.08
N GLY B 37 4.43 -27.34 47.33
CA GLY B 37 5.78 -27.56 47.86
C GLY B 37 6.25 -26.41 48.74
N TYR B 38 5.89 -25.18 48.39
CA TYR B 38 6.33 -23.93 49.07
C TYR B 38 5.64 -23.78 50.43
N THR B 39 4.41 -24.28 50.56
CA THR B 39 3.60 -24.27 51.81
C THR B 39 4.26 -25.18 52.86
N MET B 40 4.54 -26.43 52.48
CA MET B 40 5.12 -27.47 53.35
C MET B 40 6.44 -26.97 53.96
N ASP B 41 7.22 -26.20 53.19
CA ASP B 41 8.44 -25.50 53.67
C ASP B 41 8.06 -24.55 54.81
N THR B 42 7.03 -23.72 54.61
CA THR B 42 6.54 -22.72 55.60
C THR B 42 6.02 -23.42 56.85
N VAL B 43 5.30 -24.54 56.68
CA VAL B 43 4.79 -25.37 57.82
C VAL B 43 5.99 -25.96 58.57
N ASN B 44 6.92 -26.60 57.84
CA ASN B 44 8.08 -27.36 58.40
C ASN B 44 9.08 -26.40 59.06
N ARG B 45 9.23 -25.17 58.57
CA ARG B 45 10.09 -24.13 59.18
C ARG B 45 9.43 -23.63 60.47
N THR B 46 8.15 -23.25 60.40
CA THR B 46 7.33 -22.74 61.54
C THR B 46 7.45 -23.71 62.73
N HIS B 47 7.37 -25.02 62.47
CA HIS B 47 7.43 -26.10 63.51
C HIS B 47 8.88 -26.36 63.96
N LYS B 48 9.87 -25.82 63.24
CA LYS B 48 11.32 -25.99 63.56
C LYS B 48 11.75 -24.96 64.60
N TYR B 49 11.27 -23.72 64.47
CA TYR B 49 11.63 -22.58 65.36
C TYR B 49 10.92 -22.73 66.71
N SER B 50 9.97 -23.67 66.79
CA SER B 50 9.09 -23.93 67.97
C SER B 50 9.28 -25.37 68.47
N GLU B 51 10.26 -26.10 67.95
CA GLU B 51 10.46 -27.58 68.09
C GLU B 51 10.25 -28.05 69.54
N LYS B 52 10.84 -27.34 70.50
CA LYS B 52 11.02 -27.81 71.91
C LYS B 52 9.78 -27.47 72.76
N GLY B 53 8.68 -27.04 72.15
CA GLY B 53 7.39 -26.77 72.84
C GLY B 53 6.71 -28.05 73.29
N LYS B 54 5.48 -27.94 73.78
CA LYS B 54 4.65 -29.07 74.27
C LYS B 54 3.61 -29.44 73.20
N TRP B 55 3.56 -30.71 72.79
CA TRP B 55 2.59 -31.22 71.78
C TRP B 55 1.29 -31.63 72.47
N THR B 56 0.17 -31.00 72.05
CA THR B 56 -1.22 -31.32 72.49
C THR B 56 -1.97 -31.96 71.32
N THR B 57 -3.04 -32.69 71.62
CA THR B 57 -4.04 -33.19 70.63
C THR B 57 -5.37 -32.48 70.91
N ASN B 58 -5.87 -31.70 69.95
CA ASN B 58 -7.10 -30.86 70.11
C ASN B 58 -8.28 -31.77 70.42
N THR B 59 -9.18 -31.32 71.30
CA THR B 59 -10.38 -32.08 71.77
C THR B 59 -11.41 -32.18 70.63
N GLU B 60 -11.68 -31.07 69.94
CA GLU B 60 -12.70 -30.99 68.86
C GLU B 60 -12.08 -31.50 67.55
N THR B 61 -10.86 -31.02 67.23
CA THR B 61 -10.21 -31.13 65.90
C THR B 61 -9.41 -32.44 65.82
N GLY B 62 -8.62 -32.75 66.86
CA GLY B 62 -7.64 -33.84 66.84
C GLY B 62 -6.41 -33.46 66.03
N ALA B 63 -5.97 -32.20 66.14
CA ALA B 63 -4.79 -31.64 65.45
C ALA B 63 -3.59 -31.67 66.40
N PRO B 64 -2.40 -32.14 65.97
CA PRO B 64 -1.18 -32.06 66.78
C PRO B 64 -0.69 -30.60 66.95
N GLN B 65 -1.06 -29.97 68.06
CA GLN B 65 -0.80 -28.54 68.34
C GLN B 65 0.52 -28.39 69.11
N LEU B 66 1.47 -27.64 68.54
CA LEU B 66 2.78 -27.33 69.19
C LEU B 66 2.68 -25.94 69.85
N ASN B 67 3.04 -25.85 71.13
CA ASN B 67 3.01 -24.59 71.93
C ASN B 67 4.42 -24.29 72.44
N PRO B 68 5.15 -23.35 71.81
CA PRO B 68 6.53 -23.04 72.19
C PRO B 68 6.70 -21.97 73.28
N ILE B 69 5.59 -21.35 73.70
CA ILE B 69 5.58 -20.19 74.65
C ILE B 69 6.11 -20.66 76.00
N ASP B 70 6.85 -19.77 76.69
CA ASP B 70 7.54 -20.04 77.99
C ASP B 70 8.55 -21.17 77.78
N GLY B 71 9.01 -21.37 76.54
CA GLY B 71 9.85 -22.51 76.14
C GLY B 71 11.31 -22.29 76.54
N PRO B 72 12.24 -23.17 76.10
CA PRO B 72 13.65 -23.03 76.44
C PRO B 72 14.25 -21.74 75.86
N LEU B 73 14.81 -20.89 76.72
CA LEU B 73 15.46 -19.61 76.35
C LEU B 73 16.61 -19.93 75.39
N PRO B 74 16.58 -19.43 74.12
CA PRO B 74 17.51 -19.89 73.09
C PRO B 74 19.00 -19.77 73.49
N GLU B 75 19.82 -20.67 72.97
CA GLU B 75 21.28 -20.81 73.29
C GLU B 75 22.14 -20.45 72.07
N ASP B 76 21.51 -20.24 70.90
CA ASP B 76 22.18 -19.91 69.62
C ASP B 76 21.51 -18.65 69.02
N ASN B 77 22.08 -18.10 67.93
CA ASN B 77 21.55 -16.92 67.22
C ASN B 77 20.68 -17.38 66.04
N GLU B 78 19.89 -18.44 66.24
CA GLU B 78 18.92 -18.97 65.24
C GLU B 78 17.57 -18.31 65.49
N PRO B 79 16.57 -18.44 64.58
CA PRO B 79 15.23 -17.92 64.82
C PRO B 79 14.50 -18.69 65.93
N SER B 80 14.19 -18.01 67.04
CA SER B 80 13.50 -18.54 68.24
C SER B 80 11.99 -18.23 68.15
N GLY B 81 11.15 -19.26 68.27
CA GLY B 81 9.69 -19.13 68.45
C GLY B 81 9.32 -19.07 69.92
N TYR B 82 10.30 -19.21 70.81
CA TYR B 82 10.15 -19.34 72.28
C TYR B 82 10.11 -17.94 72.91
N ALA B 83 8.90 -17.36 72.95
CA ALA B 83 8.58 -16.08 73.61
C ALA B 83 8.15 -16.36 75.06
N GLN B 84 8.40 -15.42 75.97
CA GLN B 84 8.11 -15.57 77.44
C GLN B 84 6.95 -14.64 77.82
N THR B 85 5.89 -15.21 78.42
CA THR B 85 4.63 -14.51 78.80
C THR B 85 4.94 -13.32 79.72
N ASP B 86 5.65 -13.58 80.83
CA ASP B 86 6.01 -12.55 81.85
C ASP B 86 6.69 -11.36 81.15
N CYS B 87 7.51 -11.62 80.12
CA CYS B 87 8.27 -10.60 79.36
C CYS B 87 7.34 -9.79 78.45
N VAL B 88 6.41 -10.46 77.75
CA VAL B 88 5.43 -9.81 76.83
C VAL B 88 4.45 -8.97 77.67
N LEU B 89 3.96 -9.52 78.79
CA LEU B 89 3.05 -8.79 79.72
C LEU B 89 3.76 -7.57 80.29
N GLU B 90 5.02 -7.72 80.70
CA GLU B 90 5.86 -6.61 81.25
C GLU B 90 5.95 -5.48 80.21
N ALA B 91 6.18 -5.84 78.94
CA ALA B 91 6.31 -4.90 77.80
C ALA B 91 5.01 -4.08 77.67
N MET B 92 3.87 -4.77 77.60
CA MET B 92 2.51 -4.15 77.54
C MET B 92 2.31 -3.25 78.76
N ALA B 93 2.63 -3.76 79.96
CA ALA B 93 2.50 -3.02 81.24
C ALA B 93 3.29 -1.72 81.17
N PHE B 94 4.55 -1.80 80.74
CA PHE B 94 5.48 -0.64 80.67
C PHE B 94 5.09 0.31 79.52
N LEU B 95 4.28 -0.15 78.57
CA LEU B 95 3.67 0.71 77.52
C LEU B 95 2.59 1.58 78.17
N GLU B 96 1.60 0.94 78.80
CA GLU B 96 0.48 1.60 79.54
C GLU B 96 1.05 2.63 80.53
N GLU B 97 2.24 2.37 81.08
CA GLU B 97 2.93 3.28 82.03
C GLU B 97 3.40 4.53 81.28
N SER B 98 4.22 4.37 80.23
CA SER B 98 4.84 5.46 79.45
C SER B 98 3.77 6.25 78.67
N HIS B 99 2.63 5.61 78.36
CA HIS B 99 1.47 6.25 77.68
C HIS B 99 0.21 6.02 78.53
N PRO B 100 0.01 6.80 79.61
CA PRO B 100 -1.15 6.61 80.49
C PRO B 100 -2.50 6.57 79.75
N GLY B 101 -3.27 5.48 79.96
CA GLY B 101 -4.65 5.33 79.50
C GLY B 101 -4.76 4.78 78.09
N ILE B 102 -3.64 4.66 77.37
CA ILE B 102 -3.57 4.29 75.92
C ILE B 102 -4.50 3.11 75.62
N PHE B 103 -4.54 2.09 76.49
CA PHE B 103 -5.38 0.87 76.34
C PHE B 103 -6.83 1.20 76.73
N GLU B 104 -7.01 1.88 77.87
CA GLU B 104 -8.33 2.30 78.39
C GLU B 104 -9.15 2.92 77.26
N ASN B 105 -8.59 3.95 76.60
CA ASN B 105 -9.29 4.80 75.60
C ASN B 105 -9.56 3.99 74.31
N SER B 106 -8.51 3.35 73.77
CA SER B 106 -8.55 2.52 72.55
C SER B 106 -9.76 1.57 72.62
N CYS B 107 -9.88 0.84 73.72
CA CYS B 107 -10.99 -0.09 74.02
C CYS B 107 -12.34 0.64 73.84
N LEU B 108 -12.46 1.85 74.40
CA LEU B 108 -13.71 2.65 74.35
C LEU B 108 -14.04 3.00 72.90
N GLU B 109 -13.05 3.49 72.14
CA GLU B 109 -13.21 3.90 70.72
C GLU B 109 -13.48 2.68 69.84
N THR B 110 -12.97 1.50 70.23
CA THR B 110 -13.12 0.22 69.49
C THR B 110 -14.49 -0.41 69.79
N MET B 111 -14.99 -0.26 71.02
CA MET B 111 -16.33 -0.75 71.43
C MET B 111 -17.39 -0.07 70.54
N GLU B 112 -17.31 1.25 70.41
CA GLU B 112 -18.15 2.06 69.48
C GLU B 112 -18.08 1.43 68.09
N ILE B 113 -16.86 1.17 67.58
CA ILE B 113 -16.61 0.59 66.24
C ILE B 113 -17.24 -0.81 66.14
N VAL B 114 -17.27 -1.58 67.24
CA VAL B 114 -17.87 -2.94 67.27
C VAL B 114 -19.39 -2.83 67.11
N GLN B 115 -20.01 -1.87 67.81
CA GLN B 115 -21.49 -1.71 67.89
C GLN B 115 -22.04 -0.99 66.64
N GLN B 116 -21.16 -0.48 65.76
CA GLN B 116 -21.53 0.22 64.50
C GLN B 116 -21.36 -0.74 63.31
N THR B 117 -20.19 -1.39 63.22
CA THR B 117 -19.70 -2.14 62.02
C THR B 117 -20.83 -3.00 61.44
N ARG B 118 -21.07 -2.86 60.13
CA ARG B 118 -22.05 -3.66 59.35
C ARG B 118 -21.34 -4.86 58.71
N VAL B 119 -22.09 -5.93 58.46
CA VAL B 119 -21.60 -7.18 57.78
C VAL B 119 -21.07 -6.79 56.40
N ASP B 120 -21.56 -5.67 55.85
CA ASP B 120 -21.15 -5.06 54.55
C ASP B 120 -19.62 -4.92 54.49
N LYS B 121 -18.98 -4.66 55.64
CA LYS B 121 -17.52 -4.34 55.73
C LYS B 121 -16.66 -5.54 55.28
N LEU B 122 -17.19 -6.76 55.41
CA LEU B 122 -16.48 -8.04 55.08
C LEU B 122 -16.28 -8.17 53.56
N THR B 123 -17.22 -7.63 52.77
CA THR B 123 -17.22 -7.66 51.28
C THR B 123 -15.98 -6.90 50.75
N GLN B 124 -15.54 -5.86 51.47
CA GLN B 124 -14.35 -5.05 51.14
C GLN B 124 -13.08 -5.83 51.55
N GLY B 125 -12.72 -6.87 50.81
CA GLY B 125 -11.58 -7.76 51.13
C GLY B 125 -10.95 -8.38 49.90
N ARG B 126 -9.88 -9.16 50.10
CA ARG B 126 -9.06 -9.80 49.04
C ARG B 126 -9.70 -11.14 48.63
N GLN B 127 -8.97 -11.96 47.86
CA GLN B 127 -9.35 -13.34 47.47
C GLN B 127 -9.43 -14.23 48.72
N THR B 128 -10.55 -14.19 49.44
CA THR B 128 -10.84 -15.02 50.64
C THR B 128 -11.05 -16.49 50.22
N TYR B 129 -11.02 -17.40 51.20
CA TYR B 129 -11.35 -18.84 51.06
C TYR B 129 -12.80 -19.07 51.49
N ASP B 130 -13.65 -19.55 50.58
CA ASP B 130 -15.08 -19.84 50.84
C ASP B 130 -15.22 -21.30 51.28
N TRP B 131 -15.50 -21.51 52.56
CA TRP B 131 -15.75 -22.86 53.17
C TRP B 131 -16.99 -23.50 52.54
N THR B 132 -17.90 -22.69 52.00
CA THR B 132 -19.15 -23.14 51.32
C THR B 132 -18.83 -23.97 50.07
N LEU B 133 -17.69 -23.69 49.41
CA LEU B 133 -17.27 -24.36 48.15
C LEU B 133 -15.91 -25.06 48.29
N ASN B 134 -15.14 -24.78 49.35
CA ASN B 134 -13.75 -25.26 49.53
C ASN B 134 -12.89 -24.71 48.37
N ARG B 135 -13.02 -23.42 48.10
CA ARG B 135 -12.39 -22.72 46.93
C ARG B 135 -12.11 -21.26 47.31
N ASN B 136 -11.07 -20.68 46.71
CA ASN B 136 -10.72 -19.23 46.87
C ASN B 136 -11.67 -18.42 45.98
N GLN B 137 -12.44 -17.50 46.59
CA GLN B 137 -13.55 -16.77 45.93
C GLN B 137 -13.47 -15.28 46.26
N PRO B 138 -14.13 -14.41 45.46
CA PRO B 138 -14.28 -13.00 45.84
C PRO B 138 -14.89 -12.80 47.24
N ALA B 139 -14.47 -11.75 47.94
CA ALA B 139 -14.84 -11.41 49.33
C ALA B 139 -16.37 -11.27 49.47
N ALA B 140 -17.03 -10.67 48.48
CA ALA B 140 -18.50 -10.41 48.46
C ALA B 140 -19.25 -11.73 48.24
N THR B 141 -18.76 -12.58 47.33
CA THR B 141 -19.38 -13.87 46.94
C THR B 141 -19.30 -14.87 48.11
N ALA B 142 -18.16 -14.91 48.81
CA ALA B 142 -17.88 -15.84 49.92
C ALA B 142 -18.79 -15.53 51.12
N LEU B 143 -19.11 -14.25 51.35
CA LEU B 143 -19.97 -13.77 52.46
C LEU B 143 -21.44 -14.12 52.16
N ALA B 144 -21.89 -13.84 50.94
CA ALA B 144 -23.28 -14.10 50.45
C ALA B 144 -23.60 -15.60 50.57
N ASN B 145 -22.66 -16.47 50.19
CA ASN B 145 -22.75 -17.96 50.33
C ASN B 145 -22.93 -18.32 51.82
N THR B 146 -22.02 -17.81 52.66
CA THR B 146 -21.98 -18.05 54.13
C THR B 146 -23.30 -17.63 54.77
N ILE B 147 -23.78 -16.40 54.50
CA ILE B 147 -25.05 -15.85 55.09
C ILE B 147 -26.24 -16.73 54.67
N GLU B 148 -26.23 -17.23 53.42
CA GLU B 148 -27.29 -18.11 52.84
C GLU B 148 -27.24 -19.48 53.51
N VAL B 149 -26.06 -20.12 53.56
CA VAL B 149 -25.88 -21.47 54.20
C VAL B 149 -26.17 -21.35 55.70
N PHE B 150 -25.93 -20.18 56.30
CA PHE B 150 -26.22 -19.86 57.73
C PHE B 150 -27.73 -19.66 57.92
N ARG B 151 -28.39 -18.96 56.99
CA ARG B 151 -29.86 -18.75 56.99
C ARG B 151 -30.58 -20.10 56.90
N SER B 152 -30.09 -21.02 56.06
CA SER B 152 -30.69 -22.35 55.78
C SER B 152 -30.26 -23.38 56.84
N ASN B 153 -29.34 -23.02 57.74
CA ASN B 153 -28.91 -23.87 58.90
C ASN B 153 -29.36 -23.20 60.21
N GLY B 154 -30.41 -22.38 60.16
CA GLY B 154 -31.13 -21.82 61.33
C GLY B 154 -30.36 -20.72 62.05
N LEU B 155 -29.70 -19.82 61.32
CA LEU B 155 -28.89 -18.70 61.87
C LEU B 155 -29.12 -17.44 61.02
N THR B 156 -29.94 -16.50 61.53
CA THR B 156 -30.23 -15.18 60.91
C THR B 156 -30.17 -14.07 61.97
N ALA B 157 -29.09 -14.02 62.74
CA ALA B 157 -28.74 -12.89 63.63
C ALA B 157 -28.04 -11.80 62.82
N ASN B 158 -27.46 -12.16 61.67
CA ASN B 158 -26.84 -11.23 60.68
C ASN B 158 -27.92 -10.34 60.06
N GLU B 159 -29.18 -10.79 60.09
CA GLU B 159 -30.38 -10.09 59.56
C GLU B 159 -30.50 -8.68 60.17
N SER B 160 -30.01 -8.48 61.40
CA SER B 160 -30.02 -7.18 62.12
C SER B 160 -29.19 -6.13 61.36
N GLY B 161 -28.12 -6.56 60.67
CA GLY B 161 -27.27 -5.70 59.82
C GLY B 161 -25.88 -5.50 60.41
N ARG B 162 -25.74 -5.58 61.74
CA ARG B 162 -24.46 -5.42 62.47
C ARG B 162 -23.57 -6.66 62.26
N LEU B 163 -22.25 -6.46 62.20
CA LEU B 163 -21.23 -7.54 62.03
C LEU B 163 -21.17 -8.37 63.32
N ILE B 164 -21.13 -7.70 64.48
CA ILE B 164 -21.15 -8.32 65.84
C ILE B 164 -22.23 -9.42 65.87
N ASP B 165 -23.41 -9.16 65.29
CA ASP B 165 -24.57 -10.08 65.30
C ASP B 165 -24.34 -11.24 64.31
N PHE B 166 -23.57 -11.01 63.24
CA PHE B 166 -23.11 -12.09 62.32
C PHE B 166 -22.11 -12.98 63.07
N LEU B 167 -21.16 -12.37 63.77
CA LEU B 167 -20.11 -13.09 64.55
C LEU B 167 -20.77 -14.01 65.58
N LYS B 168 -21.93 -13.64 66.14
CA LYS B 168 -22.72 -14.52 67.04
C LYS B 168 -23.12 -15.78 66.28
N ASP B 169 -23.55 -15.64 65.02
CA ASP B 169 -23.91 -16.79 64.13
C ASP B 169 -22.68 -17.67 63.95
N VAL B 170 -21.50 -17.08 63.81
CA VAL B 170 -20.19 -17.80 63.66
C VAL B 170 -19.95 -18.62 64.92
N MET B 171 -20.17 -18.04 66.11
CA MET B 171 -20.03 -18.69 67.43
C MET B 171 -21.04 -19.84 67.53
N ASP B 172 -22.29 -19.58 67.16
CA ASP B 172 -23.43 -20.53 67.29
C ASP B 172 -23.30 -21.67 66.27
N SER B 173 -22.62 -21.43 65.14
CA SER B 173 -22.41 -22.43 64.05
C SER B 173 -21.49 -23.56 64.54
N MET B 174 -20.53 -23.23 65.41
CA MET B 174 -19.51 -24.18 65.96
C MET B 174 -20.21 -25.32 66.71
N ASP B 175 -21.34 -25.02 67.35
CA ASP B 175 -22.10 -25.94 68.25
C ASP B 175 -22.92 -26.94 67.41
N LYS B 176 -23.60 -26.47 66.34
CA LYS B 176 -24.51 -27.28 65.48
C LYS B 176 -23.76 -28.52 64.99
N GLU B 177 -24.35 -29.70 65.20
CA GLU B 177 -23.67 -31.02 65.07
C GLU B 177 -23.58 -31.42 63.60
N GLU B 178 -24.45 -30.85 62.75
CA GLU B 178 -24.43 -31.04 61.27
C GLU B 178 -24.61 -29.67 60.59
N MET B 179 -23.85 -29.42 59.52
CA MET B 179 -23.96 -28.21 58.66
C MET B 179 -24.12 -28.66 57.20
N GLU B 180 -25.19 -28.21 56.53
CA GLU B 180 -25.60 -28.70 55.18
C GLU B 180 -25.49 -27.58 54.14
N ILE B 181 -24.83 -27.88 53.02
CA ILE B 181 -24.56 -26.95 51.87
C ILE B 181 -25.54 -27.27 50.74
N THR B 182 -26.23 -26.24 50.23
CA THR B 182 -27.29 -26.34 49.19
C THR B 182 -26.64 -26.29 47.79
N LYS B 209 -27.07 -30.38 47.87
CA LYS B 209 -27.34 -30.66 49.30
C LYS B 209 -26.31 -31.68 49.83
N GLN B 210 -25.38 -31.21 50.67
CA GLN B 210 -24.31 -32.03 51.31
C GLN B 210 -24.16 -31.62 52.77
N ARG B 211 -24.44 -32.57 53.69
CA ARG B 211 -24.41 -32.37 55.17
C ARG B 211 -23.09 -32.90 55.73
N LEU B 212 -22.34 -32.07 56.47
CA LEU B 212 -21.08 -32.47 57.15
C LEU B 212 -21.22 -32.32 58.66
N ASN B 213 -20.63 -33.28 59.39
CA ASN B 213 -20.63 -33.38 60.88
C ASN B 213 -19.87 -32.19 61.48
N LYS B 214 -19.99 -32.00 62.80
CA LYS B 214 -19.42 -30.86 63.55
C LYS B 214 -17.88 -30.93 63.54
N ARG B 215 -17.31 -32.14 63.49
CA ARG B 215 -15.83 -32.36 63.48
C ARG B 215 -15.24 -31.89 62.15
N SER B 216 -15.91 -32.16 61.02
CA SER B 216 -15.45 -31.82 59.65
C SER B 216 -15.79 -30.37 59.30
N TYR B 217 -16.73 -29.73 60.02
CA TYR B 217 -17.10 -28.30 59.84
C TYR B 217 -16.00 -27.41 60.44
N LEU B 218 -15.57 -27.71 61.67
CA LEU B 218 -14.55 -26.93 62.44
C LEU B 218 -13.20 -26.98 61.72
N ILE B 219 -12.96 -28.03 60.93
CA ILE B 219 -11.73 -28.18 60.08
C ILE B 219 -11.83 -27.18 58.91
N ARG B 220 -13.04 -26.76 58.52
CA ARG B 220 -13.29 -25.75 57.46
C ARG B 220 -13.23 -24.34 58.05
N ALA B 221 -13.77 -24.14 59.25
CA ALA B 221 -13.82 -22.84 59.95
C ALA B 221 -12.39 -22.34 60.26
N LEU B 222 -11.53 -23.25 60.75
CA LEU B 222 -10.12 -22.97 61.11
C LEU B 222 -9.22 -23.38 59.93
N THR B 223 -9.46 -22.83 58.74
CA THR B 223 -8.73 -23.16 57.49
C THR B 223 -7.99 -21.93 56.96
N LEU B 224 -6.70 -22.09 56.62
CA LEU B 224 -5.91 -21.13 55.81
C LEU B 224 -5.56 -21.81 54.48
N ASN B 225 -6.20 -21.37 53.38
CA ASN B 225 -5.90 -21.84 52.00
C ASN B 225 -4.61 -21.17 51.52
N THR B 226 -3.79 -21.89 50.75
CA THR B 226 -2.41 -21.49 50.40
C THR B 226 -2.23 -21.49 48.87
N MET B 227 -1.64 -20.40 48.34
CA MET B 227 -1.16 -20.28 46.94
C MET B 227 0.21 -19.57 46.96
N THR B 228 1.06 -19.84 45.97
CA THR B 228 2.39 -19.17 45.82
C THR B 228 2.13 -17.68 45.51
N LYS B 229 3.01 -16.79 45.97
CA LYS B 229 2.84 -15.33 45.76
C LYS B 229 3.43 -14.94 44.41
N ASP B 230 2.57 -14.44 43.51
CA ASP B 230 2.94 -13.89 42.18
C ASP B 230 3.23 -12.39 42.34
N ALA B 231 4.00 -11.83 41.42
CA ALA B 231 4.35 -10.39 41.35
C ALA B 231 5.01 -9.94 42.66
N GLU B 232 6.03 -10.67 43.10
CA GLU B 232 6.88 -10.31 44.29
C GLU B 232 8.30 -10.03 43.80
N ARG B 233 8.77 -8.79 44.02
CA ARG B 233 10.11 -8.31 43.60
C ARG B 233 11.09 -8.60 44.74
N GLY B 234 12.40 -8.44 44.47
CA GLY B 234 13.48 -8.59 45.46
C GLY B 234 13.54 -9.98 46.07
N LYS B 235 13.16 -11.01 45.32
CA LYS B 235 13.13 -12.43 45.80
C LYS B 235 13.41 -13.38 44.62
N LEU B 236 14.50 -14.15 44.70
CA LEU B 236 14.86 -15.21 43.73
C LEU B 236 13.79 -16.30 43.74
N LYS B 237 13.61 -16.98 44.88
CA LYS B 237 12.71 -18.14 45.05
C LYS B 237 11.33 -17.64 45.53
N ARG B 238 10.26 -18.28 45.05
CA ARG B 238 8.85 -17.85 45.28
C ARG B 238 8.49 -18.16 46.74
N ARG B 239 7.42 -17.53 47.25
CA ARG B 239 6.96 -17.65 48.67
C ARG B 239 5.53 -18.20 48.70
N ALA B 240 5.12 -18.78 49.83
CA ALA B 240 3.77 -19.36 50.08
C ALA B 240 2.96 -18.43 50.98
N ILE B 241 2.05 -17.65 50.38
CA ILE B 241 1.06 -16.77 51.07
C ILE B 241 -0.16 -17.63 51.41
N ALA B 242 -0.95 -17.20 52.40
CA ALA B 242 -2.16 -17.93 52.87
C ALA B 242 -3.31 -16.93 53.08
N THR B 243 -4.54 -17.37 52.80
CA THR B 243 -5.78 -16.56 52.91
C THR B 243 -6.77 -17.28 53.83
N PRO B 244 -7.37 -16.57 54.82
CA PRO B 244 -8.26 -17.21 55.79
C PRO B 244 -9.72 -17.38 55.34
N GLY B 245 -10.49 -18.18 56.09
CA GLY B 245 -11.94 -18.38 55.90
C GLY B 245 -12.74 -17.18 56.35
N MET B 246 -14.05 -17.18 56.11
CA MET B 246 -14.95 -16.01 56.34
C MET B 246 -15.47 -16.01 57.78
N GLN B 247 -15.04 -16.97 58.60
CA GLN B 247 -15.36 -17.03 60.06
C GLN B 247 -14.38 -16.12 60.82
N ILE B 248 -13.08 -16.29 60.58
CA ILE B 248 -11.97 -15.57 61.29
C ILE B 248 -12.03 -14.09 60.90
N ARG B 249 -12.00 -13.83 59.58
CA ARG B 249 -12.04 -12.49 58.95
C ARG B 249 -12.67 -11.45 59.89
N GLY B 250 -13.92 -11.67 60.29
CA GLY B 250 -14.76 -10.71 61.05
C GLY B 250 -14.06 -10.19 62.29
N PHE B 251 -13.41 -11.09 63.06
CA PHE B 251 -12.79 -10.79 64.37
C PHE B 251 -11.50 -9.98 64.14
N VAL B 252 -10.68 -10.43 63.18
CA VAL B 252 -9.34 -9.86 62.86
C VAL B 252 -9.49 -8.37 62.58
N TYR B 253 -10.54 -7.98 61.86
CA TYR B 253 -10.90 -6.56 61.60
C TYR B 253 -11.00 -5.82 62.94
N PHE B 254 -11.77 -6.37 63.88
CA PHE B 254 -12.03 -5.76 65.22
C PHE B 254 -10.73 -5.71 66.03
N VAL B 255 -9.92 -6.78 65.94
CA VAL B 255 -8.57 -6.83 66.57
C VAL B 255 -7.72 -5.67 66.02
N GLU B 256 -7.65 -5.57 64.69
CA GLU B 256 -6.83 -4.56 63.96
C GLU B 256 -7.37 -3.15 64.19
N ALA B 257 -8.66 -3.01 64.50
CA ALA B 257 -9.28 -1.72 64.87
C ALA B 257 -8.69 -1.23 66.20
N LEU B 258 -8.66 -2.10 67.21
CA LEU B 258 -8.04 -1.85 68.55
C LEU B 258 -6.56 -1.50 68.37
N ALA B 259 -5.83 -2.37 67.67
CA ALA B 259 -4.39 -2.20 67.36
C ALA B 259 -4.18 -0.86 66.65
N ARG B 260 -5.04 -0.51 65.69
CA ARG B 260 -5.01 0.78 64.96
C ARG B 260 -5.20 1.92 65.97
N SER B 261 -6.27 1.84 66.77
CA SER B 261 -6.62 2.84 67.81
C SER B 261 -5.40 3.13 68.70
N ILE B 262 -4.60 2.09 69.00
CA ILE B 262 -3.36 2.19 69.81
C ILE B 262 -2.25 2.81 68.96
N CYS B 263 -2.00 2.25 67.77
CA CYS B 263 -0.92 2.68 66.84
C CYS B 263 -1.05 4.16 66.50
N GLU B 264 -2.28 4.68 66.39
CA GLU B 264 -2.58 6.12 66.18
C GLU B 264 -2.03 6.94 67.34
N LYS B 265 -2.10 6.42 68.56
CA LYS B 265 -1.70 7.11 69.82
C LYS B 265 -0.20 6.92 70.09
N LEU B 266 0.47 6.03 69.35
CA LEU B 266 1.93 5.74 69.51
C LEU B 266 2.74 6.48 68.45
N GLU B 267 3.81 7.16 68.86
CA GLU B 267 4.66 8.03 68.00
C GLU B 267 5.64 7.17 67.19
N GLN B 268 6.18 6.10 67.78
CA GLN B 268 7.20 5.21 67.15
C GLN B 268 6.55 4.31 66.11
N SER B 269 5.22 4.27 66.04
CA SER B 269 4.44 3.49 65.04
C SER B 269 4.51 4.20 63.69
N GLY B 270 4.85 3.46 62.63
CA GLY B 270 4.83 3.96 61.24
C GLY B 270 3.51 3.69 60.56
N LEU B 271 2.52 3.19 61.30
CA LEU B 271 1.17 2.79 60.78
C LEU B 271 0.08 3.51 61.58
N PRO B 272 -1.10 3.77 60.98
CA PRO B 272 -1.39 3.47 59.58
C PRO B 272 -1.08 4.63 58.62
N VAL B 273 -0.27 5.60 59.08
CA VAL B 273 -0.02 6.94 58.47
C VAL B 273 0.52 6.78 57.04
N GLY B 274 0.37 7.83 56.22
CA GLY B 274 0.91 7.90 54.85
C GLY B 274 2.34 8.42 54.83
N GLY B 275 2.94 8.51 53.64
CA GLY B 275 4.29 9.04 53.41
C GLY B 275 4.41 10.50 53.82
N ASN B 276 3.31 11.26 53.70
CA ASN B 276 3.21 12.69 54.09
C ASN B 276 3.72 12.85 55.53
N GLU B 277 3.13 12.09 56.45
CA GLU B 277 3.45 12.10 57.91
C GLU B 277 4.67 11.21 58.18
N LYS B 278 4.81 10.08 57.45
CA LYS B 278 5.92 9.11 57.64
C LYS B 278 7.27 9.78 57.37
N LYS B 279 7.36 10.64 56.34
CA LYS B 279 8.58 11.43 56.02
C LYS B 279 9.00 12.23 57.25
N ALA B 280 8.04 12.98 57.81
CA ALA B 280 8.20 13.85 59.00
C ALA B 280 8.66 13.00 60.19
N LYS B 281 8.09 11.80 60.34
CA LYS B 281 8.32 10.89 61.50
C LYS B 281 9.79 10.50 61.60
N LEU B 282 10.52 10.50 60.47
CA LEU B 282 11.97 10.14 60.44
C LEU B 282 12.79 11.27 61.10
N ALA B 283 12.53 12.52 60.73
CA ALA B 283 13.16 13.73 61.31
C ALA B 283 12.70 13.90 62.76
N ASN B 284 11.41 13.69 63.00
CA ASN B 284 10.74 13.69 64.34
C ASN B 284 11.58 12.88 65.34
N VAL B 285 12.04 11.69 64.94
CA VAL B 285 12.76 10.73 65.83
C VAL B 285 14.26 11.07 65.87
N VAL B 286 14.89 11.36 64.73
CA VAL B 286 16.33 11.73 64.65
C VAL B 286 16.58 12.98 65.50
N ARG B 287 15.69 13.99 65.42
CA ARG B 287 15.73 15.23 66.24
C ARG B 287 15.90 14.85 67.71
N LYS B 288 15.03 13.98 68.22
CA LYS B 288 14.94 13.58 69.65
C LYS B 288 16.32 13.13 70.16
N MET B 289 17.05 12.35 69.36
CA MET B 289 18.28 11.64 69.79
C MET B 289 19.53 12.51 69.58
N MET B 290 19.45 13.53 68.73
CA MET B 290 20.61 14.37 68.31
C MET B 290 20.65 15.68 69.11
N THR B 291 19.52 16.38 69.24
CA THR B 291 19.41 17.70 69.93
C THR B 291 19.65 17.53 71.44
N ASN B 292 19.16 16.44 72.03
CA ASN B 292 19.35 16.10 73.47
C ASN B 292 20.83 15.85 73.75
N SER B 293 21.46 14.98 72.94
CA SER B 293 22.85 14.50 73.09
C SER B 293 23.82 15.69 73.18
N GLN B 294 24.55 15.79 74.30
CA GLN B 294 25.70 16.72 74.48
C GLN B 294 26.84 16.28 73.55
N ASP B 295 27.96 17.00 73.55
CA ASP B 295 29.13 16.74 72.67
C ASP B 295 29.77 15.38 73.04
N THR B 296 29.71 14.98 74.31
CA THR B 296 30.17 13.67 74.83
C THR B 296 28.98 12.70 74.88
N GLU B 297 28.58 12.16 73.73
CA GLU B 297 27.46 11.19 73.57
C GLU B 297 27.41 10.69 72.13
N LEU B 298 27.71 9.40 71.91
CA LEU B 298 27.64 8.75 70.58
C LEU B 298 26.17 8.50 70.23
N SER B 299 25.85 8.50 68.93
CA SER B 299 24.51 8.17 68.37
C SER B 299 24.68 7.35 67.09
N PHE B 300 24.36 6.06 67.17
CA PHE B 300 24.40 5.09 66.05
C PHE B 300 22.96 4.67 65.71
N THR B 301 22.59 4.80 64.44
CA THR B 301 21.30 4.35 63.87
C THR B 301 21.53 3.01 63.16
N ILE B 302 20.71 2.01 63.47
CA ILE B 302 20.72 0.66 62.82
C ILE B 302 19.56 0.62 61.82
N THR B 303 19.87 0.41 60.54
CA THR B 303 18.88 0.21 59.45
C THR B 303 18.33 -1.22 59.56
N GLY B 304 17.21 -1.38 60.26
CA GLY B 304 16.76 -2.66 60.81
C GLY B 304 15.84 -3.43 59.87
N ASP B 305 15.77 -4.75 60.09
CA ASP B 305 14.76 -5.68 59.52
C ASP B 305 14.78 -6.98 60.32
N ASN B 306 13.59 -7.44 60.74
CA ASN B 306 13.39 -8.70 61.53
C ASN B 306 13.12 -9.85 60.54
N THR B 307 13.72 -11.01 60.79
CA THR B 307 13.64 -12.23 59.93
C THR B 307 12.58 -13.20 60.47
N LYS B 308 11.86 -13.88 59.56
CA LYS B 308 10.83 -14.90 59.86
C LYS B 308 9.80 -14.34 60.86
N TRP B 309 9.41 -13.07 60.66
CA TRP B 309 8.47 -12.33 61.52
C TRP B 309 7.19 -13.15 61.73
N ASN B 310 6.49 -13.48 60.63
CA ASN B 310 5.20 -14.21 60.62
C ASN B 310 5.35 -15.55 61.36
N GLU B 311 6.43 -16.29 61.10
CA GLU B 311 6.61 -17.69 61.58
C GLU B 311 7.01 -17.74 63.06
N ASN B 312 7.39 -16.61 63.68
CA ASN B 312 8.02 -16.58 65.02
C ASN B 312 7.18 -15.79 66.02
N GLN B 313 5.96 -15.38 65.67
CA GLN B 313 5.02 -14.72 66.64
C GLN B 313 3.83 -15.66 66.84
N ASN B 314 3.62 -16.10 68.09
CA ASN B 314 2.66 -17.17 68.46
C ASN B 314 1.30 -16.53 68.78
N PRO B 315 0.19 -17.09 68.25
CA PRO B 315 -1.14 -16.51 68.44
C PRO B 315 -1.50 -16.27 69.92
N ARG B 316 -1.10 -17.21 70.78
CA ARG B 316 -1.30 -17.15 72.25
C ARG B 316 -0.70 -15.86 72.81
N MET B 317 0.34 -15.31 72.19
CA MET B 317 1.00 -14.04 72.63
C MET B 317 0.10 -12.84 72.30
N PHE B 318 -0.63 -12.91 71.18
CA PHE B 318 -1.60 -11.87 70.77
C PHE B 318 -2.82 -11.95 71.70
N LEU B 319 -3.23 -13.17 72.07
CA LEU B 319 -4.28 -13.39 73.11
C LEU B 319 -3.79 -12.77 74.43
N ALA B 320 -2.57 -13.14 74.85
CA ALA B 320 -1.89 -12.61 76.05
C ALA B 320 -1.90 -11.08 76.02
N MET B 321 -1.54 -10.49 74.88
CA MET B 321 -1.57 -9.01 74.66
C MET B 321 -3.01 -8.52 74.88
N ILE B 322 -3.93 -8.93 74.00
CA ILE B 322 -5.36 -8.47 73.99
C ILE B 322 -5.90 -8.50 75.43
N THR B 323 -5.78 -9.65 76.12
CA THR B 323 -6.35 -9.86 77.48
C THR B 323 -5.77 -8.81 78.45
N TYR B 324 -4.51 -8.40 78.29
CA TYR B 324 -3.89 -7.35 79.13
C TYR B 324 -4.48 -5.98 78.76
N ILE B 325 -4.66 -5.71 77.47
CA ILE B 325 -5.21 -4.43 76.94
C ILE B 325 -6.66 -4.28 77.44
N THR B 326 -7.42 -5.38 77.47
CA THR B 326 -8.89 -5.40 77.79
C THR B 326 -9.11 -5.69 79.28
N ARG B 327 -8.13 -5.42 80.13
CA ARG B 327 -8.27 -5.39 81.61
C ARG B 327 -9.26 -4.27 81.98
N ASN B 328 -10.17 -4.55 82.92
CA ASN B 328 -11.21 -3.61 83.41
C ASN B 328 -12.16 -3.21 82.27
N GLN B 329 -12.44 -4.12 81.34
CA GLN B 329 -13.38 -3.89 80.21
C GLN B 329 -14.48 -4.94 80.22
N PRO B 330 -15.67 -4.63 79.67
CA PRO B 330 -16.80 -5.57 79.65
C PRO B 330 -16.44 -6.95 79.08
N GLU B 331 -17.00 -8.01 79.68
CA GLU B 331 -16.64 -9.42 79.38
C GLU B 331 -16.96 -9.73 77.92
N TRP B 332 -18.09 -9.22 77.40
CA TRP B 332 -18.52 -9.42 75.98
C TRP B 332 -17.42 -8.92 75.03
N PHE B 333 -16.82 -7.76 75.34
CA PHE B 333 -15.80 -7.07 74.49
C PHE B 333 -14.51 -7.92 74.47
N ARG B 334 -14.07 -8.38 75.64
CA ARG B 334 -12.87 -9.26 75.80
C ARG B 334 -13.03 -10.49 74.91
N ASN B 335 -14.18 -11.16 75.03
CA ASN B 335 -14.52 -12.43 74.31
C ASN B 335 -14.42 -12.21 72.80
N VAL B 336 -15.06 -11.15 72.29
CA VAL B 336 -15.12 -10.81 70.83
C VAL B 336 -13.69 -10.74 70.27
N LEU B 337 -12.82 -9.95 70.89
CA LEU B 337 -11.42 -9.72 70.46
C LEU B 337 -10.60 -11.00 70.68
N SER B 338 -10.83 -11.70 71.80
CA SER B 338 -10.07 -12.92 72.20
C SER B 338 -10.22 -14.05 71.17
N ILE B 339 -11.26 -14.03 70.33
CA ILE B 339 -11.65 -15.18 69.45
C ILE B 339 -10.63 -15.37 68.33
N ALA B 340 -10.26 -14.28 67.63
CA ALA B 340 -9.32 -14.30 66.48
C ALA B 340 -8.07 -15.10 66.84
N PRO B 341 -7.28 -14.70 67.87
CA PRO B 341 -6.05 -15.40 68.21
C PRO B 341 -6.26 -16.87 68.62
N ILE B 342 -7.37 -17.18 69.30
CA ILE B 342 -7.78 -18.56 69.67
C ILE B 342 -7.97 -19.37 68.38
N MET B 343 -8.74 -18.82 67.43
CA MET B 343 -8.97 -19.46 66.10
C MET B 343 -7.62 -19.64 65.41
N PHE B 344 -6.76 -18.62 65.46
CA PHE B 344 -5.42 -18.62 64.81
C PHE B 344 -4.50 -19.65 65.50
N SER B 345 -4.68 -19.90 66.80
CA SER B 345 -3.84 -20.84 67.59
C SER B 345 -4.20 -22.29 67.26
N ASN B 346 -5.42 -22.55 66.78
CA ASN B 346 -5.94 -23.91 66.47
C ASN B 346 -6.11 -24.06 64.95
N LYS B 347 -5.54 -23.13 64.16
CA LYS B 347 -5.71 -23.04 62.69
C LYS B 347 -5.11 -24.28 62.01
N MET B 348 -5.63 -24.60 60.81
CA MET B 348 -5.16 -25.66 59.89
C MET B 348 -4.95 -25.06 58.50
N ALA B 349 -3.78 -25.28 57.89
CA ALA B 349 -3.37 -24.75 56.58
C ALA B 349 -3.57 -25.80 55.49
N ARG B 350 -4.45 -25.52 54.52
CA ARG B 350 -4.64 -26.36 53.30
C ARG B 350 -3.30 -26.41 52.55
N LEU B 351 -3.01 -27.56 51.92
CA LEU B 351 -1.67 -27.88 51.34
C LEU B 351 -1.50 -27.14 50.00
N GLY B 352 -2.47 -27.24 49.09
CA GLY B 352 -2.47 -26.51 47.80
C GLY B 352 -3.11 -27.33 46.68
N LYS B 353 -2.68 -27.08 45.43
CA LYS B 353 -3.24 -27.72 44.20
C LYS B 353 -2.70 -29.15 44.11
N GLY B 354 -1.46 -29.38 44.57
CA GLY B 354 -0.81 -30.69 44.63
C GLY B 354 0.52 -30.70 43.90
N TYR B 355 0.85 -31.83 43.25
CA TYR B 355 2.10 -32.02 42.47
C TYR B 355 1.73 -32.66 41.12
N MET B 356 2.62 -32.52 40.13
CA MET B 356 2.50 -33.11 38.77
C MET B 356 3.53 -34.23 38.63
N PHE B 357 3.18 -35.31 37.93
CA PHE B 357 4.08 -36.46 37.67
C PHE B 357 4.17 -36.70 36.15
N GLU B 358 5.39 -36.93 35.67
CA GLU B 358 5.75 -37.05 34.22
C GLU B 358 6.39 -38.42 33.97
N SER B 359 5.84 -39.20 33.05
CA SER B 359 6.32 -40.55 32.64
C SER B 359 7.24 -40.42 31.41
N LYS B 360 8.56 -40.52 31.62
CA LYS B 360 9.61 -40.27 30.59
C LYS B 360 9.52 -41.32 29.47
N SER B 361 9.06 -42.53 29.77
CA SER B 361 8.97 -43.69 28.84
C SER B 361 7.64 -43.63 28.06
N MET B 362 6.51 -43.57 28.77
CA MET B 362 5.13 -43.64 28.20
C MET B 362 4.70 -42.28 27.63
N LYS B 363 5.36 -41.19 28.03
CA LYS B 363 5.01 -39.79 27.65
C LYS B 363 3.62 -39.46 28.21
N LEU B 364 3.50 -39.46 29.55
CA LEU B 364 2.25 -39.15 30.31
C LEU B 364 2.53 -37.99 31.29
N ARG B 365 1.46 -37.34 31.73
CA ARG B 365 1.46 -36.32 32.81
C ARG B 365 0.20 -36.54 33.66
N THR B 366 0.23 -36.14 34.93
CA THR B 366 -0.91 -36.29 35.87
C THR B 366 -0.74 -35.38 37.09
N GLN B 367 -1.81 -34.65 37.43
CA GLN B 367 -1.90 -33.74 38.62
C GLN B 367 -2.47 -34.56 39.79
N VAL B 368 -1.62 -34.89 40.77
CA VAL B 368 -1.99 -35.59 42.03
C VAL B 368 -2.49 -34.55 43.04
N PRO B 369 -3.81 -34.49 43.34
CA PRO B 369 -4.33 -33.52 44.30
C PRO B 369 -3.69 -33.70 45.69
N ALA B 370 -3.53 -32.58 46.41
CA ALA B 370 -2.71 -32.45 47.63
C ALA B 370 -3.21 -33.37 48.75
N GLU B 371 -4.50 -33.72 48.73
CA GLU B 371 -5.14 -34.63 49.72
C GLU B 371 -4.39 -35.97 49.77
N MET B 372 -3.97 -36.48 48.59
CA MET B 372 -3.35 -37.82 48.41
C MET B 372 -1.89 -37.84 48.88
N LEU B 373 -1.31 -36.68 49.22
CA LEU B 373 0.08 -36.59 49.77
C LEU B 373 0.16 -37.35 51.10
N ALA B 374 -0.98 -37.47 51.81
CA ALA B 374 -1.13 -38.21 53.09
C ALA B 374 -0.73 -39.68 52.90
N ASN B 375 -1.45 -40.40 52.02
CA ASN B 375 -1.23 -41.85 51.73
C ASN B 375 -0.82 -42.01 50.27
N ILE B 376 0.49 -42.00 49.98
CA ILE B 376 1.05 -42.18 48.61
C ILE B 376 2.53 -42.59 48.72
N ASP B 377 3.02 -43.28 47.69
CA ASP B 377 4.42 -43.78 47.56
C ASP B 377 5.38 -42.59 47.70
N LEU B 378 6.44 -42.73 48.49
CA LEU B 378 7.52 -41.73 48.68
C LEU B 378 8.60 -41.88 47.60
N LYS B 379 8.57 -42.98 46.84
CA LYS B 379 9.58 -43.35 45.81
C LYS B 379 9.28 -42.63 44.50
N TYR B 380 8.16 -41.89 44.43
CA TYR B 380 7.72 -41.08 43.27
C TYR B 380 8.42 -39.71 43.30
N PHE B 381 8.56 -39.11 44.50
CA PHE B 381 9.15 -37.78 44.72
C PHE B 381 10.69 -37.88 44.73
N ASN B 382 11.38 -36.75 44.62
CA ASN B 382 12.86 -36.64 44.69
C ASN B 382 13.27 -36.51 46.16
N LYS B 383 14.59 -36.55 46.43
CA LYS B 383 15.19 -36.75 47.77
C LYS B 383 14.85 -35.59 48.72
N SER B 384 14.72 -34.36 48.20
CA SER B 384 14.43 -33.13 48.99
C SER B 384 12.92 -32.99 49.22
N THR B 385 12.11 -33.19 48.16
CA THR B 385 10.64 -33.08 48.19
C THR B 385 10.04 -34.23 49.02
N ARG B 386 10.71 -35.39 49.06
CA ARG B 386 10.33 -36.55 49.92
C ARG B 386 10.47 -36.15 51.39
N GLU B 387 11.58 -35.49 51.76
CA GLU B 387 11.91 -35.09 53.15
C GLU B 387 10.75 -34.28 53.76
N LYS B 388 10.23 -33.30 52.99
CA LYS B 388 9.13 -32.38 53.41
C LYS B 388 7.83 -33.17 53.58
N ILE B 389 7.51 -34.05 52.64
CA ILE B 389 6.28 -34.90 52.65
C ILE B 389 6.25 -35.73 53.93
N GLU B 390 7.41 -36.28 54.33
CA GLU B 390 7.54 -37.13 55.55
C GLU B 390 7.28 -36.29 56.81
N LYS B 391 7.97 -35.14 56.94
CA LYS B 391 7.95 -34.30 58.17
C LYS B 391 6.55 -33.74 58.43
N ILE B 392 5.79 -33.39 57.39
CA ILE B 392 4.45 -32.76 57.52
C ILE B 392 3.37 -33.83 57.78
N ARG B 393 3.61 -35.08 57.36
CA ARG B 393 2.61 -36.18 57.42
C ARG B 393 2.00 -36.27 58.82
N PRO B 394 2.81 -36.35 59.92
CA PRO B 394 2.25 -36.48 61.27
C PRO B 394 1.21 -35.41 61.66
N LEU B 395 1.07 -34.34 60.87
CA LEU B 395 0.11 -33.22 61.12
C LEU B 395 -1.15 -33.36 60.25
N LEU B 396 -1.19 -34.30 59.30
CA LEU B 396 -2.25 -34.37 58.25
C LEU B 396 -3.56 -34.94 58.83
N ILE B 397 -4.57 -34.08 58.98
CA ILE B 397 -5.98 -34.46 59.36
C ILE B 397 -6.92 -33.87 58.30
N ASP B 398 -7.70 -34.74 57.63
CA ASP B 398 -8.60 -34.40 56.48
C ASP B 398 -7.75 -33.94 55.28
N GLY B 399 -6.50 -34.41 55.18
CA GLY B 399 -5.52 -33.98 54.17
C GLY B 399 -5.29 -32.47 54.19
N THR B 400 -5.31 -31.86 55.38
CA THR B 400 -5.10 -30.41 55.62
C THR B 400 -4.22 -30.23 56.88
N ALA B 401 -2.92 -30.03 56.68
CA ALA B 401 -1.88 -29.96 57.74
C ALA B 401 -2.19 -28.83 58.72
N SER B 402 -2.20 -29.12 60.03
CA SER B 402 -2.46 -28.15 61.12
C SER B 402 -1.19 -27.34 61.42
N LEU B 403 -1.36 -26.06 61.76
CA LEU B 403 -0.26 -25.09 62.01
C LEU B 403 -0.62 -24.27 63.27
N SER B 404 -0.61 -24.91 64.43
CA SER B 404 -1.05 -24.31 65.73
C SER B 404 -0.14 -23.16 66.14
N PRO B 405 1.20 -23.24 65.95
CA PRO B 405 2.08 -22.10 66.16
C PRO B 405 2.20 -21.21 64.90
N GLY B 406 3.05 -20.17 64.97
CA GLY B 406 3.34 -19.27 63.85
C GLY B 406 2.13 -18.43 63.44
N MET B 407 2.29 -17.62 62.39
CA MET B 407 1.27 -16.67 61.89
C MET B 407 1.36 -16.61 60.36
N MET B 408 1.39 -17.79 59.71
CA MET B 408 1.50 -17.92 58.24
C MET B 408 0.63 -16.85 57.57
N MET B 409 1.27 -15.87 56.93
CA MET B 409 0.66 -14.62 56.43
C MET B 409 -0.67 -14.37 57.14
N GLY B 410 -0.58 -14.10 58.45
CA GLY B 410 -1.66 -13.47 59.25
C GLY B 410 -1.73 -11.99 58.95
N MET B 411 -2.86 -11.35 59.27
CA MET B 411 -3.11 -9.91 58.98
C MET B 411 -3.15 -9.13 60.30
N PHE B 412 -2.31 -9.54 61.26
CA PHE B 412 -2.09 -8.87 62.57
C PHE B 412 -0.94 -7.87 62.45
N ASN B 413 -0.83 -7.22 61.30
CA ASN B 413 0.24 -6.26 60.92
C ASN B 413 0.33 -5.18 61.99
N MET B 414 -0.83 -4.73 62.48
CA MET B 414 -0.98 -3.58 63.41
C MET B 414 -0.64 -4.04 64.83
N LEU B 415 -1.31 -5.07 65.32
CA LEU B 415 -1.13 -5.60 66.71
C LEU B 415 0.31 -6.07 66.88
N SER B 416 0.93 -6.62 65.82
CA SER B 416 2.35 -7.02 65.80
C SER B 416 3.26 -5.79 65.93
N THR B 417 2.80 -4.64 65.44
CA THR B 417 3.49 -3.32 65.57
C THR B 417 3.43 -2.88 67.04
N VAL B 418 2.29 -3.06 67.70
CA VAL B 418 2.07 -2.71 69.13
C VAL B 418 3.18 -3.38 69.96
N LEU B 419 3.41 -4.67 69.74
CA LEU B 419 4.46 -5.49 70.40
C LEU B 419 5.83 -4.87 70.10
N GLY B 420 6.21 -4.79 68.82
CA GLY B 420 7.48 -4.22 68.36
C GLY B 420 7.79 -2.90 69.04
N VAL B 421 6.83 -1.96 68.99
CA VAL B 421 6.95 -0.61 69.62
C VAL B 421 7.21 -0.77 71.12
N SER B 422 6.48 -1.68 71.78
CA SER B 422 6.51 -1.87 73.26
C SER B 422 7.94 -2.17 73.74
N ILE B 423 8.82 -2.67 72.85
CA ILE B 423 10.25 -2.91 73.14
C ILE B 423 11.03 -1.60 72.94
N LEU B 424 10.76 -0.87 71.86
CA LEU B 424 11.37 0.46 71.60
C LEU B 424 11.09 1.37 72.80
N ASN B 425 9.87 1.28 73.33
CA ASN B 425 9.38 1.95 74.56
C ASN B 425 10.34 1.64 75.73
N LEU B 426 10.88 0.41 75.80
CA LEU B 426 11.80 -0.03 76.89
C LEU B 426 13.21 0.50 76.65
N GLY B 427 13.35 1.54 75.81
CA GLY B 427 14.66 2.14 75.47
C GLY B 427 14.99 3.37 76.29
N GLN B 428 14.03 3.86 77.09
CA GLN B 428 14.19 5.07 77.93
C GLN B 428 15.09 4.74 79.13
N LYS B 429 15.98 5.67 79.51
CA LYS B 429 16.95 5.49 80.64
C LYS B 429 16.21 4.94 81.88
N LYS B 430 14.92 5.28 82.02
CA LYS B 430 14.01 4.78 83.09
C LYS B 430 14.05 3.25 83.16
N TYR B 431 13.88 2.56 82.02
CA TYR B 431 13.65 1.10 81.95
C TYR B 431 14.96 0.34 81.72
N THR B 432 15.97 0.99 81.13
CA THR B 432 17.33 0.41 80.91
C THR B 432 18.14 0.53 82.21
N LYS B 433 18.10 1.70 82.85
CA LYS B 433 18.81 2.00 84.13
C LYS B 433 20.32 1.88 83.92
N THR B 434 20.82 2.36 82.77
CA THR B 434 22.24 2.30 82.35
C THR B 434 22.64 3.61 81.66
N THR B 435 23.92 3.72 81.28
CA THR B 435 24.52 4.85 80.55
C THR B 435 23.90 4.95 79.15
N TYR B 436 23.55 3.80 78.55
CA TYR B 436 23.01 3.69 77.16
C TYR B 436 21.47 3.75 77.18
N TRP B 437 20.89 4.14 76.03
CA TRP B 437 19.41 4.22 75.81
C TRP B 437 19.11 4.19 74.32
N TRP B 438 17.83 4.05 73.94
CA TRP B 438 17.42 3.94 72.52
C TRP B 438 15.98 4.44 72.28
N ASP B 439 15.71 4.91 71.06
CA ASP B 439 14.35 5.15 70.50
C ASP B 439 14.36 4.63 69.05
N GLY B 440 13.20 4.51 68.42
CA GLY B 440 13.11 4.06 67.01
C GLY B 440 11.73 4.20 66.40
N LEU B 441 11.59 3.60 65.20
CA LEU B 441 10.32 3.48 64.43
C LEU B 441 10.07 1.99 64.13
N GLN B 442 8.82 1.56 64.21
CA GLN B 442 8.38 0.17 63.94
C GLN B 442 7.13 0.21 63.04
N SER B 443 7.02 -0.74 62.12
CA SER B 443 5.79 -1.02 61.32
C SER B 443 5.84 -2.47 60.85
N SER B 444 5.17 -3.37 61.57
CA SER B 444 5.25 -4.85 61.40
C SER B 444 6.71 -5.28 61.57
N ASP B 445 7.27 -6.02 60.59
CA ASP B 445 8.62 -6.64 60.71
C ASP B 445 9.70 -5.56 60.59
N ASP B 446 9.49 -4.54 59.74
CA ASP B 446 10.49 -3.48 59.49
C ASP B 446 10.52 -2.53 60.69
N PHE B 447 11.74 -2.16 61.11
CA PHE B 447 12.02 -1.21 62.22
C PHE B 447 13.29 -0.42 61.88
N ALA B 448 13.52 0.66 62.64
CA ALA B 448 14.77 1.46 62.60
C ALA B 448 15.03 2.01 64.00
N LEU B 449 16.21 1.72 64.57
CA LEU B 449 16.55 1.98 65.99
C LEU B 449 17.75 2.93 66.05
N ILE B 450 17.72 3.91 66.94
CA ILE B 450 18.88 4.77 67.29
C ILE B 450 19.31 4.40 68.72
N VAL B 451 20.60 4.06 68.90
CA VAL B 451 21.20 3.76 70.24
C VAL B 451 22.11 4.93 70.62
N ASN B 452 21.86 5.54 71.77
CA ASN B 452 22.74 6.59 72.37
C ASN B 452 23.46 6.00 73.57
N ALA B 453 24.74 6.34 73.73
CA ALA B 453 25.65 5.89 74.80
C ALA B 453 26.82 6.85 74.90
N PRO B 454 27.56 6.89 76.02
CA PRO B 454 28.75 7.73 76.14
C PRO B 454 29.97 7.16 75.39
N ASN B 455 30.06 5.84 75.24
CA ASN B 455 31.24 5.13 74.67
C ASN B 455 30.77 4.01 73.72
N HIS B 456 31.72 3.39 73.03
CA HIS B 456 31.47 2.31 72.01
C HIS B 456 30.94 1.05 72.70
N GLU B 457 31.44 0.73 73.90
CA GLU B 457 31.02 -0.47 74.68
C GLU B 457 29.53 -0.35 75.00
N GLY B 458 29.10 0.84 75.47
CA GLY B 458 27.69 1.18 75.76
C GLY B 458 26.81 1.02 74.53
N ILE B 459 27.27 1.50 73.37
CA ILE B 459 26.57 1.34 72.06
C ILE B 459 26.30 -0.15 71.82
N GLN B 460 27.33 -0.99 71.94
CA GLN B 460 27.25 -2.47 71.72
C GLN B 460 26.30 -3.08 72.76
N ALA B 461 26.53 -2.80 74.05
CA ALA B 461 25.72 -3.29 75.19
C ALA B 461 24.24 -2.96 74.97
N GLY B 462 23.95 -1.73 74.54
CA GLY B 462 22.59 -1.25 74.22
C GLY B 462 21.98 -2.03 73.06
N VAL B 463 22.73 -2.21 71.97
CA VAL B 463 22.32 -3.00 70.77
C VAL B 463 21.98 -4.43 71.21
N ASP B 464 22.90 -5.07 71.95
CA ASP B 464 22.71 -6.44 72.51
C ASP B 464 21.43 -6.45 73.36
N ARG B 465 21.32 -5.53 74.33
CA ARG B 465 20.16 -5.40 75.24
C ARG B 465 18.86 -5.50 74.42
N PHE B 466 18.70 -4.62 73.42
CA PHE B 466 17.52 -4.60 72.51
C PHE B 466 17.36 -5.97 71.85
N TYR B 467 18.39 -6.43 71.14
CA TYR B 467 18.37 -7.67 70.31
C TYR B 467 17.89 -8.86 71.18
N ARG B 468 18.38 -8.93 72.42
CA ARG B 468 18.06 -10.02 73.38
C ARG B 468 16.65 -9.81 73.93
N THR B 469 16.31 -8.57 74.33
CA THR B 469 14.97 -8.18 74.83
C THR B 469 13.91 -8.51 73.77
N CYS B 470 14.27 -8.48 72.48
CA CYS B 470 13.42 -8.87 71.32
C CYS B 470 13.24 -10.41 71.29
N LYS B 471 14.36 -11.14 71.38
CA LYS B 471 14.41 -12.63 71.38
C LYS B 471 13.49 -13.20 72.47
N LEU B 472 13.29 -12.45 73.57
CA LEU B 472 12.41 -12.83 74.71
C LEU B 472 10.94 -12.77 74.31
N VAL B 473 10.58 -11.96 73.29
CA VAL B 473 9.18 -11.84 72.79
C VAL B 473 9.08 -12.41 71.37
N GLY B 474 10.04 -13.27 71.00
CA GLY B 474 10.08 -13.96 69.69
C GLY B 474 10.30 -13.00 68.55
N ILE B 475 11.08 -11.93 68.77
CA ILE B 475 11.49 -10.98 67.70
C ILE B 475 12.96 -11.23 67.35
N ASN B 476 13.21 -11.77 66.16
CA ASN B 476 14.53 -12.21 65.67
C ASN B 476 15.01 -11.23 64.59
N MET B 477 15.89 -10.31 64.95
CA MET B 477 16.48 -9.31 64.01
C MET B 477 17.33 -10.06 62.99
N SER B 478 17.19 -9.73 61.69
CA SER B 478 18.02 -10.30 60.59
C SER B 478 19.40 -9.64 60.62
N LYS B 479 20.44 -10.43 60.90
CA LYS B 479 21.85 -9.94 60.92
C LYS B 479 22.31 -9.67 59.49
N LYS B 480 21.82 -10.46 58.53
CA LYS B 480 22.17 -10.35 57.08
C LYS B 480 21.57 -9.05 56.55
N LYS B 481 20.24 -8.93 56.62
CA LYS B 481 19.44 -7.85 55.99
C LYS B 481 19.31 -6.67 56.96
N SER B 482 20.34 -6.40 57.77
CA SER B 482 20.44 -5.16 58.58
C SER B 482 21.92 -4.78 58.78
N TYR B 483 22.15 -3.55 59.22
CA TYR B 483 23.48 -2.92 59.42
C TYR B 483 23.31 -1.69 60.34
N ILE B 484 24.41 -1.29 60.98
CA ILE B 484 24.47 -0.11 61.90
C ILE B 484 25.55 0.87 61.43
N ASN B 485 25.36 2.15 61.75
CA ASN B 485 26.22 3.28 61.31
C ASN B 485 25.95 4.48 62.21
N ARG B 486 26.85 5.47 62.22
CA ARG B 486 26.65 6.79 62.88
C ARG B 486 25.32 7.37 62.40
N THR B 487 24.49 7.89 63.33
CA THR B 487 23.18 8.52 63.01
C THR B 487 23.40 9.63 61.99
N GLY B 488 22.58 9.67 60.93
CA GLY B 488 22.66 10.65 59.83
C GLY B 488 22.12 10.10 58.52
N THR B 489 22.41 8.83 58.22
CA THR B 489 21.90 8.09 57.05
C THR B 489 21.30 6.76 57.53
N PHE B 490 20.09 6.42 57.05
CA PHE B 490 19.39 5.13 57.32
C PHE B 490 18.15 5.01 56.44
N GLU B 491 17.49 3.85 56.53
CA GLU B 491 16.26 3.48 55.76
C GLU B 491 15.23 2.88 56.73
N PHE B 492 13.95 3.18 56.48
CA PHE B 492 12.78 2.62 57.20
C PHE B 492 11.61 2.57 56.21
N THR B 493 11.12 1.36 55.93
CA THR B 493 9.98 1.08 55.01
C THR B 493 10.26 1.65 53.62
N SER B 494 11.55 1.67 53.21
CA SER B 494 12.05 2.13 51.89
C SER B 494 11.94 3.66 51.78
N PHE B 495 12.13 4.38 52.89
CA PHE B 495 12.34 5.84 52.94
C PHE B 495 13.81 6.10 53.28
N PHE B 496 14.61 6.44 52.27
CA PHE B 496 16.10 6.56 52.39
C PHE B 496 16.45 7.97 52.89
N TYR B 497 16.75 8.07 54.19
CA TYR B 497 17.05 9.34 54.92
C TYR B 497 18.54 9.68 54.74
N ARG B 498 18.84 10.97 54.53
CA ARG B 498 20.22 11.50 54.46
C ARG B 498 20.28 12.93 55.01
N TYR B 499 20.64 13.08 56.29
CA TYR B 499 20.85 14.38 56.98
C TYR B 499 19.65 15.32 56.78
N GLY B 500 18.44 14.78 56.81
CA GLY B 500 17.17 15.55 56.78
C GLY B 500 16.37 15.32 55.51
N PHE B 501 17.04 15.02 54.40
CA PHE B 501 16.40 14.76 53.08
C PHE B 501 15.93 13.30 53.01
N VAL B 502 14.68 13.10 52.59
N VAL B 502 14.68 13.10 52.60
CA VAL B 502 14.02 11.77 52.46
CA VAL B 502 14.02 11.77 52.48
C VAL B 502 13.66 11.53 50.99
C VAL B 502 13.58 11.54 51.03
N ALA B 503 13.99 10.34 50.49
N ALA B 503 13.61 10.28 50.58
CA ALA B 503 13.70 9.81 49.13
CA ALA B 503 13.10 9.85 49.26
C ALA B 503 13.05 10.87 48.25
C ALA B 503 12.15 8.65 49.42
N ASN B 504 11.72 10.79 48.12
N ASN B 504 10.85 8.85 49.19
CA ASN B 504 10.89 11.64 47.21
CA ASN B 504 9.78 7.83 49.31
C ASN B 504 11.00 11.06 45.80
C ASN B 504 9.82 6.91 48.09
N PHE B 505 10.59 9.80 45.63
N PHE B 505 10.52 5.78 48.18
CA PHE B 505 10.41 9.13 44.31
CA PHE B 505 10.93 4.95 47.01
C PHE B 505 9.27 8.10 44.44
C PHE B 505 10.49 3.49 47.16
N SER B 506 8.89 7.48 43.33
N SER B 506 9.59 3.06 46.27
CA SER B 506 7.60 6.74 43.16
CA SER B 506 9.18 1.65 46.07
C SER B 506 7.80 5.26 43.47
C SER B 506 9.03 1.40 44.56
N MET B 507 7.15 4.80 44.55
N MET B 507 8.91 2.48 43.78
CA MET B 507 7.25 3.41 45.08
CA MET B 507 8.72 2.47 42.31
C MET B 507 6.19 2.52 44.42
C MET B 507 7.37 1.83 41.97
N GLU B 508 6.38 2.21 43.13
N GLU B 508 7.38 0.71 41.25
CA GLU B 508 5.48 1.36 42.30
CA GLU B 508 6.16 -0.01 40.77
C GLU B 508 4.65 2.27 41.38
C GLU B 508 5.01 0.99 40.63
N LEU B 509 4.80 2.12 40.06
N LEU B 509 5.09 1.86 39.62
CA LEU B 509 4.11 2.95 39.03
CA LEU B 509 4.04 2.84 39.25
C LEU B 509 3.04 2.12 38.32
C LEU B 509 3.04 2.13 38.31
N PRO B 510 1.78 2.58 38.24
CA PRO B 510 0.74 1.88 37.48
C PRO B 510 0.91 2.17 35.98
N SER B 511 0.25 1.39 35.13
CA SER B 511 0.13 1.68 33.68
C SER B 511 -0.65 3.00 33.55
N PHE B 512 -0.08 3.98 32.86
CA PHE B 512 -0.70 5.30 32.61
C PHE B 512 -1.37 5.27 31.24
N GLY B 513 -1.92 4.11 30.86
CA GLY B 513 -2.61 3.91 29.57
C GLY B 513 -4.12 4.01 29.74
N VAL B 514 -4.87 3.64 28.70
CA VAL B 514 -6.36 3.67 28.66
C VAL B 514 -6.89 2.67 29.70
N SER B 515 -8.01 3.01 30.35
CA SER B 515 -8.60 2.27 31.50
C SER B 515 -9.63 1.23 31.00
N GLY B 516 -10.22 1.46 29.81
CA GLY B 516 -11.06 0.49 29.08
C GLY B 516 -12.53 0.57 29.46
N ILE B 517 -13.11 1.77 29.41
CA ILE B 517 -14.51 2.06 29.86
C ILE B 517 -15.26 2.77 28.73
N ASN B 518 -14.84 4.02 28.45
CA ASN B 518 -15.40 4.91 27.40
C ASN B 518 -14.59 6.22 27.39
N GLU B 519 -14.64 6.96 26.28
CA GLU B 519 -13.90 8.22 26.04
C GLU B 519 -13.95 9.12 27.30
N SER B 520 -15.15 9.47 27.77
CA SER B 520 -15.37 10.42 28.89
C SER B 520 -14.78 9.86 30.20
N ALA B 521 -15.05 8.58 30.50
CA ALA B 521 -14.63 7.90 31.74
C ALA B 521 -13.10 7.77 31.78
N ASP B 522 -12.52 7.18 30.74
CA ASP B 522 -11.07 6.84 30.64
C ASP B 522 -10.21 8.06 30.96
N MET B 523 -10.58 9.22 30.40
CA MET B 523 -9.92 10.53 30.64
C MET B 523 -9.94 10.81 32.14
N SER B 524 -11.14 10.94 32.72
CA SER B 524 -11.38 11.29 34.14
C SER B 524 -10.65 10.29 35.06
N VAL B 525 -10.55 9.03 34.65
CA VAL B 525 -9.81 7.97 35.41
C VAL B 525 -8.30 8.25 35.31
N GLY B 526 -7.77 8.20 34.08
CA GLY B 526 -6.34 8.31 33.77
C GLY B 526 -5.72 9.60 34.30
N VAL B 527 -6.46 10.71 34.22
CA VAL B 527 -6.01 12.03 34.73
C VAL B 527 -5.90 11.96 36.26
N THR B 528 -6.92 11.41 36.93
CA THR B 528 -6.99 11.27 38.42
C THR B 528 -5.89 10.33 38.91
N VAL B 529 -5.69 9.20 38.23
CA VAL B 529 -4.63 8.19 38.55
C VAL B 529 -3.32 8.94 38.83
N ILE B 530 -2.93 9.82 37.90
CA ILE B 530 -1.67 10.61 37.94
C ILE B 530 -1.70 11.53 39.17
N LYS B 531 -2.81 12.26 39.37
CA LYS B 531 -3.03 13.13 40.56
C LYS B 531 -2.75 12.33 41.83
N ASN B 532 -3.40 11.16 41.97
CA ASN B 532 -3.33 10.32 43.20
C ASN B 532 -1.87 9.90 43.46
N ASN B 533 -1.13 9.54 42.40
CA ASN B 533 0.30 9.13 42.50
C ASN B 533 1.17 10.29 42.99
N MET B 534 0.84 11.52 42.58
CA MET B 534 1.57 12.76 42.99
C MET B 534 1.34 13.03 44.47
N ILE B 535 0.12 12.79 44.95
CA ILE B 535 -0.29 13.00 46.37
C ILE B 535 0.32 11.90 47.25
N ASN B 536 0.08 10.63 46.88
CA ASN B 536 0.35 9.45 47.75
C ASN B 536 1.76 8.90 47.49
N ASN B 537 2.02 8.43 46.27
CA ASN B 537 3.23 7.64 45.89
C ASN B 537 4.45 8.55 45.71
N ASP B 538 4.25 9.87 45.59
CA ASP B 538 5.33 10.88 45.39
C ASP B 538 5.89 10.72 43.97
N LEU B 539 5.04 10.93 42.97
CA LEU B 539 5.43 11.07 41.55
C LEU B 539 5.97 12.49 41.33
N GLY B 540 7.19 12.61 40.79
CA GLY B 540 7.83 13.89 40.47
C GLY B 540 7.02 14.67 39.44
N PRO B 541 6.96 16.02 39.52
CA PRO B 541 6.12 16.82 38.63
C PRO B 541 6.43 16.55 37.14
N ALA B 542 7.71 16.69 36.76
CA ALA B 542 8.20 16.43 35.39
C ALA B 542 7.76 15.03 34.94
N THR B 543 7.89 14.04 35.83
CA THR B 543 7.51 12.62 35.58
C THR B 543 6.00 12.54 35.34
N ALA B 544 5.20 13.24 36.16
CA ALA B 544 3.73 13.32 36.04
C ALA B 544 3.35 13.87 34.66
N GLN B 545 4.06 14.89 34.20
CA GLN B 545 3.83 15.50 32.86
C GLN B 545 4.07 14.45 31.77
N MET B 546 5.14 13.65 31.89
CA MET B 546 5.46 12.58 30.91
C MET B 546 4.41 11.46 30.99
N ALA B 547 3.97 11.12 32.20
CA ALA B 547 2.85 10.18 32.46
C ALA B 547 1.60 10.67 31.70
N LEU B 548 1.26 11.96 31.87
CA LEU B 548 0.14 12.63 31.16
C LEU B 548 0.36 12.51 29.65
N GLN B 549 1.52 12.94 29.18
CA GLN B 549 1.95 12.87 27.74
C GLN B 549 1.68 11.46 27.21
N LEU B 550 2.12 10.43 27.94
CA LEU B 550 1.98 9.00 27.54
C LEU B 550 0.51 8.59 27.55
N PHE B 551 -0.23 8.98 28.59
CA PHE B 551 -1.68 8.69 28.71
C PHE B 551 -2.40 9.25 27.49
N ILE B 552 -2.19 10.54 27.19
CA ILE B 552 -2.87 11.22 26.05
C ILE B 552 -2.53 10.46 24.76
N LYS B 553 -1.26 10.09 24.57
CA LYS B 553 -0.78 9.35 23.37
C LYS B 553 -1.63 8.08 23.23
N ASP B 554 -1.70 7.27 24.28
CA ASP B 554 -2.46 5.98 24.28
C ASP B 554 -3.94 6.27 24.00
N TYR B 555 -4.51 7.25 24.73
CA TYR B 555 -5.93 7.68 24.67
C TYR B 555 -6.30 8.02 23.23
N ARG B 556 -5.59 8.97 22.61
CA ARG B 556 -5.84 9.44 21.23
C ARG B 556 -5.76 8.27 20.26
N TYR B 557 -4.72 7.42 20.41
CA TYR B 557 -4.50 6.22 19.56
C TYR B 557 -5.71 5.27 19.67
N THR B 558 -6.09 4.94 20.90
CA THR B 558 -7.19 3.96 21.19
C THR B 558 -8.50 4.44 20.57
N TYR B 559 -8.90 5.68 20.81
CA TYR B 559 -10.23 6.24 20.45
C TYR B 559 -10.15 7.04 19.14
N ARG B 560 -9.04 6.89 18.40
CA ARG B 560 -8.85 7.45 17.02
C ARG B 560 -9.18 8.96 17.03
N CYS B 561 -9.06 9.61 18.20
CA CYS B 561 -9.45 11.02 18.44
C CYS B 561 -8.19 11.89 18.46
N HIS B 562 -7.32 11.72 17.46
CA HIS B 562 -6.11 12.54 17.23
C HIS B 562 -6.57 13.98 16.93
N ARG B 563 -5.87 14.97 17.49
CA ARG B 563 -6.21 16.42 17.38
C ARG B 563 -6.59 16.76 15.93
N GLY B 564 -7.53 17.71 15.77
CA GLY B 564 -8.18 18.04 14.49
C GLY B 564 -7.25 18.62 13.43
N ASP B 565 -6.07 19.11 13.83
CA ASP B 565 -5.11 19.78 12.93
C ASP B 565 -4.00 18.80 12.49
N THR B 566 -4.02 17.55 12.98
CA THR B 566 -3.03 16.51 12.63
C THR B 566 -3.36 15.92 11.26
N GLN B 567 -2.37 15.28 10.61
CA GLN B 567 -2.53 14.62 9.28
C GLN B 567 -2.79 13.12 9.47
N ILE B 568 -2.68 12.62 10.70
CA ILE B 568 -2.90 11.19 11.06
C ILE B 568 -4.19 10.72 10.40
N GLN B 569 -4.22 9.47 9.90
CA GLN B 569 -5.38 8.87 9.17
C GLN B 569 -5.95 7.69 9.97
N THR B 570 -7.15 7.87 10.51
CA THR B 570 -8.01 6.80 11.09
C THR B 570 -9.37 6.87 10.39
N ARG B 571 -10.30 5.98 10.75
CA ARG B 571 -11.70 5.99 10.25
C ARG B 571 -12.38 7.29 10.70
N ARG B 572 -12.12 7.73 11.95
CA ARG B 572 -12.79 8.87 12.60
C ARG B 572 -12.21 10.20 12.11
N ALA B 573 -11.05 10.15 11.46
CA ALA B 573 -10.25 11.32 10.99
C ALA B 573 -11.17 12.41 10.43
N PHE B 574 -11.91 12.10 9.37
CA PHE B 574 -12.72 13.07 8.59
C PHE B 574 -13.71 13.78 9.52
N GLU B 575 -14.51 12.99 10.25
CA GLU B 575 -15.55 13.48 11.19
C GLU B 575 -14.95 14.51 12.15
N LEU B 576 -13.81 14.19 12.77
CA LEU B 576 -13.11 15.09 13.72
C LEU B 576 -12.60 16.32 12.97
N LYS B 577 -11.97 16.10 11.82
CA LYS B 577 -11.41 17.16 10.93
C LYS B 577 -12.50 18.20 10.65
N LYS B 578 -13.69 17.74 10.25
CA LYS B 578 -14.86 18.61 9.91
C LYS B 578 -15.27 19.40 11.15
N LEU B 579 -15.47 18.73 12.29
CA LEU B 579 -15.86 19.35 13.59
C LEU B 579 -14.86 20.44 13.95
N TRP B 580 -13.56 20.13 13.87
CA TRP B 580 -12.44 21.08 14.12
C TRP B 580 -12.60 22.32 13.22
N GLU B 581 -12.84 22.11 11.92
CA GLU B 581 -12.94 23.17 10.89
C GLU B 581 -14.08 24.15 11.25
N GLN B 582 -15.22 23.60 11.67
CA GLN B 582 -16.49 24.35 11.96
C GLN B 582 -16.33 25.15 13.25
N THR B 583 -15.72 24.58 14.28
CA THR B 583 -15.62 25.14 15.66
C THR B 583 -14.80 26.43 15.65
N ARG B 584 -15.30 27.48 16.31
CA ARG B 584 -14.61 28.78 16.48
C ARG B 584 -13.58 28.66 17.60
N SER B 585 -14.04 28.30 18.80
CA SER B 585 -13.21 28.14 20.03
C SER B 585 -12.68 26.70 20.11
N LYS B 586 -11.55 26.45 19.43
CA LYS B 586 -10.88 25.13 19.32
C LYS B 586 -10.69 24.56 20.72
N ALA B 587 -10.04 25.33 21.59
CA ALA B 587 -9.76 25.01 23.01
C ALA B 587 -10.97 24.32 23.66
N GLY B 588 -12.18 24.75 23.29
CA GLY B 588 -13.46 24.20 23.80
C GLY B 588 -13.54 22.70 23.64
N LEU B 589 -13.22 22.20 22.43
CA LEU B 589 -13.37 20.77 22.05
C LEU B 589 -12.65 19.89 23.08
N LEU B 590 -13.27 18.76 23.44
CA LEU B 590 -12.61 17.70 24.26
C LEU B 590 -11.56 16.99 23.40
N VAL B 591 -10.56 16.39 24.06
CA VAL B 591 -9.52 15.53 23.40
C VAL B 591 -10.23 14.44 22.60
N SER B 592 -11.36 13.95 23.12
CA SER B 592 -12.26 12.93 22.51
C SER B 592 -12.83 13.43 21.17
N ASP B 593 -12.91 14.75 20.98
CA ASP B 593 -13.51 15.39 19.77
C ASP B 593 -12.41 16.10 18.97
N GLY B 594 -11.17 15.58 19.04
CA GLY B 594 -10.01 16.14 18.32
C GLY B 594 -9.59 17.49 18.86
N GLY B 595 -9.95 17.78 20.13
CA GLY B 595 -9.55 19.01 20.83
C GLY B 595 -8.13 18.89 21.36
N PRO B 596 -7.51 20.01 21.80
CA PRO B 596 -6.16 19.98 22.38
C PRO B 596 -6.19 19.64 23.87
N ASN B 597 -5.16 18.92 24.35
CA ASN B 597 -5.00 18.57 25.78
C ASN B 597 -4.60 19.83 26.56
N LEU B 598 -5.48 20.29 27.45
CA LEU B 598 -5.28 21.51 28.26
C LEU B 598 -4.83 21.14 29.68
N TYR B 599 -4.78 19.85 30.01
CA TYR B 599 -4.38 19.35 31.34
C TYR B 599 -2.89 19.62 31.59
N ASN B 600 -2.53 19.63 32.87
CA ASN B 600 -1.18 19.91 33.42
C ASN B 600 -1.28 19.67 34.93
N ILE B 601 -0.16 19.76 35.66
CA ILE B 601 -0.06 19.37 37.11
C ILE B 601 -1.18 20.03 37.93
N ARG B 602 -1.56 21.28 37.60
CA ARG B 602 -2.56 22.06 38.38
C ARG B 602 -4.00 21.65 38.02
N ASN B 603 -4.22 20.98 36.88
CA ASN B 603 -5.57 20.68 36.32
C ASN B 603 -6.06 19.27 36.69
N LEU B 604 -5.16 18.39 37.15
CA LEU B 604 -5.36 16.92 37.17
C LEU B 604 -6.52 16.53 38.10
N HIS B 605 -7.26 17.50 38.65
CA HIS B 605 -8.40 17.25 39.57
C HIS B 605 -9.69 17.89 39.03
N ILE B 606 -9.71 18.36 37.78
CA ILE B 606 -10.93 18.98 37.17
C ILE B 606 -11.40 18.09 36.02
N PRO B 607 -12.67 17.63 36.02
CA PRO B 607 -13.23 16.91 34.87
C PRO B 607 -13.16 17.74 33.57
N GLU B 608 -12.68 17.12 32.50
CA GLU B 608 -12.35 17.77 31.21
C GLU B 608 -13.49 18.72 30.80
N VAL B 609 -14.73 18.25 30.88
CA VAL B 609 -15.95 19.02 30.47
C VAL B 609 -16.03 20.30 31.31
N CYS B 610 -15.84 20.18 32.64
CA CYS B 610 -15.77 21.33 33.58
C CYS B 610 -14.61 22.23 33.15
N LEU B 611 -13.40 21.65 33.06
CA LEU B 611 -12.14 22.37 32.71
C LEU B 611 -12.36 23.22 31.45
N LYS B 612 -13.06 22.67 30.45
CA LYS B 612 -13.21 23.29 29.11
C LYS B 612 -14.62 23.87 28.93
N TRP B 613 -15.42 23.96 30.00
CA TRP B 613 -16.82 24.45 29.94
C TRP B 613 -16.88 25.85 29.31
N GLU B 614 -16.15 26.81 29.89
CA GLU B 614 -16.21 28.25 29.52
C GLU B 614 -15.72 28.45 28.08
N LEU B 615 -14.79 27.59 27.62
CA LEU B 615 -14.11 27.73 26.30
C LEU B 615 -14.97 27.17 25.16
N MET B 616 -16.00 26.37 25.47
CA MET B 616 -16.80 25.64 24.46
C MET B 616 -17.63 26.62 23.60
N ASP B 617 -17.89 26.23 22.35
CA ASP B 617 -18.90 26.88 21.46
C ASP B 617 -20.29 26.49 21.98
N GLU B 618 -21.23 27.45 21.98
CA GLU B 618 -22.59 27.28 22.54
C GLU B 618 -23.26 26.07 21.89
N ASP B 619 -23.30 26.05 20.55
CA ASP B 619 -23.96 24.97 19.75
C ASP B 619 -23.20 23.64 19.92
N TYR B 620 -21.91 23.67 20.29
CA TYR B 620 -21.10 22.45 20.56
C TYR B 620 -21.61 21.77 21.84
N GLN B 621 -21.48 22.43 22.99
CA GLN B 621 -21.88 21.86 24.30
C GLN B 621 -23.40 21.57 24.26
N GLY B 622 -24.14 22.39 23.52
CA GLY B 622 -25.58 22.22 23.25
C GLY B 622 -25.89 20.87 22.60
N ARG B 623 -24.89 20.24 21.97
CA ARG B 623 -24.98 18.86 21.40
C ARG B 623 -24.27 17.88 22.35
N LEU B 624 -23.02 18.16 22.71
CA LEU B 624 -22.19 17.28 23.59
C LEU B 624 -22.97 16.87 24.84
N CYS B 625 -23.66 17.84 25.47
CA CYS B 625 -24.36 17.68 26.77
C CYS B 625 -25.87 17.43 26.57
N ASN B 626 -26.39 17.67 25.35
CA ASN B 626 -27.82 17.44 25.01
C ASN B 626 -28.25 16.10 25.58
N PRO B 627 -29.12 16.07 26.62
CA PRO B 627 -29.55 14.80 27.24
C PRO B 627 -30.45 13.97 26.31
N MET B 628 -30.86 14.54 25.17
CA MET B 628 -31.74 13.91 24.15
C MET B 628 -30.86 13.12 23.16
N ASN B 629 -29.69 12.63 23.59
CA ASN B 629 -28.71 11.89 22.75
C ASN B 629 -29.07 10.40 22.73
N PRO B 630 -28.72 9.65 21.68
CA PRO B 630 -29.03 8.21 21.58
C PRO B 630 -27.99 7.28 22.21
N PHE B 631 -26.82 7.79 22.60
CA PHE B 631 -25.62 7.00 22.99
C PHE B 631 -25.75 6.51 24.44
N VAL B 632 -26.30 7.35 25.32
CA VAL B 632 -26.53 7.04 26.76
C VAL B 632 -28.00 6.62 26.93
N SER B 633 -28.26 5.64 27.81
CA SER B 633 -29.60 5.06 28.09
C SER B 633 -30.38 5.92 29.09
N HIS B 634 -29.71 6.38 30.16
CA HIS B 634 -30.29 7.24 31.23
C HIS B 634 -31.49 6.54 31.88
N TYR B 657 -14.47 8.18 40.65
CA TYR B 657 -13.95 9.24 39.73
C TYR B 657 -15.09 10.18 39.32
N ASP B 658 -14.77 11.48 39.17
CA ASP B 658 -15.73 12.57 38.88
C ASP B 658 -16.13 12.55 37.40
N ALA B 659 -17.27 11.92 37.07
CA ALA B 659 -17.78 11.73 35.70
C ALA B 659 -18.69 12.89 35.29
N VAL B 660 -18.65 13.29 34.01
CA VAL B 660 -19.50 14.36 33.42
C VAL B 660 -20.34 13.75 32.29
N ALA B 661 -21.67 13.80 32.41
CA ALA B 661 -22.62 13.17 31.47
C ALA B 661 -22.56 13.87 30.11
N THR B 662 -21.98 13.20 29.11
CA THR B 662 -21.84 13.68 27.71
C THR B 662 -22.17 12.56 26.73
N THR B 663 -22.18 12.86 25.42
CA THR B 663 -22.38 11.89 24.32
C THR B 663 -21.21 10.88 24.27
N HIS B 664 -20.09 11.20 24.93
CA HIS B 664 -18.89 10.32 25.03
C HIS B 664 -19.14 9.16 25.99
N SER B 665 -20.12 9.29 26.90
CA SER B 665 -20.40 8.33 28.00
C SER B 665 -21.22 7.14 27.47
N TRP B 666 -20.80 6.56 26.34
CA TRP B 666 -21.50 5.44 25.65
C TRP B 666 -21.09 4.11 26.28
N ILE B 667 -21.70 3.01 25.82
CA ILE B 667 -21.51 1.63 26.36
C ILE B 667 -20.99 0.73 25.25
N PRO B 668 -19.89 -0.03 25.47
CA PRO B 668 -19.36 -0.92 24.45
C PRO B 668 -20.21 -2.20 24.26
N LYS B 669 -20.11 -2.84 23.09
CA LYS B 669 -20.76 -4.14 22.75
C LYS B 669 -20.12 -5.25 23.59
N ARG B 670 -20.89 -6.28 23.93
CA ARG B 670 -20.44 -7.41 24.81
C ARG B 670 -21.06 -8.72 24.32
N GLU C 40 -9.85 -11.91 25.77
CA GLU C 40 -9.14 -11.87 27.08
C GLU C 40 -9.96 -11.06 28.10
N LYS C 41 -9.58 -11.11 29.37
CA LYS C 41 -10.33 -10.55 30.53
C LYS C 41 -9.98 -9.07 30.76
N ASN C 42 -8.79 -8.62 30.36
CA ASN C 42 -8.29 -7.23 30.54
C ASN C 42 -9.15 -6.26 29.74
N PRO C 43 -9.74 -5.23 30.40
CA PRO C 43 -10.65 -4.29 29.73
C PRO C 43 -9.95 -3.39 28.71
N ALA C 44 -8.76 -2.86 29.07
CA ALA C 44 -7.93 -1.99 28.20
C ALA C 44 -7.74 -2.67 26.84
N LEU C 45 -7.12 -3.85 26.84
CA LEU C 45 -6.84 -4.65 25.62
C LEU C 45 -8.15 -4.82 24.85
N ARG C 46 -9.22 -5.24 25.56
CA ARG C 46 -10.57 -5.48 24.98
C ARG C 46 -11.03 -4.23 24.23
N MET C 47 -10.97 -3.06 24.88
CA MET C 47 -11.43 -1.76 24.30
C MET C 47 -10.69 -1.50 22.98
N LYS C 48 -9.36 -1.62 22.98
CA LYS C 48 -8.51 -1.40 21.78
C LYS C 48 -8.98 -2.30 20.63
N TRP C 49 -9.16 -3.60 20.92
CA TRP C 49 -9.70 -4.63 19.98
C TRP C 49 -11.08 -4.18 19.47
N MET C 50 -11.93 -3.71 20.39
CA MET C 50 -13.32 -3.27 20.10
C MET C 50 -13.29 -2.10 19.11
N MET C 51 -12.60 -1.01 19.47
CA MET C 51 -12.57 0.26 18.69
C MET C 51 -12.09 0.00 17.26
N ALA C 52 -11.24 -1.00 17.05
CA ALA C 52 -10.69 -1.40 15.74
C ALA C 52 -11.80 -1.96 14.83
N MET C 53 -12.88 -2.50 15.42
CA MET C 53 -14.08 -2.99 14.67
C MET C 53 -14.87 -1.80 14.15
N LYS C 54 -15.74 -2.01 13.15
CA LYS C 54 -16.47 -0.93 12.47
C LYS C 54 -17.53 -0.33 13.40
N TYR C 55 -18.32 -1.17 14.09
CA TYR C 55 -19.45 -0.75 14.95
C TYR C 55 -19.31 -1.34 16.36
N PRO C 56 -18.45 -0.77 17.23
CA PRO C 56 -18.28 -1.28 18.59
C PRO C 56 -19.20 -0.66 19.65
N ILE C 57 -20.01 0.35 19.30
CA ILE C 57 -20.85 1.12 20.28
C ILE C 57 -22.32 0.70 20.13
N THR C 58 -23.00 0.51 21.26
CA THR C 58 -24.45 0.20 21.37
C THR C 58 -25.24 1.49 21.59
N ALA C 59 -26.35 1.69 20.86
CA ALA C 59 -27.24 2.86 20.98
C ALA C 59 -28.66 2.50 20.57
N ASP C 60 -29.65 3.26 21.05
CA ASP C 60 -31.11 3.01 20.86
C ASP C 60 -31.47 3.10 19.37
N LYS C 61 -32.43 2.29 18.94
CA LYS C 61 -32.92 2.18 17.53
C LYS C 61 -33.28 3.58 16.98
N ARG C 62 -33.68 4.51 17.85
CA ARG C 62 -34.14 5.88 17.50
C ARG C 62 -33.05 6.63 16.70
N ILE C 63 -31.78 6.30 16.95
CA ILE C 63 -30.60 6.94 16.28
C ILE C 63 -30.76 6.93 14.76
N MET C 64 -31.37 5.86 14.21
CA MET C 64 -31.54 5.62 12.75
C MET C 64 -32.45 6.70 12.12
N GLU C 65 -33.33 7.32 12.92
CA GLU C 65 -34.20 8.44 12.47
C GLU C 65 -33.44 9.76 12.60
N MET C 66 -32.76 9.96 13.73
CA MET C 66 -32.01 11.19 14.08
C MET C 66 -30.88 11.45 13.08
N ILE C 67 -29.91 10.52 12.97
CA ILE C 67 -28.66 10.73 12.16
C ILE C 67 -28.73 9.89 10.88
N PRO C 68 -28.08 10.32 9.77
CA PRO C 68 -28.08 9.56 8.52
C PRO C 68 -27.18 8.32 8.62
N GLU C 69 -27.43 7.32 7.78
CA GLU C 69 -26.68 6.03 7.77
C GLU C 69 -25.25 6.27 7.31
N ARG C 70 -25.02 7.22 6.41
CA ARG C 70 -23.68 7.49 5.81
C ARG C 70 -23.34 8.98 5.90
N ASN C 71 -22.13 9.24 6.42
CA ASN C 71 -21.38 10.52 6.36
C ASN C 71 -21.19 10.92 4.89
N GLU C 72 -20.96 12.21 4.60
CA GLU C 72 -20.95 12.80 3.23
C GLU C 72 -19.73 12.33 2.42
N GLN C 73 -18.66 11.85 3.08
CA GLN C 73 -17.50 11.19 2.41
C GLN C 73 -17.88 9.76 2.03
N GLY C 74 -18.92 9.22 2.68
CA GLY C 74 -19.46 7.87 2.41
C GLY C 74 -19.34 6.97 3.63
N GLN C 75 -18.55 7.37 4.62
CA GLN C 75 -18.28 6.55 5.85
C GLN C 75 -19.62 6.17 6.51
N THR C 76 -19.86 4.86 6.70
CA THR C 76 -21.09 4.32 7.34
C THR C 76 -21.02 4.59 8.85
N LEU C 77 -22.06 5.21 9.40
CA LEU C 77 -22.10 5.72 10.81
C LEU C 77 -22.71 4.67 11.74
N TRP C 78 -23.85 4.09 11.37
CA TRP C 78 -24.55 3.02 12.14
C TRP C 78 -24.92 1.86 11.20
N SER C 79 -25.21 0.69 11.78
CA SER C 79 -25.57 -0.55 11.02
C SER C 79 -26.99 -0.98 11.36
N LYS C 80 -27.63 -1.73 10.45
CA LYS C 80 -29.02 -2.25 10.59
C LYS C 80 -29.03 -3.45 11.56
N THR C 81 -27.86 -4.04 11.84
CA THR C 81 -27.66 -5.15 12.81
C THR C 81 -28.30 -4.76 14.15
N ASN C 82 -29.23 -5.57 14.65
CA ASN C 82 -29.98 -5.35 15.91
C ASN C 82 -29.14 -5.90 17.07
N ASP C 83 -29.32 -5.32 18.28
CA ASP C 83 -28.58 -5.70 19.51
C ASP C 83 -29.25 -6.93 20.15
N ALA C 84 -28.45 -7.94 20.52
CA ALA C 84 -28.91 -9.20 21.15
C ALA C 84 -28.94 -9.02 22.68
N GLY C 85 -29.96 -8.34 23.20
CA GLY C 85 -30.09 -8.00 24.63
C GLY C 85 -31.15 -6.95 24.91
N SER C 86 -31.33 -5.97 24.00
CA SER C 86 -32.22 -4.79 24.19
C SER C 86 -32.75 -4.28 22.84
N ASP C 87 -33.54 -3.19 22.86
CA ASP C 87 -34.06 -2.46 21.67
C ASP C 87 -33.00 -1.47 21.16
N ARG C 88 -31.84 -1.96 20.73
CA ARG C 88 -30.68 -1.12 20.32
C ARG C 88 -30.08 -1.65 19.02
N VAL C 89 -29.21 -0.86 18.38
CA VAL C 89 -28.53 -1.17 17.10
C VAL C 89 -27.02 -0.91 17.25
N MET C 90 -26.21 -1.36 16.29
CA MET C 90 -24.73 -1.21 16.31
C MET C 90 -24.35 0.12 15.64
N VAL C 91 -23.43 0.85 16.27
CA VAL C 91 -23.06 2.25 15.93
C VAL C 91 -21.53 2.40 15.98
N SER C 92 -20.98 3.21 15.07
CA SER C 92 -19.54 3.52 14.92
C SER C 92 -19.21 4.79 15.70
N PRO C 93 -18.00 4.89 16.32
CA PRO C 93 -17.63 6.07 17.08
C PRO C 93 -17.75 7.38 16.29
N LEU C 94 -17.74 7.30 14.95
CA LEU C 94 -17.96 8.44 14.02
C LEU C 94 -19.31 9.09 14.31
N ALA C 95 -20.31 8.30 14.71
CA ALA C 95 -21.68 8.77 15.04
C ALA C 95 -21.62 9.78 16.19
N VAL C 96 -20.85 9.48 17.23
CA VAL C 96 -20.64 10.35 18.43
C VAL C 96 -20.17 11.72 17.92
N THR C 97 -19.10 11.73 17.13
CA THR C 97 -18.46 12.93 16.56
C THR C 97 -19.46 13.67 15.65
N TRP C 98 -20.19 12.93 14.81
CA TRP C 98 -21.18 13.51 13.85
C TRP C 98 -22.25 14.27 14.63
N TRP C 99 -22.80 13.66 15.69
CA TRP C 99 -23.84 14.28 16.56
C TRP C 99 -23.35 15.63 17.10
N ASN C 100 -22.06 15.73 17.42
CA ASN C 100 -21.45 16.89 18.13
C ASN C 100 -21.20 18.06 17.16
N ARG C 101 -21.25 17.82 15.84
CA ARG C 101 -21.03 18.87 14.80
C ARG C 101 -22.33 19.15 14.04
N ASN C 102 -23.12 18.11 13.75
CA ASN C 102 -24.51 18.20 13.21
C ASN C 102 -25.44 17.50 14.20
N GLY C 103 -26.28 18.26 14.91
CA GLY C 103 -27.16 17.71 15.96
C GLY C 103 -28.04 18.79 16.59
N PRO C 104 -28.96 18.42 17.51
CA PRO C 104 -29.95 19.35 18.05
C PRO C 104 -29.40 20.25 19.16
N THR C 105 -29.38 21.56 18.92
CA THR C 105 -28.95 22.59 19.90
C THR C 105 -30.11 22.89 20.86
N THR C 106 -30.03 22.37 22.08
CA THR C 106 -30.92 22.70 23.22
C THR C 106 -30.09 23.52 24.22
N SER C 107 -30.56 24.70 24.61
CA SER C 107 -29.84 25.65 25.51
C SER C 107 -29.63 25.00 26.88
N GLU D 4 2.15 -23.58 -76.91
CA GLU D 4 1.24 -22.85 -75.96
C GLU D 4 -0.07 -22.51 -76.68
N ARG D 5 -1.22 -22.82 -76.04
CA ARG D 5 -2.57 -22.46 -76.54
C ARG D 5 -3.38 -21.82 -75.39
N PHE D 6 -4.25 -20.88 -75.73
CA PHE D 6 -5.28 -20.27 -74.84
C PHE D 6 -6.32 -19.58 -75.71
N GLU D 7 -7.50 -20.19 -75.84
CA GLU D 7 -8.57 -19.77 -76.80
C GLU D 7 -9.80 -19.33 -76.01
N ILE D 8 -10.51 -18.31 -76.53
CA ILE D 8 -11.75 -17.75 -75.92
C ILE D 8 -12.92 -18.69 -76.30
N THR D 9 -13.48 -19.35 -75.29
CA THR D 9 -14.46 -20.46 -75.42
C THR D 9 -15.84 -19.88 -75.77
N GLY D 10 -16.84 -20.76 -75.94
CA GLY D 10 -18.22 -20.42 -76.32
C GLY D 10 -18.81 -19.32 -75.45
N THR D 11 -19.12 -19.64 -74.18
CA THR D 11 -19.78 -18.72 -73.20
C THR D 11 -18.99 -17.40 -73.12
N MET D 12 -17.65 -17.50 -73.13
CA MET D 12 -16.73 -16.36 -72.91
C MET D 12 -16.73 -15.45 -74.15
N ARG D 13 -16.77 -16.02 -75.36
CA ARG D 13 -16.82 -15.25 -76.63
C ARG D 13 -18.08 -14.38 -76.66
N ARG D 14 -19.23 -14.97 -76.31
CA ARG D 14 -20.57 -14.33 -76.35
C ARG D 14 -20.58 -13.10 -75.42
N LEU D 15 -19.82 -13.13 -74.33
CA LEU D 15 -19.60 -11.98 -73.41
C LEU D 15 -18.72 -10.95 -74.12
N ALA D 16 -17.51 -11.38 -74.51
CA ALA D 16 -16.45 -10.55 -75.13
C ALA D 16 -17.03 -9.67 -76.23
N ASP D 17 -17.93 -10.22 -77.05
CA ASP D 17 -18.52 -9.54 -78.24
C ASP D 17 -19.45 -8.41 -77.76
N GLN D 18 -20.12 -8.57 -76.63
CA GLN D 18 -21.04 -7.54 -76.08
C GLN D 18 -20.23 -6.41 -75.43
N SER D 19 -19.00 -6.71 -75.00
CA SER D 19 -18.08 -5.76 -74.32
C SER D 19 -17.12 -5.13 -75.35
N LEU D 20 -17.68 -4.45 -76.36
CA LEU D 20 -16.90 -3.77 -77.43
C LEU D 20 -17.45 -2.36 -77.63
N PRO D 21 -16.68 -1.42 -78.22
CA PRO D 21 -17.20 -0.13 -78.62
C PRO D 21 -18.40 -0.28 -79.55
N PRO D 22 -19.31 0.72 -79.62
CA PRO D 22 -20.55 0.58 -80.38
C PRO D 22 -20.35 0.28 -81.87
N ASN D 23 -21.14 -0.67 -82.40
CA ASN D 23 -21.24 -1.04 -83.84
C ASN D 23 -20.03 -1.89 -84.26
N PHE D 24 -19.49 -2.68 -83.32
CA PHE D 24 -18.48 -3.74 -83.55
C PHE D 24 -19.05 -5.05 -83.01
N SER D 25 -19.76 -5.80 -83.83
CA SER D 25 -20.66 -6.92 -83.41
C SER D 25 -19.88 -8.22 -83.12
N SER D 26 -18.55 -8.20 -83.30
CA SER D 26 -17.64 -9.35 -83.06
C SER D 26 -16.27 -8.85 -82.59
N LEU D 27 -15.63 -9.58 -81.67
CA LEU D 27 -14.28 -9.23 -81.14
C LEU D 27 -13.29 -9.23 -82.32
N GLU D 28 -13.22 -10.34 -83.05
CA GLU D 28 -12.29 -10.52 -84.20
C GLU D 28 -12.51 -9.40 -85.24
N ASN D 29 -13.76 -8.96 -85.41
CA ASN D 29 -14.10 -7.76 -86.23
C ASN D 29 -13.33 -6.56 -85.69
N PHE D 30 -13.49 -6.26 -84.40
CA PHE D 30 -12.88 -5.09 -83.70
C PHE D 30 -11.36 -5.16 -83.81
N ARG D 31 -10.77 -6.30 -83.45
CA ARG D 31 -9.30 -6.52 -83.46
C ARG D 31 -8.72 -6.12 -84.82
N ALA D 32 -9.44 -6.38 -85.91
CA ALA D 32 -9.03 -6.06 -87.30
C ALA D 32 -8.84 -4.54 -87.45
N TYR D 33 -9.82 -3.74 -87.00
CA TYR D 33 -9.79 -2.25 -87.02
C TYR D 33 -8.55 -1.75 -86.28
N VAL D 34 -8.33 -2.28 -85.07
CA VAL D 34 -7.20 -1.91 -84.15
C VAL D 34 -5.88 -2.27 -84.84
N ASP D 35 -5.74 -3.51 -85.31
CA ASP D 35 -4.51 -4.05 -85.94
C ASP D 35 -4.07 -3.15 -87.09
N GLY D 36 -5.01 -2.67 -87.91
CA GLY D 36 -4.75 -1.85 -89.11
C GLY D 36 -4.97 -0.37 -88.86
N PHE D 37 -5.06 0.07 -87.60
CA PHE D 37 -5.27 1.50 -87.24
C PHE D 37 -3.96 2.27 -87.43
N GLU D 38 -3.98 3.28 -88.31
CA GLU D 38 -2.94 4.33 -88.42
C GLU D 38 -3.60 5.67 -88.10
N PRO D 39 -3.07 6.43 -87.12
CA PRO D 39 -3.74 7.65 -86.67
C PRO D 39 -3.74 8.73 -87.76
N ASN D 40 -4.75 9.61 -87.74
CA ASN D 40 -4.90 10.70 -88.75
C ASN D 40 -5.77 11.81 -88.16
N GLY D 41 -5.14 12.71 -87.37
CA GLY D 41 -5.77 13.90 -86.79
C GLY D 41 -7.14 13.60 -86.19
N CYS D 42 -7.32 12.42 -85.59
CA CYS D 42 -8.58 11.99 -84.94
C CYS D 42 -8.92 12.97 -83.82
N ILE D 43 -7.95 13.18 -82.92
CA ILE D 43 -8.03 14.11 -81.75
C ILE D 43 -8.18 15.55 -82.28
N GLU D 44 -7.28 15.98 -83.17
CA GLU D 44 -7.31 17.33 -83.81
C GLU D 44 -8.74 17.59 -84.32
N GLY D 45 -9.34 16.57 -84.96
CA GLY D 45 -10.69 16.64 -85.56
C GLY D 45 -11.79 16.66 -84.51
N LYS D 46 -11.73 15.75 -83.54
CA LYS D 46 -12.76 15.64 -82.45
C LYS D 46 -12.73 16.90 -81.56
N LEU D 47 -11.56 17.53 -81.42
CA LEU D 47 -11.37 18.76 -80.60
C LEU D 47 -12.05 19.94 -81.29
N SER D 48 -11.75 20.15 -82.57
CA SER D 48 -12.40 21.16 -83.45
C SER D 48 -13.92 20.94 -83.46
N GLN D 49 -14.35 19.67 -83.38
CA GLN D 49 -15.77 19.24 -83.29
C GLN D 49 -16.37 19.66 -81.93
N MET D 50 -15.73 19.25 -80.82
CA MET D 50 -16.29 19.37 -79.44
C MET D 50 -16.64 20.83 -79.11
N SER D 51 -17.62 21.02 -78.23
CA SER D 51 -18.11 22.33 -77.70
C SER D 51 -16.93 23.15 -77.14
N LYS D 52 -16.96 24.47 -77.32
CA LYS D 52 -15.94 25.42 -76.81
C LYS D 52 -16.36 25.96 -75.43
N GLU D 53 -17.52 25.53 -74.94
CA GLU D 53 -17.97 25.72 -73.53
C GLU D 53 -17.07 24.87 -72.61
N VAL D 54 -16.68 23.69 -73.08
CA VAL D 54 -15.77 22.74 -72.36
C VAL D 54 -14.34 23.30 -72.44
N ASN D 55 -13.80 23.79 -71.32
CA ASN D 55 -12.45 24.39 -71.22
C ASN D 55 -12.10 24.65 -69.74
N ALA D 56 -10.83 24.96 -69.48
CA ALA D 56 -10.28 25.31 -68.14
C ALA D 56 -9.92 26.80 -68.11
N ARG D 57 -10.92 27.64 -67.87
CA ARG D 57 -10.77 29.12 -67.74
C ARG D 57 -9.99 29.41 -66.45
N ILE D 58 -8.92 30.21 -66.55
CA ILE D 58 -7.98 30.48 -65.42
C ILE D 58 -8.41 31.75 -64.69
N GLU D 59 -9.14 31.60 -63.58
CA GLU D 59 -9.48 32.71 -62.64
C GLU D 59 -8.17 33.21 -62.05
N PRO D 60 -7.73 34.47 -62.32
CA PRO D 60 -6.52 35.01 -61.72
C PRO D 60 -6.68 35.19 -60.20
N PHE D 61 -5.72 34.71 -59.40
CA PHE D 61 -5.77 34.85 -57.92
C PHE D 61 -5.00 36.13 -57.52
N LEU D 62 -5.74 37.15 -57.08
CA LEU D 62 -5.21 38.47 -56.68
C LEU D 62 -5.43 38.67 -55.18
N ARG D 63 -4.67 39.56 -54.55
CA ARG D 63 -4.80 39.90 -53.12
C ARG D 63 -6.28 40.16 -52.77
N THR D 64 -7.09 40.55 -53.76
CA THR D 64 -8.52 40.94 -53.60
C THR D 64 -9.44 39.71 -53.65
N THR D 65 -9.09 38.64 -54.38
CA THR D 65 -10.02 37.56 -54.79
C THR D 65 -10.50 36.73 -53.58
N PRO D 66 -9.63 36.35 -52.61
CA PRO D 66 -10.03 35.44 -51.55
C PRO D 66 -10.77 36.15 -50.40
N ARG D 67 -11.99 35.71 -50.12
CA ARG D 67 -12.81 36.20 -48.98
C ARG D 67 -12.51 35.34 -47.74
N PRO D 68 -12.94 35.75 -46.53
CA PRO D 68 -12.81 34.90 -45.35
C PRO D 68 -13.74 33.67 -45.44
N LEU D 69 -13.43 32.62 -44.67
CA LEU D 69 -14.23 31.37 -44.62
C LEU D 69 -15.57 31.66 -43.90
N ARG D 70 -16.62 30.95 -44.29
CA ARG D 70 -18.01 31.12 -43.76
C ARG D 70 -18.22 30.19 -42.57
N LEU D 71 -17.94 30.69 -41.36
CA LEU D 71 -18.16 29.96 -40.07
C LEU D 71 -19.66 29.86 -39.79
N PRO D 72 -20.19 28.67 -39.44
CA PRO D 72 -21.63 28.50 -39.23
C PRO D 72 -22.14 29.24 -37.99
N ASP D 73 -23.38 29.74 -38.03
CA ASP D 73 -24.08 30.39 -36.90
C ASP D 73 -25.01 29.37 -36.25
N GLY D 74 -25.39 29.64 -35.00
CA GLY D 74 -26.24 28.76 -34.18
C GLY D 74 -25.85 28.80 -32.70
N PRO D 75 -26.16 27.74 -31.91
CA PRO D 75 -25.77 27.70 -30.50
C PRO D 75 -24.26 27.53 -30.34
N PRO D 76 -23.62 28.11 -29.29
CA PRO D 76 -22.21 27.88 -29.03
C PRO D 76 -21.89 26.38 -28.94
N CYS D 77 -20.74 25.96 -29.48
CA CYS D 77 -20.24 24.56 -29.45
C CYS D 77 -19.95 24.16 -28.00
N SER D 78 -20.06 22.87 -27.69
CA SER D 78 -19.90 22.29 -26.33
C SER D 78 -18.58 21.52 -26.24
N GLN D 79 -18.21 21.09 -25.03
CA GLN D 79 -17.02 20.24 -24.78
C GLN D 79 -17.37 18.80 -25.12
N ARG D 80 -16.59 18.19 -26.03
CA ARG D 80 -16.79 16.77 -26.47
C ARG D 80 -15.57 15.91 -26.04
N SER D 81 -14.47 16.54 -25.63
CA SER D 81 -13.25 15.85 -25.11
C SER D 81 -13.66 14.86 -24.01
N LYS D 82 -13.09 13.65 -24.03
CA LYS D 82 -13.48 12.54 -23.12
C LYS D 82 -13.27 12.96 -21.67
N PHE D 83 -12.17 13.66 -21.39
CA PHE D 83 -11.80 14.18 -20.05
C PHE D 83 -11.56 15.70 -20.13
N LEU D 84 -11.64 16.37 -18.98
CA LEU D 84 -11.37 17.83 -18.82
C LEU D 84 -9.90 18.09 -19.14
N LEU D 85 -9.57 19.28 -19.66
CA LEU D 85 -8.18 19.65 -20.01
C LEU D 85 -7.70 20.80 -19.10
N MET D 86 -8.18 22.02 -19.34
CA MET D 86 -7.74 23.22 -18.56
C MET D 86 -8.51 23.28 -17.23
N ASP D 87 -9.64 22.58 -17.11
CA ASP D 87 -10.60 22.70 -15.98
C ASP D 87 -10.32 21.62 -14.93
N ALA D 88 -9.59 20.56 -15.28
CA ALA D 88 -9.36 19.37 -14.42
C ALA D 88 -8.68 19.79 -13.11
N LEU D 89 -8.91 19.00 -12.06
CA LEU D 89 -8.24 19.16 -10.74
C LEU D 89 -7.68 17.79 -10.32
N LYS D 90 -6.56 17.79 -9.59
CA LYS D 90 -5.81 16.57 -9.20
C LYS D 90 -5.68 16.50 -7.68
N LEU D 91 -6.05 15.35 -7.10
CA LEU D 91 -5.65 14.95 -5.73
C LEU D 91 -4.38 14.08 -5.86
N SER D 92 -3.29 14.53 -5.24
CA SER D 92 -1.91 14.04 -5.51
C SER D 92 -1.27 13.45 -4.25
N ILE D 93 -0.34 12.51 -4.43
CA ILE D 93 0.57 12.01 -3.36
C ILE D 93 1.98 11.90 -3.95
N GLU D 94 3.01 12.06 -3.12
CA GLU D 94 4.43 11.81 -3.46
C GLU D 94 4.82 10.46 -2.85
N ASP D 95 5.13 9.46 -3.69
CA ASP D 95 5.46 8.08 -3.23
C ASP D 95 6.72 7.60 -3.96
N PRO D 96 7.89 7.52 -3.29
CA PRO D 96 9.08 6.94 -3.88
C PRO D 96 9.08 5.40 -3.75
N SER D 97 7.97 4.76 -4.15
CA SER D 97 7.78 3.29 -4.11
C SER D 97 8.53 2.63 -5.27
N HIS D 98 8.96 3.43 -6.25
CA HIS D 98 9.70 3.00 -7.47
C HIS D 98 8.94 1.87 -8.16
N GLU D 99 7.62 1.79 -7.99
CA GLU D 99 6.82 0.59 -8.35
C GLU D 99 6.52 0.61 -9.85
N GLY D 100 6.52 -0.58 -10.48
CA GLY D 100 6.11 -0.76 -11.89
C GLY D 100 4.61 -0.90 -12.00
N GLU D 101 3.93 0.20 -12.39
CA GLU D 101 2.46 0.26 -12.62
C GLU D 101 1.73 -0.27 -11.37
N GLY D 102 1.89 0.43 -10.24
CA GLY D 102 1.22 0.12 -8.96
C GLY D 102 -0.30 0.14 -9.11
N ILE D 103 -0.98 -0.73 -8.34
CA ILE D 103 -2.45 -0.99 -8.46
C ILE D 103 -3.21 0.35 -8.39
N PRO D 104 -3.92 0.73 -9.47
CA PRO D 104 -4.46 2.08 -9.61
C PRO D 104 -5.54 2.38 -8.56
N LEU D 105 -6.39 1.40 -8.26
CA LEU D 105 -7.48 1.52 -7.26
C LEU D 105 -6.91 2.13 -5.96
N TYR D 106 -5.75 1.64 -5.49
CA TYR D 106 -5.16 2.01 -4.18
C TYR D 106 -4.45 3.36 -4.29
N ASP D 107 -3.69 3.58 -5.38
CA ASP D 107 -3.12 4.91 -5.72
C ASP D 107 -4.24 5.95 -5.59
N ALA D 108 -5.41 5.65 -6.17
CA ALA D 108 -6.61 6.52 -6.17
C ALA D 108 -7.09 6.77 -4.75
N ILE D 109 -7.30 5.71 -3.96
CA ILE D 109 -7.81 5.81 -2.55
C ILE D 109 -6.84 6.67 -1.74
N LYS D 110 -5.54 6.32 -1.78
CA LYS D 110 -4.47 7.05 -1.08
C LYS D 110 -4.56 8.54 -1.46
N CYS D 111 -4.81 8.84 -2.74
CA CYS D 111 -5.04 10.23 -3.25
C CYS D 111 -6.29 10.83 -2.60
N MET D 112 -7.41 10.10 -2.61
CA MET D 112 -8.72 10.54 -2.06
C MET D 112 -8.56 10.88 -0.58
N LYS D 113 -7.76 10.10 0.16
CA LYS D 113 -7.56 10.27 1.63
C LYS D 113 -6.83 11.59 1.94
N THR D 114 -6.14 12.18 0.96
CA THR D 114 -5.33 13.42 1.14
C THR D 114 -6.24 14.64 1.33
N PHE D 115 -7.52 14.53 0.93
CA PHE D 115 -8.50 15.65 0.96
C PHE D 115 -9.54 15.41 2.07
N PHE D 116 -9.81 16.44 2.87
CA PHE D 116 -10.79 16.42 3.99
C PHE D 116 -11.65 17.68 3.93
N GLY D 117 -12.20 17.99 2.74
CA GLY D 117 -13.08 19.15 2.51
C GLY D 117 -14.37 18.76 1.82
N TRP D 118 -14.73 17.46 1.83
CA TRP D 118 -15.95 16.91 1.17
C TRP D 118 -17.19 17.54 1.80
N LYS D 119 -18.24 17.76 0.99
CA LYS D 119 -19.55 18.30 1.42
C LYS D 119 -20.67 17.33 1.02
N GLU D 120 -21.89 17.64 1.44
CA GLU D 120 -23.13 17.01 0.92
C GLU D 120 -23.29 17.46 -0.53
N PRO D 121 -23.15 16.55 -1.53
CA PRO D 121 -23.19 16.96 -2.93
C PRO D 121 -24.53 17.58 -3.33
N ASN D 122 -24.49 18.67 -4.09
CA ASN D 122 -25.66 19.48 -4.51
C ASN D 122 -25.46 19.91 -5.97
N ILE D 123 -26.46 19.70 -6.85
CA ILE D 123 -26.34 19.96 -8.32
C ILE D 123 -26.24 21.47 -8.53
N ILE D 124 -25.38 21.90 -9.47
CA ILE D 124 -25.20 23.34 -9.82
C ILE D 124 -25.74 23.55 -11.25
N LYS D 125 -24.96 23.17 -12.27
CA LYS D 125 -25.37 23.20 -13.70
C LYS D 125 -25.89 21.81 -14.05
N PRO D 126 -27.22 21.63 -14.21
CA PRO D 126 -27.79 20.31 -14.51
C PRO D 126 -27.74 19.99 -16.01
N HIS D 127 -27.57 18.71 -16.36
CA HIS D 127 -27.56 18.19 -17.75
C HIS D 127 -28.97 18.30 -18.35
N GLU D 128 -29.08 19.05 -19.44
CA GLU D 128 -30.35 19.48 -20.10
C GLU D 128 -31.31 18.30 -20.25
N LYS D 129 -30.82 17.18 -20.81
CA LYS D 129 -31.65 16.08 -21.36
C LYS D 129 -31.57 14.84 -20.45
N GLY D 130 -30.94 14.96 -19.27
CA GLY D 130 -30.61 13.82 -18.40
C GLY D 130 -31.38 13.83 -17.09
N ILE D 131 -31.52 12.65 -16.47
CA ILE D 131 -32.14 12.46 -15.12
C ILE D 131 -31.13 12.93 -14.07
N ASN D 132 -31.08 14.24 -13.83
CA ASN D 132 -30.03 14.91 -13.02
C ASN D 132 -29.80 14.17 -11.70
N PRO D 133 -30.86 13.84 -10.92
CA PRO D 133 -30.67 13.12 -9.65
C PRO D 133 -29.88 11.80 -9.74
N ASN D 134 -29.89 11.14 -10.90
CA ASN D 134 -29.13 9.88 -11.15
C ASN D 134 -27.63 10.12 -11.00
N TYR D 135 -27.12 11.23 -11.57
CA TYR D 135 -25.67 11.60 -11.53
C TYR D 135 -25.24 11.72 -10.07
N LEU D 136 -25.87 12.63 -9.33
CA LEU D 136 -25.62 12.89 -7.88
C LEU D 136 -25.60 11.56 -7.12
N LEU D 137 -26.56 10.67 -7.39
CA LEU D 137 -26.67 9.32 -6.77
C LEU D 137 -25.42 8.50 -7.09
N THR D 138 -24.97 8.53 -8.34
CA THR D 138 -23.80 7.74 -8.85
C THR D 138 -22.56 8.12 -8.03
N TRP D 139 -22.30 9.43 -7.91
CA TRP D 139 -21.16 9.98 -7.12
C TRP D 139 -21.23 9.48 -5.67
N LYS D 140 -22.41 9.54 -5.07
CA LYS D 140 -22.67 9.05 -3.69
C LYS D 140 -22.35 7.55 -3.61
N GLN D 141 -22.82 6.77 -4.59
CA GLN D 141 -22.55 5.31 -4.68
C GLN D 141 -21.04 5.09 -4.75
N VAL D 142 -20.33 5.82 -5.63
CA VAL D 142 -18.84 5.78 -5.77
C VAL D 142 -18.22 6.06 -4.40
N LEU D 143 -18.54 7.22 -3.81
CA LEU D 143 -18.04 7.64 -2.47
C LEU D 143 -18.22 6.49 -1.48
N ALA D 144 -19.45 5.96 -1.39
CA ALA D 144 -19.86 4.92 -0.43
C ALA D 144 -19.04 3.64 -0.65
N GLU D 145 -19.07 3.12 -1.88
CA GLU D 145 -18.54 1.77 -2.23
C GLU D 145 -17.02 1.71 -1.96
N LEU D 146 -16.34 2.86 -2.05
CA LEU D 146 -14.88 2.98 -1.80
C LEU D 146 -14.58 2.82 -0.31
N GLN D 147 -15.54 3.17 0.54
CA GLN D 147 -15.45 2.97 2.01
C GLN D 147 -15.68 1.49 2.33
N ASP D 148 -16.68 0.86 1.70
CA ASP D 148 -17.06 -0.57 1.89
C ASP D 148 -15.83 -1.48 1.76
N ILE D 149 -14.92 -1.15 0.83
CA ILE D 149 -13.63 -1.87 0.62
C ILE D 149 -12.89 -1.93 1.96
N GLU D 150 -12.74 -0.76 2.62
CA GLU D 150 -11.89 -0.55 3.82
C GLU D 150 -12.26 -1.58 4.91
N ASN D 151 -13.55 -1.93 5.02
CA ASN D 151 -14.07 -2.88 6.02
C ASN D 151 -14.49 -4.17 5.30
N GLU D 152 -13.52 -4.81 4.64
CA GLU D 152 -13.67 -6.11 3.94
C GLU D 152 -12.47 -6.99 4.33
N GLU D 153 -12.73 -8.27 4.64
CA GLU D 153 -11.73 -9.21 5.23
C GLU D 153 -10.54 -9.33 4.27
N LYS D 154 -10.82 -9.46 2.97
CA LYS D 154 -9.81 -9.38 1.87
C LYS D 154 -9.90 -8.00 1.21
N ILE D 155 -8.98 -7.70 0.30
CA ILE D 155 -8.97 -6.42 -0.48
C ILE D 155 -9.11 -6.76 -1.96
N PRO D 156 -10.09 -6.18 -2.68
CA PRO D 156 -10.20 -6.38 -4.12
C PRO D 156 -9.20 -5.52 -4.91
N ARG D 157 -8.69 -6.04 -6.03
CA ARG D 157 -7.65 -5.38 -6.89
C ARG D 157 -8.32 -4.35 -7.81
N THR D 158 -9.60 -4.59 -8.16
CA THR D 158 -10.47 -3.66 -8.92
C THR D 158 -11.89 -3.75 -8.34
N LYS D 159 -12.60 -2.63 -8.24
CA LYS D 159 -13.99 -2.58 -7.71
C LYS D 159 -14.97 -2.48 -8.87
N ASN D 160 -15.80 -3.53 -9.04
CA ASN D 160 -16.95 -3.57 -9.98
C ASN D 160 -18.17 -3.03 -9.23
N MET D 161 -18.74 -1.92 -9.72
CA MET D 161 -19.83 -1.16 -9.05
C MET D 161 -21.13 -1.98 -9.09
N LYS D 162 -21.99 -1.79 -8.09
CA LYS D 162 -23.34 -2.43 -8.00
C LYS D 162 -24.21 -1.85 -9.11
N LYS D 163 -24.85 -2.69 -9.92
CA LYS D 163 -25.71 -2.29 -11.07
C LYS D 163 -27.00 -1.67 -10.54
N THR D 164 -26.92 -0.45 -9.99
CA THR D 164 -28.05 0.29 -9.37
C THR D 164 -28.86 1.00 -10.47
N SER D 165 -30.08 1.42 -10.11
CA SER D 165 -31.03 2.19 -10.96
C SER D 165 -30.29 3.31 -11.71
N GLN D 166 -29.51 4.12 -11.00
CA GLN D 166 -28.79 5.30 -11.55
C GLN D 166 -27.76 4.85 -12.59
N LEU D 167 -26.92 3.87 -12.24
CA LEU D 167 -25.80 3.37 -13.08
C LEU D 167 -26.36 2.62 -14.29
N LYS D 168 -27.49 1.94 -14.13
CA LYS D 168 -28.21 1.26 -15.24
C LYS D 168 -28.70 2.29 -16.25
N TRP D 169 -29.04 3.51 -15.80
CA TRP D 169 -29.53 4.60 -16.70
C TRP D 169 -28.35 5.30 -17.38
N ALA D 170 -27.32 5.66 -16.62
CA ALA D 170 -26.17 6.49 -17.06
C ALA D 170 -25.34 5.75 -18.12
N LEU D 171 -25.34 4.41 -18.09
CA LEU D 171 -24.52 3.53 -18.98
C LEU D 171 -25.39 2.92 -20.08
N GLY D 172 -26.71 3.18 -20.04
CA GLY D 172 -27.66 2.81 -21.12
C GLY D 172 -28.07 1.34 -21.08
N GLU D 173 -28.14 0.74 -19.89
CA GLU D 173 -28.48 -0.70 -19.70
C GLU D 173 -29.91 -0.94 -20.22
N ASN D 174 -30.03 -1.76 -21.27
CA ASN D 174 -31.31 -2.19 -21.90
C ASN D 174 -32.07 -0.95 -22.39
N MET D 175 -31.41 -0.09 -23.17
CA MET D 175 -31.99 1.16 -23.73
C MET D 175 -32.01 1.09 -25.27
N ALA D 176 -31.60 -0.04 -25.86
CA ALA D 176 -31.60 -0.28 -27.33
C ALA D 176 -32.83 -1.12 -27.70
N PRO D 177 -33.37 -0.96 -28.92
CA PRO D 177 -34.43 -1.85 -29.40
C PRO D 177 -33.94 -3.30 -29.51
N GLU D 178 -34.84 -4.27 -29.37
CA GLU D 178 -34.51 -5.73 -29.42
C GLU D 178 -34.49 -6.19 -30.88
N LYS D 179 -33.48 -6.96 -31.27
CA LYS D 179 -33.26 -7.49 -32.64
C LYS D 179 -34.26 -8.62 -32.91
N VAL D 180 -35.19 -8.39 -33.85
CA VAL D 180 -36.20 -9.37 -34.34
C VAL D 180 -36.04 -9.48 -35.86
N ASP D 181 -36.30 -10.66 -36.44
CA ASP D 181 -36.28 -10.91 -37.91
C ASP D 181 -37.35 -10.05 -38.57
N PHE D 182 -37.15 -9.70 -39.84
CA PHE D 182 -38.06 -8.84 -40.65
C PHE D 182 -39.43 -9.50 -40.77
N GLU D 183 -39.48 -10.84 -40.87
CA GLU D 183 -40.72 -11.64 -41.05
C GLU D 183 -41.68 -11.40 -39.87
N ASP D 184 -41.16 -11.26 -38.65
CA ASP D 184 -41.93 -11.24 -37.38
C ASP D 184 -42.30 -9.80 -36.99
N CYS D 185 -41.92 -8.80 -37.80
CA CYS D 185 -42.26 -7.36 -37.56
C CYS D 185 -42.32 -6.58 -38.88
N LYS D 186 -42.66 -7.24 -39.99
CA LYS D 186 -42.71 -6.61 -41.34
C LYS D 186 -43.91 -5.66 -41.40
N ASP D 187 -45.08 -6.10 -40.94
CA ASP D 187 -46.33 -5.32 -40.92
C ASP D 187 -46.40 -4.52 -39.61
N VAL D 188 -45.60 -3.46 -39.52
CA VAL D 188 -45.56 -2.50 -38.37
C VAL D 188 -45.86 -1.11 -38.93
N ASN D 189 -46.48 -0.23 -38.13
CA ASN D 189 -47.05 1.06 -38.57
C ASN D 189 -45.93 2.12 -38.70
N ASP D 190 -44.93 2.10 -37.82
CA ASP D 190 -43.83 3.11 -37.79
C ASP D 190 -42.47 2.43 -37.85
N LEU D 191 -42.31 1.44 -38.73
CA LEU D 191 -41.02 0.73 -39.01
C LEU D 191 -40.32 1.46 -40.17
N LYS D 192 -39.66 2.59 -39.87
CA LYS D 192 -38.86 3.38 -40.84
C LYS D 192 -37.36 3.11 -40.62
N GLN D 193 -36.53 3.50 -41.58
CA GLN D 193 -35.04 3.32 -41.52
C GLN D 193 -34.47 4.24 -40.44
N TYR D 194 -33.27 3.90 -39.94
CA TYR D 194 -32.51 4.68 -38.91
C TYR D 194 -32.36 6.14 -39.36
N ASP D 195 -32.44 7.07 -38.41
CA ASP D 195 -32.33 8.53 -38.67
C ASP D 195 -30.89 8.85 -39.10
N SER D 196 -30.72 9.32 -40.34
CA SER D 196 -29.41 9.72 -40.93
C SER D 196 -29.43 11.23 -41.25
N ASP D 197 -29.74 12.05 -40.25
CA ASP D 197 -29.83 13.54 -40.35
C ASP D 197 -28.41 14.14 -40.38
N GLU D 198 -28.30 15.40 -40.80
CA GLU D 198 -27.05 16.20 -40.72
C GLU D 198 -26.77 16.52 -39.25
N PRO D 199 -25.50 16.60 -38.81
CA PRO D 199 -25.17 17.18 -37.50
C PRO D 199 -25.63 18.65 -37.42
N GLU D 200 -26.28 19.02 -36.32
CA GLU D 200 -26.87 20.37 -36.08
C GLU D 200 -25.73 21.39 -36.00
N PRO D 201 -25.74 22.44 -36.85
CA PRO D 201 -24.64 23.40 -36.91
C PRO D 201 -24.54 24.31 -35.68
N ARG D 202 -23.34 24.36 -35.07
CA ARG D 202 -23.02 25.14 -33.85
C ARG D 202 -22.00 26.24 -34.19
N SER D 203 -22.02 27.34 -33.42
CA SER D 203 -21.16 28.54 -33.60
C SER D 203 -19.89 28.41 -32.75
N LEU D 204 -18.81 29.09 -33.18
CA LEU D 204 -17.48 29.03 -32.51
C LEU D 204 -17.54 29.80 -31.18
N ALA D 205 -17.49 29.06 -30.07
CA ALA D 205 -17.36 29.61 -28.70
C ALA D 205 -15.91 30.06 -28.47
N CYS D 206 -15.69 30.96 -27.50
CA CYS D 206 -14.38 31.60 -27.19
C CYS D 206 -13.51 30.69 -26.33
N TRP D 207 -14.05 29.60 -25.78
CA TRP D 207 -13.37 28.73 -24.78
C TRP D 207 -12.35 27.80 -25.46
N ILE D 208 -12.64 27.31 -26.68
CA ILE D 208 -11.74 26.34 -27.39
C ILE D 208 -10.34 26.96 -27.54
N GLN D 209 -10.25 28.27 -27.75
CA GLN D 209 -8.97 29.03 -27.80
C GLN D 209 -8.32 29.03 -26.40
N SER D 210 -9.10 29.41 -25.38
CA SER D 210 -8.68 29.45 -23.95
C SER D 210 -8.10 28.09 -23.53
N GLU D 211 -8.71 26.99 -23.98
CA GLU D 211 -8.25 25.59 -23.71
C GLU D 211 -6.87 25.36 -24.35
N PHE D 212 -6.72 25.78 -25.60
CA PHE D 212 -5.49 25.57 -26.42
C PHE D 212 -4.36 26.45 -25.88
N ASN D 213 -4.67 27.67 -25.42
CA ASN D 213 -3.67 28.60 -24.82
C ASN D 213 -2.97 27.91 -23.66
N LYS D 214 -3.71 27.15 -22.85
CA LYS D 214 -3.19 26.46 -21.64
C LYS D 214 -2.43 25.18 -22.06
N ALA D 215 -2.70 24.67 -23.26
CA ALA D 215 -2.01 23.49 -23.83
C ALA D 215 -0.55 23.86 -24.14
N CYS D 216 -0.30 25.10 -24.55
CA CYS D 216 1.04 25.61 -24.95
C CYS D 216 1.84 26.04 -23.71
N GLU D 217 1.16 26.21 -22.57
CA GLU D 217 1.76 26.57 -21.26
C GLU D 217 2.82 25.54 -20.86
N LEU D 218 3.90 26.02 -20.21
CA LEU D 218 4.86 25.19 -19.45
C LEU D 218 4.27 24.90 -18.07
N THR D 219 4.69 23.79 -17.46
CA THR D 219 4.25 23.36 -16.10
C THR D 219 5.47 23.32 -15.17
N ASP D 220 5.24 23.01 -13.90
CA ASP D 220 6.29 22.87 -12.85
C ASP D 220 6.77 21.42 -12.78
N SER D 221 6.16 20.51 -13.54
CA SER D 221 6.42 19.05 -13.48
C SER D 221 6.95 18.54 -14.82
N SER D 222 7.81 17.51 -14.78
CA SER D 222 8.33 16.78 -15.96
C SER D 222 7.36 15.63 -16.29
N TRP D 223 6.71 15.68 -17.45
CA TRP D 223 5.54 14.82 -17.78
C TRP D 223 5.94 13.62 -18.64
N VAL D 224 7.15 13.59 -19.19
CA VAL D 224 7.66 12.48 -20.05
C VAL D 224 9.07 12.07 -19.57
N GLU D 225 9.34 10.77 -19.56
CA GLU D 225 10.66 10.17 -19.19
C GLU D 225 11.06 9.17 -20.27
N LEU D 226 11.92 9.57 -21.21
CA LEU D 226 12.32 8.75 -22.39
C LEU D 226 13.59 7.96 -22.08
N ASP D 227 13.69 6.75 -22.62
CA ASP D 227 14.83 5.82 -22.38
C ASP D 227 16.04 6.27 -23.20
N GLU D 228 17.23 5.79 -22.83
CA GLU D 228 18.55 6.14 -23.42
C GLU D 228 18.69 5.53 -24.81
N ILE D 229 19.70 5.97 -25.55
CA ILE D 229 20.18 5.33 -26.81
C ILE D 229 21.71 5.31 -26.78
N GLY D 230 22.34 4.67 -27.78
CA GLY D 230 23.80 4.51 -27.89
C GLY D 230 24.52 5.83 -28.00
N GLU D 231 25.85 5.80 -27.83
CA GLU D 231 26.76 6.97 -27.91
C GLU D 231 26.66 7.60 -29.31
N ASP D 232 26.58 8.92 -29.39
CA ASP D 232 26.64 9.68 -30.67
C ASP D 232 28.06 9.56 -31.23
N VAL D 233 28.22 8.83 -32.34
CA VAL D 233 29.52 8.60 -33.03
C VAL D 233 29.48 9.30 -34.39
N ALA D 234 28.69 8.78 -35.32
CA ALA D 234 28.53 9.29 -36.69
C ALA D 234 28.17 10.78 -36.65
N PRO D 235 28.55 11.58 -37.68
CA PRO D 235 28.36 13.03 -37.64
C PRO D 235 26.88 13.39 -37.47
N ILE D 236 26.03 12.79 -38.31
CA ILE D 236 24.54 12.97 -38.33
C ILE D 236 23.98 12.70 -36.92
N GLU D 237 24.52 11.71 -36.21
CA GLU D 237 24.04 11.28 -34.87
C GLU D 237 24.20 12.43 -33.86
N HIS D 238 25.23 13.28 -34.01
CA HIS D 238 25.45 14.47 -33.14
C HIS D 238 24.34 15.48 -33.37
N ILE D 239 24.10 15.83 -34.64
CA ILE D 239 23.03 16.78 -35.08
C ILE D 239 21.68 16.25 -34.58
N ALA D 240 21.41 14.96 -34.83
CA ALA D 240 20.17 14.24 -34.45
C ALA D 240 19.88 14.45 -32.97
N SER D 241 20.85 14.07 -32.13
CA SER D 241 20.75 14.12 -30.64
C SER D 241 20.78 15.57 -30.16
N MET D 242 21.38 16.49 -30.93
CA MET D 242 21.34 17.94 -30.61
C MET D 242 19.90 18.43 -30.80
N ARG D 243 19.38 18.35 -32.03
CA ARG D 243 17.97 18.70 -32.38
C ARG D 243 17.04 18.11 -31.31
N ARG D 244 17.09 16.79 -31.15
CA ARG D 244 16.17 16.00 -30.30
C ARG D 244 16.23 16.48 -28.85
N ASN D 245 17.43 16.61 -28.27
CA ASN D 245 17.62 16.95 -26.84
C ASN D 245 17.07 18.35 -26.56
N TYR D 246 17.30 19.30 -27.48
CA TYR D 246 16.74 20.67 -27.40
C TYR D 246 15.21 20.59 -27.33
N PHE D 247 14.60 19.95 -28.34
CA PHE D 247 13.12 19.78 -28.48
C PHE D 247 12.54 19.13 -27.22
N THR D 248 13.14 18.00 -26.81
CA THR D 248 12.69 17.18 -25.65
C THR D 248 12.82 18.01 -24.37
N ALA D 249 13.59 19.10 -24.38
CA ALA D 249 13.75 20.03 -23.24
C ALA D 249 12.54 20.99 -23.17
N GLU D 250 12.19 21.61 -24.30
CA GLU D 250 11.11 22.64 -24.39
C GLU D 250 9.75 21.95 -24.17
N VAL D 251 9.64 20.69 -24.59
CA VAL D 251 8.37 19.90 -24.61
C VAL D 251 8.20 19.16 -23.27
N SER D 252 9.29 18.80 -22.60
CA SER D 252 9.33 18.00 -21.35
C SER D 252 8.25 18.46 -20.38
N HIS D 253 8.17 19.77 -20.15
CA HIS D 253 7.37 20.40 -19.06
C HIS D 253 6.05 20.97 -19.59
N CYS D 254 5.85 20.99 -20.91
CA CYS D 254 4.64 21.53 -21.61
C CYS D 254 3.36 20.83 -21.10
N ARG D 255 2.26 21.57 -20.94
CA ARG D 255 1.00 21.02 -20.37
C ARG D 255 0.42 19.95 -21.32
N ALA D 256 0.54 20.15 -22.63
CA ALA D 256 0.04 19.20 -23.68
C ALA D 256 0.60 17.79 -23.40
N THR D 257 1.84 17.72 -22.91
CA THR D 257 2.54 16.46 -22.53
C THR D 257 1.77 15.78 -21.38
N GLU D 258 1.27 16.55 -20.41
CA GLU D 258 0.40 16.04 -19.32
C GLU D 258 -0.83 15.38 -19.96
N TYR D 259 -1.47 16.06 -20.92
CA TYR D 259 -2.64 15.54 -21.68
C TYR D 259 -2.26 14.26 -22.40
N ILE D 260 -1.09 14.23 -23.06
CA ILE D 260 -0.59 13.01 -23.79
C ILE D 260 -0.60 11.81 -22.84
N MET D 261 0.02 11.95 -21.67
CA MET D 261 0.06 10.88 -20.64
C MET D 261 -1.36 10.58 -20.15
N LYS D 262 -2.10 11.63 -19.77
CA LYS D 262 -3.48 11.55 -19.22
C LYS D 262 -4.34 10.66 -20.13
N GLY D 263 -4.35 10.97 -21.43
CA GLY D 263 -5.08 10.21 -22.47
C GLY D 263 -4.67 8.74 -22.49
N VAL D 264 -3.36 8.48 -22.53
CA VAL D 264 -2.78 7.11 -22.59
C VAL D 264 -3.24 6.34 -21.34
N TYR D 265 -2.99 6.89 -20.16
CA TYR D 265 -3.29 6.29 -18.83
C TYR D 265 -4.77 5.93 -18.71
N ILE D 266 -5.65 6.76 -19.26
CA ILE D 266 -7.12 6.52 -19.25
C ILE D 266 -7.45 5.45 -20.29
N ASN D 267 -7.14 5.72 -21.57
CA ASN D 267 -7.51 4.85 -22.71
C ASN D 267 -6.99 3.43 -22.47
N THR D 268 -5.70 3.27 -22.17
CA THR D 268 -5.05 1.97 -21.87
C THR D 268 -5.94 1.18 -20.89
N ALA D 269 -6.15 1.73 -19.69
CA ALA D 269 -6.91 1.10 -18.58
C ALA D 269 -8.34 0.82 -19.03
N LEU D 270 -8.98 1.77 -19.71
CA LEU D 270 -10.39 1.65 -20.19
C LEU D 270 -10.50 0.46 -21.16
N LEU D 271 -9.55 0.34 -22.09
CA LEU D 271 -9.57 -0.69 -23.17
C LEU D 271 -9.32 -2.07 -22.57
N ASN D 272 -8.51 -2.17 -21.51
CA ASN D 272 -8.20 -3.44 -20.80
C ASN D 272 -9.46 -3.92 -20.08
N ALA D 273 -10.04 -3.06 -19.25
CA ALA D 273 -11.32 -3.31 -18.53
C ALA D 273 -12.44 -3.61 -19.53
N SER D 274 -12.43 -2.93 -20.69
CA SER D 274 -13.40 -3.14 -21.80
C SER D 274 -13.37 -4.62 -22.24
N CYS D 275 -12.20 -5.26 -22.22
CA CYS D 275 -11.98 -6.64 -22.71
C CYS D 275 -12.29 -7.66 -21.61
N ALA D 276 -11.64 -7.55 -20.46
CA ALA D 276 -11.70 -8.53 -19.33
C ALA D 276 -13.08 -8.49 -18.68
N ALA D 277 -13.46 -7.35 -18.10
CA ALA D 277 -14.73 -7.14 -17.36
C ALA D 277 -15.81 -6.67 -18.33
N MET D 278 -16.24 -7.56 -19.24
CA MET D 278 -17.24 -7.24 -20.30
C MET D 278 -18.59 -6.91 -19.67
N ASP D 279 -18.99 -7.65 -18.62
CA ASP D 279 -20.34 -7.55 -18.00
C ASP D 279 -20.30 -6.77 -16.69
N ASP D 280 -19.10 -6.44 -16.18
CA ASP D 280 -18.93 -5.72 -14.89
C ASP D 280 -18.90 -4.21 -15.13
N PHE D 281 -19.49 -3.44 -14.22
CA PHE D 281 -19.48 -1.95 -14.20
C PHE D 281 -18.24 -1.49 -13.43
N GLN D 282 -17.05 -1.73 -13.99
CA GLN D 282 -15.74 -1.55 -13.31
C GLN D 282 -15.50 -0.06 -13.04
N LEU D 283 -15.13 0.29 -11.80
CA LEU D 283 -14.64 1.64 -11.44
C LEU D 283 -13.19 1.75 -11.94
N ILE D 284 -12.91 2.73 -12.80
CA ILE D 284 -11.57 3.00 -13.41
C ILE D 284 -11.13 4.40 -13.00
N PRO D 285 -10.15 4.55 -12.07
CA PRO D 285 -9.75 5.86 -11.61
C PRO D 285 -8.83 6.54 -12.63
N MET D 286 -8.91 7.88 -12.75
CA MET D 286 -8.18 8.68 -13.77
C MET D 286 -6.87 9.21 -13.16
N ILE D 287 -5.75 8.58 -13.47
CA ILE D 287 -4.44 8.78 -12.78
C ILE D 287 -3.35 9.10 -13.79
N SER D 288 -2.48 10.07 -13.46
CA SER D 288 -1.20 10.37 -14.16
C SER D 288 -0.09 10.54 -13.13
N LYS D 289 1.14 10.16 -13.48
CA LYS D 289 2.33 10.22 -12.60
C LYS D 289 3.39 11.11 -13.24
N CYS D 290 4.09 11.92 -12.45
CA CYS D 290 5.10 12.88 -12.95
C CYS D 290 6.17 13.18 -11.89
N ARG D 291 7.30 13.73 -12.33
CA ARG D 291 8.42 14.21 -11.47
C ARG D 291 8.24 15.71 -11.22
N THR D 292 8.42 16.12 -9.97
CA THR D 292 8.18 17.51 -9.47
C THR D 292 9.34 18.42 -9.93
N LYS D 293 9.30 19.68 -9.49
CA LYS D 293 10.39 20.67 -9.68
C LYS D 293 11.67 20.13 -9.02
N GLU D 294 11.51 19.51 -7.85
CA GLU D 294 12.63 18.95 -7.04
C GLU D 294 13.16 17.68 -7.71
N GLY D 295 12.27 16.78 -8.13
CA GLY D 295 12.61 15.46 -8.72
C GLY D 295 11.90 14.30 -8.04
N ARG D 296 11.20 14.55 -6.92
CA ARG D 296 10.31 13.61 -6.20
C ARG D 296 9.26 13.01 -7.15
N ARG D 297 8.91 11.73 -6.96
CA ARG D 297 7.84 11.02 -7.71
C ARG D 297 6.48 11.55 -7.23
N LYS D 298 5.53 11.78 -8.15
CA LYS D 298 4.19 12.34 -7.81
C LYS D 298 3.08 11.61 -8.59
N THR D 299 2.13 11.00 -7.88
CA THR D 299 0.92 10.32 -8.43
C THR D 299 -0.30 11.23 -8.26
N ASN D 300 -1.09 11.40 -9.32
CA ASN D 300 -2.24 12.34 -9.42
C ASN D 300 -3.53 11.58 -9.74
N LEU D 301 -4.65 12.02 -9.15
CA LEU D 301 -6.04 11.54 -9.43
C LEU D 301 -6.90 12.72 -9.90
N TYR D 302 -7.42 12.65 -11.13
CA TYR D 302 -8.27 13.69 -11.78
C TYR D 302 -9.76 13.45 -11.48
N GLY D 303 -10.10 12.22 -11.11
CA GLY D 303 -11.48 11.74 -10.87
C GLY D 303 -11.61 10.25 -11.15
N PHE D 304 -12.83 9.79 -11.44
CA PHE D 304 -13.17 8.37 -11.69
C PHE D 304 -14.00 8.23 -12.97
N ILE D 305 -13.90 7.06 -13.61
CA ILE D 305 -14.67 6.65 -14.82
C ILE D 305 -15.26 5.26 -14.57
N ILE D 306 -16.59 5.17 -14.44
CA ILE D 306 -17.31 3.85 -14.40
C ILE D 306 -17.65 3.47 -15.85
N LYS D 307 -17.05 2.37 -16.32
CA LYS D 307 -17.30 1.76 -17.65
C LYS D 307 -18.58 0.92 -17.56
N GLY D 308 -19.47 1.08 -18.54
CA GLY D 308 -20.68 0.24 -18.68
C GLY D 308 -20.35 -1.14 -19.18
N ARG D 309 -21.32 -1.84 -19.75
CA ARG D 309 -21.11 -3.17 -20.37
C ARG D 309 -20.30 -2.95 -21.66
N SER D 310 -19.22 -3.72 -21.83
CA SER D 310 -18.22 -3.57 -22.92
C SER D 310 -18.17 -4.84 -23.76
N HIS D 311 -19.24 -5.11 -24.51
CA HIS D 311 -19.31 -6.19 -25.52
C HIS D 311 -18.95 -5.61 -26.88
N LEU D 312 -17.65 -5.55 -27.21
CA LEU D 312 -17.12 -4.99 -28.47
C LEU D 312 -16.66 -6.13 -29.39
N ARG D 313 -17.32 -6.27 -30.54
CA ARG D 313 -16.97 -7.20 -31.65
C ARG D 313 -16.33 -6.37 -32.78
N ASN D 314 -17.02 -5.30 -33.20
CA ASN D 314 -16.54 -4.33 -34.23
C ASN D 314 -15.69 -3.26 -33.54
N ASP D 315 -14.73 -2.68 -34.27
CA ASP D 315 -13.87 -1.57 -33.79
C ASP D 315 -14.72 -0.31 -33.60
N THR D 316 -15.82 -0.21 -34.35
CA THR D 316 -16.77 0.94 -34.35
C THR D 316 -17.73 0.87 -33.17
N ASP D 317 -18.07 -0.35 -32.73
CA ASP D 317 -19.02 -0.63 -31.61
C ASP D 317 -18.58 0.16 -30.38
N VAL D 318 -19.53 0.80 -29.70
CA VAL D 318 -19.29 1.81 -28.63
C VAL D 318 -19.42 1.16 -27.25
N VAL D 319 -18.65 1.68 -26.28
CA VAL D 319 -18.75 1.37 -24.82
C VAL D 319 -19.10 2.69 -24.12
N ASN D 320 -20.24 2.72 -23.40
CA ASN D 320 -20.67 3.90 -22.61
C ASN D 320 -19.93 3.91 -21.27
N PHE D 321 -19.59 5.09 -20.77
CA PHE D 321 -18.97 5.29 -19.43
C PHE D 321 -19.47 6.63 -18.83
N VAL D 322 -19.07 6.91 -17.59
CA VAL D 322 -19.44 8.14 -16.82
C VAL D 322 -18.17 8.82 -16.32
N SER D 323 -17.85 10.01 -16.83
CA SER D 323 -16.66 10.82 -16.45
C SER D 323 -17.02 11.76 -15.30
N MET D 324 -16.79 11.31 -14.06
CA MET D 324 -16.83 12.11 -12.81
C MET D 324 -15.42 12.68 -12.56
N GLU D 325 -15.21 13.97 -12.82
CA GLU D 325 -13.87 14.61 -12.79
C GLU D 325 -13.89 15.79 -11.82
N PHE D 326 -12.85 15.90 -10.99
CA PHE D 326 -12.65 17.03 -10.05
C PHE D 326 -12.30 18.28 -10.87
N SER D 327 -12.79 19.44 -10.40
CA SER D 327 -12.52 20.77 -11.00
C SER D 327 -12.79 21.89 -9.99
N LEU D 328 -12.04 22.98 -10.11
CA LEU D 328 -12.26 24.26 -9.36
C LEU D 328 -13.08 25.23 -10.22
N THR D 329 -13.14 25.01 -11.54
CA THR D 329 -13.84 25.89 -12.52
C THR D 329 -15.34 25.91 -12.18
N ASP D 330 -15.86 27.10 -11.87
CA ASP D 330 -17.31 27.35 -11.68
C ASP D 330 -18.00 27.14 -13.02
N PRO D 331 -18.94 26.17 -13.15
CA PRO D 331 -19.53 25.86 -14.46
C PRO D 331 -20.41 26.99 -15.00
N ARG D 332 -20.94 27.83 -14.10
CA ARG D 332 -21.88 28.94 -14.41
C ARG D 332 -21.17 30.08 -15.14
N LEU D 333 -19.84 30.03 -15.27
CA LEU D 333 -19.04 31.03 -16.03
C LEU D 333 -19.33 30.88 -17.53
N GLU D 334 -19.22 29.68 -18.07
CA GLU D 334 -19.45 29.34 -19.50
C GLU D 334 -20.34 28.10 -19.58
N PRO D 335 -21.64 28.21 -19.26
CA PRO D 335 -22.51 27.03 -19.13
C PRO D 335 -22.81 26.32 -20.45
N HIS D 336 -22.62 27.02 -21.58
CA HIS D 336 -22.80 26.49 -22.96
C HIS D 336 -21.75 25.41 -23.26
N LYS D 337 -20.54 25.56 -22.72
CA LYS D 337 -19.41 24.60 -22.83
C LYS D 337 -19.84 23.26 -22.22
N TRP D 338 -20.55 23.30 -21.09
CA TRP D 338 -20.92 22.13 -20.25
C TRP D 338 -22.34 21.66 -20.59
N GLU D 339 -22.73 21.76 -21.86
CA GLU D 339 -24.06 21.37 -22.39
C GLU D 339 -24.36 19.92 -21.98
N LYS D 340 -23.41 19.01 -22.20
CA LYS D 340 -23.61 17.54 -22.02
C LYS D 340 -23.17 17.10 -20.62
N TYR D 341 -22.64 18.01 -19.81
CA TYR D 341 -22.13 17.74 -18.44
C TYR D 341 -23.19 18.13 -17.39
N CYS D 342 -23.30 17.34 -16.32
CA CYS D 342 -24.04 17.71 -15.06
C CYS D 342 -23.02 17.99 -13.96
N VAL D 343 -22.93 19.23 -13.49
CA VAL D 343 -21.87 19.70 -12.55
C VAL D 343 -22.44 19.79 -11.13
N LEU D 344 -21.79 19.11 -10.18
CA LEU D 344 -22.12 19.13 -8.72
C LEU D 344 -21.13 20.06 -8.00
N GLU D 345 -21.43 20.39 -6.74
CA GLU D 345 -20.52 21.11 -5.81
C GLU D 345 -20.19 20.14 -4.65
N ILE D 346 -19.05 19.45 -4.72
CA ILE D 346 -18.82 18.19 -3.94
C ILE D 346 -17.83 18.44 -2.79
N GLY D 347 -17.54 19.70 -2.46
CA GLY D 347 -16.69 20.06 -1.31
C GLY D 347 -16.14 21.48 -1.40
N ASP D 348 -15.37 21.89 -0.39
CA ASP D 348 -14.67 23.20 -0.33
C ASP D 348 -13.17 22.95 -0.14
N MET D 349 -12.33 23.60 -0.96
CA MET D 349 -10.87 23.36 -0.99
C MET D 349 -10.16 24.55 -0.32
N LEU D 350 -9.06 24.30 0.38
CA LEU D 350 -8.28 25.33 1.13
C LEU D 350 -6.89 25.46 0.52
N LEU D 351 -6.80 26.24 -0.56
CA LEU D 351 -5.54 26.55 -1.30
C LEU D 351 -4.65 27.44 -0.42
N ARG D 352 -3.38 27.05 -0.26
CA ARG D 352 -2.30 27.92 0.28
C ARG D 352 -1.71 28.72 -0.90
N THR D 353 -2.10 29.99 -1.03
CA THR D 353 -1.67 30.90 -2.13
C THR D 353 -0.53 31.80 -1.64
N ALA D 354 0.13 32.49 -2.57
CA ALA D 354 1.30 33.37 -2.31
C ALA D 354 0.87 34.64 -1.57
N VAL D 355 -0.44 34.92 -1.49
CA VAL D 355 -1.03 36.12 -0.82
C VAL D 355 -1.71 35.71 0.50
N GLY D 356 -1.70 34.41 0.84
CA GLY D 356 -2.34 33.90 2.08
C GLY D 356 -3.07 32.58 1.85
N GLN D 357 -4.24 32.41 2.49
CA GLN D 357 -5.04 31.16 2.42
C GLN D 357 -6.46 31.47 1.91
N VAL D 358 -6.74 31.13 0.65
CA VAL D 358 -8.06 31.29 -0.03
C VAL D 358 -8.87 30.00 0.12
N SER D 359 -10.20 30.11 0.10
CA SER D 359 -11.15 28.97 0.21
C SER D 359 -12.09 28.93 -1.01
N ARG D 360 -11.60 28.38 -2.13
CA ARG D 360 -12.36 28.12 -3.37
C ARG D 360 -13.18 26.84 -3.18
N PRO D 361 -14.34 26.68 -3.87
CA PRO D 361 -15.14 25.45 -3.78
C PRO D 361 -14.82 24.41 -4.87
N MET D 362 -14.89 23.11 -4.50
CA MET D 362 -14.56 21.96 -5.38
C MET D 362 -15.84 21.42 -6.04
N PHE D 363 -15.87 21.46 -7.38
CA PHE D 363 -16.98 20.95 -8.23
C PHE D 363 -16.64 19.53 -8.70
N LEU D 364 -17.58 18.89 -9.41
CA LEU D 364 -17.41 17.55 -10.05
C LEU D 364 -18.18 17.55 -11.37
N TYR D 365 -17.48 17.40 -12.50
CA TYR D 365 -18.05 17.44 -13.86
C TYR D 365 -18.41 16.02 -14.30
N VAL D 366 -19.55 15.53 -13.79
CA VAL D 366 -20.14 14.20 -14.11
C VAL D 366 -20.77 14.28 -15.51
N ARG D 367 -20.59 13.24 -16.33
CA ARG D 367 -21.10 13.21 -17.73
C ARG D 367 -21.11 11.77 -18.26
N THR D 368 -22.25 11.33 -18.80
CA THR D 368 -22.39 10.11 -19.64
C THR D 368 -21.65 10.36 -20.95
N ASN D 369 -20.69 9.48 -21.29
CA ASN D 369 -19.89 9.57 -22.53
C ASN D 369 -19.75 8.17 -23.14
N GLY D 370 -19.15 8.09 -24.33
CA GLY D 370 -18.84 6.82 -25.03
C GLY D 370 -17.49 6.89 -25.74
N THR D 371 -16.95 5.72 -26.10
CA THR D 371 -15.72 5.56 -26.94
C THR D 371 -15.80 4.19 -27.64
N SER D 372 -14.89 3.94 -28.57
CA SER D 372 -14.81 2.70 -29.39
C SER D 372 -13.40 2.10 -29.29
N LYS D 373 -13.25 0.82 -29.63
CA LYS D 373 -11.94 0.12 -29.61
C LYS D 373 -10.92 0.97 -30.40
N ILE D 374 -11.28 1.37 -31.63
CA ILE D 374 -10.40 2.20 -32.51
C ILE D 374 -10.05 3.51 -31.79
N LYS D 375 -11.04 4.20 -31.21
CA LYS D 375 -10.84 5.52 -30.53
C LYS D 375 -9.92 5.33 -29.32
N MET D 376 -10.07 4.23 -28.58
CA MET D 376 -9.22 3.90 -27.41
C MET D 376 -7.79 3.58 -27.88
N LYS D 377 -7.66 2.68 -28.87
CA LYS D 377 -6.36 2.26 -29.47
C LYS D 377 -5.53 3.48 -29.87
N TRP D 378 -6.17 4.52 -30.43
CA TRP D 378 -5.50 5.74 -30.94
C TRP D 378 -5.26 6.73 -29.80
N GLY D 379 -5.99 6.59 -28.70
CA GLY D 379 -5.74 7.32 -27.44
C GLY D 379 -4.46 6.82 -26.78
N MET D 380 -4.22 5.51 -26.84
CA MET D 380 -3.00 4.85 -26.27
C MET D 380 -1.76 5.28 -27.07
N GLU D 381 -1.89 5.47 -28.38
CA GLU D 381 -0.78 5.86 -29.28
C GLU D 381 -0.77 7.38 -29.45
N MET D 382 -0.90 8.14 -28.37
CA MET D 382 -0.93 9.64 -28.40
C MET D 382 0.51 10.16 -28.42
N ARG D 383 1.47 9.38 -27.94
CA ARG D 383 2.89 9.78 -27.85
C ARG D 383 3.44 10.12 -29.25
N ARG D 384 2.85 9.59 -30.33
CA ARG D 384 3.25 9.94 -31.72
C ARG D 384 3.03 11.44 -31.95
N CYS D 385 2.29 12.12 -31.06
CA CYS D 385 2.20 13.61 -31.02
C CYS D 385 3.59 14.21 -30.89
N LEU D 386 4.42 13.64 -30.01
CA LEU D 386 5.83 14.06 -29.81
C LEU D 386 6.61 13.83 -31.12
N LEU D 387 6.51 12.63 -31.70
CA LEU D 387 7.19 12.27 -32.97
C LEU D 387 6.80 13.25 -34.08
N GLN D 388 5.49 13.45 -34.34
CA GLN D 388 5.04 14.42 -35.38
C GLN D 388 5.56 15.81 -35.02
N SER D 389 5.31 16.26 -33.79
CA SER D 389 5.76 17.58 -33.28
C SER D 389 7.24 17.79 -33.62
N LEU D 390 8.10 16.81 -33.30
CA LEU D 390 9.57 16.85 -33.59
C LEU D 390 9.79 16.83 -35.10
N GLN D 391 9.05 16.00 -35.84
CA GLN D 391 9.12 15.88 -37.32
C GLN D 391 8.90 17.27 -37.94
N GLN D 392 7.90 18.01 -37.45
CA GLN D 392 7.53 19.37 -37.95
C GLN D 392 8.72 20.33 -37.80
N ILE D 393 9.40 20.32 -36.65
CA ILE D 393 10.63 21.15 -36.39
C ILE D 393 11.76 20.65 -37.30
N GLU D 394 12.03 19.33 -37.28
CA GLU D 394 13.13 18.70 -38.04
C GLU D 394 13.01 19.06 -39.53
N SER D 395 11.80 18.94 -40.10
CA SER D 395 11.49 19.32 -41.51
C SER D 395 11.74 20.82 -41.72
N MET D 396 11.23 21.65 -40.80
CA MET D 396 11.36 23.13 -40.82
C MET D 396 12.86 23.50 -40.85
N ILE D 397 13.69 22.80 -40.08
CA ILE D 397 15.18 23.02 -40.04
C ILE D 397 15.78 22.50 -41.36
N GLU D 398 15.51 21.22 -41.69
CA GLU D 398 16.00 20.54 -42.92
C GLU D 398 15.79 21.46 -44.12
N ALA D 399 14.60 22.09 -44.19
CA ALA D 399 14.19 23.00 -45.30
C ALA D 399 15.04 24.27 -45.30
N GLU D 400 14.97 25.08 -44.23
CA GLU D 400 15.64 26.40 -44.11
C GLU D 400 17.16 26.21 -44.28
N SER D 401 17.67 25.01 -44.03
CA SER D 401 19.10 24.65 -44.13
C SER D 401 19.49 24.32 -45.58
N SER D 402 18.59 23.70 -46.35
CA SER D 402 18.84 23.17 -47.72
C SER D 402 19.12 24.30 -48.72
N VAL D 403 18.55 25.50 -48.51
CA VAL D 403 18.74 26.70 -49.37
C VAL D 403 20.17 27.20 -49.19
N LYS D 404 20.67 27.23 -47.94
CA LYS D 404 22.03 27.71 -47.58
C LYS D 404 23.05 26.58 -47.83
N GLU D 405 22.59 25.32 -47.83
CA GLU D 405 23.42 24.09 -47.93
C GLU D 405 24.36 24.02 -46.72
N LYS D 406 23.84 24.38 -45.55
CA LYS D 406 24.57 24.45 -44.25
C LYS D 406 23.56 24.25 -43.11
N ASP D 407 23.72 23.18 -42.33
CA ASP D 407 22.79 22.79 -41.23
C ASP D 407 22.63 23.98 -40.27
N LEU D 408 21.40 24.45 -40.07
CA LEU D 408 21.07 25.64 -39.25
C LEU D 408 20.52 25.23 -37.87
N THR D 409 20.87 24.04 -37.36
CA THR D 409 20.32 23.47 -36.10
C THR D 409 20.76 24.31 -34.90
N LYS D 410 22.08 24.34 -34.66
CA LYS D 410 22.72 25.08 -33.53
C LYS D 410 22.25 26.53 -33.56
N GLU D 411 22.30 27.17 -34.74
CA GLU D 411 21.84 28.58 -34.94
C GLU D 411 20.35 28.68 -34.60
N PHE D 412 19.56 27.73 -35.08
CA PHE D 412 18.08 27.66 -34.98
C PHE D 412 17.67 27.60 -33.51
N PHE D 413 18.32 26.73 -32.72
CA PHE D 413 17.95 26.55 -31.28
C PHE D 413 18.66 27.58 -30.38
N GLU D 414 19.97 27.74 -30.52
CA GLU D 414 20.80 28.53 -29.55
C GLU D 414 20.48 30.02 -29.66
N ASN D 415 20.38 30.56 -30.87
CA ASN D 415 20.19 32.03 -31.09
C ASN D 415 18.93 32.44 -30.33
N LYS D 416 19.09 32.93 -29.10
CA LYS D 416 18.00 33.16 -28.11
C LYS D 416 16.97 34.22 -28.56
N SER D 417 17.36 35.17 -29.41
CA SER D 417 16.47 36.23 -29.97
C SER D 417 15.59 35.67 -31.10
N GLU D 418 16.22 35.21 -32.19
CA GLU D 418 15.58 34.78 -33.47
C GLU D 418 14.11 34.39 -33.23
N THR D 419 13.18 35.31 -33.51
CA THR D 419 11.76 35.20 -33.11
C THR D 419 10.99 34.39 -34.17
N TRP D 420 9.73 34.06 -33.89
CA TRP D 420 8.83 33.27 -34.78
C TRP D 420 7.37 33.70 -34.59
N PRO D 421 6.69 34.16 -35.66
CA PRO D 421 5.30 34.60 -35.52
C PRO D 421 4.43 33.41 -35.13
N ILE D 422 3.73 33.49 -33.99
CA ILE D 422 3.05 32.31 -33.38
C ILE D 422 1.66 32.67 -32.83
N GLY D 423 1.47 33.87 -32.28
CA GLY D 423 0.21 34.30 -31.65
C GLY D 423 -0.23 35.67 -32.13
N GLU D 424 -1.39 36.12 -31.66
CA GLU D 424 -1.99 37.44 -32.00
C GLU D 424 -2.57 38.06 -30.73
N SER D 425 -2.16 39.27 -30.39
CA SER D 425 -2.77 40.14 -29.35
C SER D 425 -3.46 41.31 -30.06
N PRO D 426 -4.30 42.11 -29.37
CA PRO D 426 -4.90 43.31 -29.98
C PRO D 426 -3.88 44.23 -30.69
N LYS D 427 -2.60 44.15 -30.29
CA LYS D 427 -1.47 44.93 -30.87
C LYS D 427 -1.17 44.47 -32.30
N GLY D 428 -1.61 43.26 -32.68
CA GLY D 428 -1.33 42.61 -33.98
C GLY D 428 -0.65 41.28 -33.80
N VAL D 429 0.00 40.76 -34.84
CA VAL D 429 0.73 39.45 -34.81
C VAL D 429 1.89 39.58 -33.83
N GLU D 430 2.00 38.65 -32.87
CA GLU D 430 3.09 38.57 -31.88
C GLU D 430 4.07 37.47 -32.30
N GLU D 431 5.36 37.70 -32.08
CA GLU D 431 6.46 36.75 -32.41
C GLU D 431 6.91 36.05 -31.12
N GLY D 432 7.12 34.72 -31.18
CA GLY D 432 7.56 33.90 -30.04
C GLY D 432 8.93 33.30 -30.27
N SER D 433 9.41 32.53 -29.29
CA SER D 433 10.73 31.82 -29.30
C SER D 433 10.56 30.39 -29.79
N ILE D 434 11.63 29.81 -30.32
CA ILE D 434 11.68 28.41 -30.83
C ILE D 434 11.04 27.48 -29.79
N GLY D 435 11.34 27.72 -28.50
CA GLY D 435 10.75 26.98 -27.36
C GLY D 435 9.23 27.00 -27.43
N LYS D 436 8.65 28.19 -27.56
CA LYS D 436 7.19 28.42 -27.70
C LYS D 436 6.71 27.73 -28.98
N VAL D 437 7.45 27.88 -30.09
CA VAL D 437 7.15 27.20 -31.39
C VAL D 437 6.94 25.72 -31.13
N CYS D 438 7.93 25.05 -30.53
CA CYS D 438 7.91 23.59 -30.24
C CYS D 438 6.61 23.23 -29.51
N ARG D 439 6.37 23.87 -28.36
CA ARG D 439 5.19 23.61 -27.49
C ARG D 439 3.89 23.82 -28.28
N THR D 440 3.78 24.92 -29.03
CA THR D 440 2.59 25.25 -29.86
C THR D 440 2.37 24.10 -30.87
N LEU D 441 3.41 23.81 -31.66
CA LEU D 441 3.40 22.74 -32.71
C LEU D 441 3.05 21.39 -32.08
N LEU D 442 3.44 21.15 -30.82
CA LEU D 442 3.02 19.95 -30.06
C LEU D 442 1.51 20.04 -29.77
N ALA D 443 1.10 21.08 -29.05
CA ALA D 443 -0.30 21.32 -28.62
C ALA D 443 -1.25 21.10 -29.81
N LYS D 444 -0.97 21.75 -30.95
CA LYS D 444 -1.76 21.55 -32.18
C LYS D 444 -1.92 20.05 -32.43
N SER D 445 -0.80 19.33 -32.52
CA SER D 445 -0.70 17.89 -32.81
C SER D 445 -1.49 17.07 -31.76
N VAL D 446 -1.50 17.52 -30.52
CA VAL D 446 -2.25 16.86 -29.39
C VAL D 446 -3.74 17.05 -29.60
N PHE D 447 -4.18 18.30 -29.80
CA PHE D 447 -5.62 18.64 -30.01
C PHE D 447 -6.13 17.99 -31.29
N ASN D 448 -5.27 17.82 -32.30
CA ASN D 448 -5.56 17.03 -33.54
C ASN D 448 -5.91 15.59 -33.16
N SER D 449 -5.39 15.08 -32.04
CA SER D 449 -5.64 13.70 -31.52
C SER D 449 -6.85 13.70 -30.60
N LEU D 450 -6.88 14.61 -29.62
CA LEU D 450 -8.00 14.76 -28.64
C LEU D 450 -9.31 15.00 -29.37
N TYR D 451 -9.33 15.93 -30.34
CA TYR D 451 -10.55 16.39 -31.06
C TYR D 451 -10.55 15.90 -32.51
N ALA D 452 -10.01 14.70 -32.77
CA ALA D 452 -10.00 14.05 -34.10
C ALA D 452 -11.44 13.89 -34.58
N SER D 453 -11.71 14.22 -35.84
CA SER D 453 -13.08 14.23 -36.44
C SER D 453 -12.99 14.34 -37.96
N PRO D 454 -13.86 13.63 -38.70
CA PRO D 454 -13.85 13.69 -40.17
C PRO D 454 -13.85 15.16 -40.65
N GLN D 455 -14.61 16.01 -39.95
CA GLN D 455 -14.66 17.48 -40.18
C GLN D 455 -13.23 18.04 -40.26
N LEU D 456 -12.42 17.77 -39.23
CA LEU D 456 -10.99 18.21 -39.15
C LEU D 456 -10.22 17.62 -40.33
N GLU D 457 -10.20 16.29 -40.40
CA GLU D 457 -9.52 15.50 -41.46
C GLU D 457 -9.77 16.18 -42.81
N GLY D 458 -11.04 16.43 -43.15
CA GLY D 458 -11.47 17.07 -44.41
C GLY D 458 -11.02 18.51 -44.51
N PHE D 459 -11.31 19.33 -43.49
CA PHE D 459 -10.95 20.77 -43.46
C PHE D 459 -9.45 20.94 -43.75
N SER D 460 -8.61 20.23 -42.98
CA SER D 460 -7.13 20.25 -43.11
C SER D 460 -6.74 20.02 -44.57
N ALA D 461 -7.27 18.94 -45.16
CA ALA D 461 -6.98 18.47 -46.54
C ALA D 461 -7.29 19.60 -47.55
N GLU D 462 -8.49 20.19 -47.48
CA GLU D 462 -8.95 21.17 -48.50
C GLU D 462 -8.30 22.53 -48.25
N SER D 463 -8.30 23.02 -46.99
CA SER D 463 -7.72 24.34 -46.60
C SER D 463 -6.25 24.42 -47.02
N ARG D 464 -5.51 23.31 -46.86
CA ARG D 464 -4.09 23.18 -47.30
C ARG D 464 -3.95 23.72 -48.73
N LYS D 465 -4.87 23.35 -49.63
CA LYS D 465 -4.85 23.73 -51.07
C LYS D 465 -4.85 25.26 -51.19
N LEU D 466 -5.87 25.90 -50.61
CA LEU D 466 -6.02 27.39 -50.57
C LEU D 466 -4.76 28.01 -49.95
N LEU D 467 -4.29 27.42 -48.85
CA LEU D 467 -3.06 27.87 -48.12
C LEU D 467 -1.86 27.86 -49.08
N LEU D 468 -1.70 26.79 -49.87
CA LEU D 468 -0.61 26.64 -50.88
C LEU D 468 -0.78 27.69 -51.98
N ILE D 469 -2.01 27.90 -52.45
CA ILE D 469 -2.35 28.96 -53.45
C ILE D 469 -1.86 30.30 -52.88
N VAL D 470 -2.32 30.66 -51.69
CA VAL D 470 -1.97 31.95 -51.01
C VAL D 470 -0.44 32.12 -51.04
N GLN D 471 0.31 31.08 -50.69
CA GLN D 471 1.81 31.13 -50.64
C GLN D 471 2.35 31.50 -52.02
N ALA D 472 1.82 30.91 -53.10
CA ALA D 472 2.26 31.17 -54.50
C ALA D 472 2.14 32.67 -54.83
N LEU D 473 1.10 33.32 -54.30
CA LEU D 473 0.85 34.79 -54.44
C LEU D 473 2.01 35.54 -53.77
N ARG D 474 2.33 35.17 -52.52
CA ARG D 474 3.41 35.77 -51.68
C ARG D 474 4.76 35.61 -52.39
N ASP D 475 4.94 34.51 -53.14
CA ASP D 475 6.18 34.17 -53.88
C ASP D 475 6.22 34.95 -55.21
N ASN D 476 5.15 35.68 -55.54
CA ASN D 476 4.99 36.39 -56.84
C ASN D 476 5.02 35.36 -57.97
N LEU D 477 4.20 34.30 -57.87
CA LEU D 477 4.14 33.22 -58.89
C LEU D 477 2.79 33.22 -59.61
N GLU D 478 2.30 34.42 -59.98
CA GLU D 478 1.05 34.63 -60.78
C GLU D 478 0.08 33.48 -60.58
N PRO D 479 -0.52 33.33 -59.37
CA PRO D 479 -1.40 32.20 -59.11
C PRO D 479 -2.75 32.36 -59.81
N GLY D 480 -3.31 31.23 -60.26
CA GLY D 480 -4.64 31.15 -60.91
C GLY D 480 -5.39 29.91 -60.44
N THR D 481 -6.69 30.04 -60.17
CA THR D 481 -7.61 28.92 -59.81
C THR D 481 -8.49 28.61 -61.01
N PHE D 482 -9.22 27.49 -60.95
CA PHE D 482 -10.19 27.05 -61.99
C PHE D 482 -11.61 27.23 -61.44
N ASP D 483 -11.85 26.81 -60.19
CA ASP D 483 -13.15 26.88 -59.49
C ASP D 483 -12.87 27.21 -58.01
N LEU D 484 -12.45 28.44 -57.72
CA LEU D 484 -12.09 28.90 -56.35
C LEU D 484 -13.29 28.71 -55.42
N GLU D 485 -14.50 29.10 -55.86
CA GLU D 485 -15.77 28.97 -55.10
C GLU D 485 -15.95 27.49 -54.70
N GLY D 486 -15.87 26.58 -55.68
CA GLY D 486 -15.95 25.13 -55.47
C GLY D 486 -15.05 24.68 -54.32
N LEU D 487 -13.78 25.11 -54.35
CA LEU D 487 -12.78 24.83 -53.29
C LEU D 487 -13.34 25.27 -51.92
N TYR D 488 -13.77 26.53 -51.82
CA TYR D 488 -14.42 27.11 -50.60
C TYR D 488 -15.56 26.20 -50.15
N GLU D 489 -16.53 25.95 -51.03
CA GLU D 489 -17.75 25.14 -50.73
C GLU D 489 -17.35 23.81 -50.08
N ALA D 490 -16.26 23.19 -50.57
CA ALA D 490 -15.71 21.91 -50.09
C ALA D 490 -15.08 22.09 -48.69
N ILE D 491 -14.42 23.22 -48.45
CA ILE D 491 -13.78 23.59 -47.15
C ILE D 491 -14.89 23.79 -46.11
N GLU D 492 -15.83 24.69 -46.41
CA GLU D 492 -16.89 25.18 -45.48
C GLU D 492 -17.86 24.02 -45.17
N GLU D 493 -18.07 23.11 -46.13
CA GLU D 493 -18.88 21.86 -45.97
C GLU D 493 -18.46 21.13 -44.69
N CYS D 494 -17.19 21.22 -44.29
CA CYS D 494 -16.59 20.54 -43.12
C CYS D 494 -16.80 21.35 -41.83
N LEU D 495 -17.01 22.67 -41.93
CA LEU D 495 -17.18 23.58 -40.77
C LEU D 495 -18.62 23.47 -40.26
N ILE D 496 -18.90 22.49 -39.39
CA ILE D 496 -20.27 22.22 -38.86
C ILE D 496 -20.33 22.62 -37.38
N ASN D 497 -19.86 21.76 -36.47
CA ASN D 497 -20.10 21.91 -34.99
C ASN D 497 -18.86 21.56 -34.16
N ASP D 498 -17.71 21.27 -34.77
CA ASP D 498 -16.50 20.82 -34.03
C ASP D 498 -15.66 22.01 -33.60
N PRO D 499 -15.65 22.31 -32.27
CA PRO D 499 -14.96 23.48 -31.73
C PRO D 499 -13.55 23.57 -32.33
N TRP D 500 -12.81 22.47 -32.30
CA TRP D 500 -11.42 22.37 -32.81
C TRP D 500 -11.38 22.80 -34.28
N VAL D 501 -12.30 22.28 -35.11
CA VAL D 501 -12.33 22.60 -36.56
C VAL D 501 -12.63 24.10 -36.70
N LEU D 502 -13.70 24.55 -36.03
CA LEU D 502 -14.17 25.96 -36.11
C LEU D 502 -13.01 26.90 -35.75
N LEU D 503 -12.25 26.57 -34.70
CA LEU D 503 -11.07 27.36 -34.27
C LEU D 503 -10.01 27.34 -35.37
N ASN D 504 -9.70 26.15 -35.92
CA ASN D 504 -8.67 25.99 -36.99
C ASN D 504 -9.09 26.80 -38.21
N ALA D 505 -10.39 26.95 -38.44
CA ALA D 505 -10.97 27.84 -39.48
C ALA D 505 -10.74 29.31 -39.09
N SER D 506 -11.19 29.71 -37.89
CA SER D 506 -10.97 31.07 -37.33
C SER D 506 -9.51 31.49 -37.56
N TRP D 507 -8.58 30.61 -37.17
CA TRP D 507 -7.11 30.76 -37.36
C TRP D 507 -6.78 31.07 -38.81
N PHE D 508 -7.35 30.31 -39.76
CA PHE D 508 -7.13 30.52 -41.21
C PHE D 508 -7.54 31.95 -41.57
N ASN D 509 -8.75 32.37 -41.18
CA ASN D 509 -9.24 33.76 -41.38
C ASN D 509 -8.23 34.74 -40.79
N SER D 510 -7.88 34.57 -39.52
CA SER D 510 -6.86 35.38 -38.81
C SER D 510 -5.61 35.53 -39.68
N PHE D 511 -5.08 34.41 -40.18
CA PHE D 511 -3.86 34.36 -41.04
C PHE D 511 -4.11 35.18 -42.31
N LEU D 512 -5.15 34.80 -43.07
CA LEU D 512 -5.52 35.40 -44.38
C LEU D 512 -5.46 36.93 -44.30
N THR D 513 -6.07 37.51 -43.25
CA THR D 513 -6.09 38.96 -42.95
C THR D 513 -4.67 39.54 -43.10
N HIS D 514 -3.68 38.93 -42.43
CA HIS D 514 -2.28 39.41 -42.38
C HIS D 514 -1.51 38.97 -43.64
N ALA D 515 -1.90 37.84 -44.23
CA ALA D 515 -1.25 37.24 -45.43
C ALA D 515 -1.42 38.16 -46.64
N LEU D 516 -2.60 38.76 -46.81
CA LEU D 516 -2.96 39.58 -48.01
C LEU D 516 -2.52 41.04 -47.82
N ARG D 517 -2.02 41.40 -46.63
CA ARG D 517 -1.44 42.73 -46.32
C ARG D 517 0.05 42.74 -46.69
N MET E 1 -1.91 37.17 -24.93
CA MET E 1 -1.64 36.67 -26.32
C MET E 1 -2.41 35.37 -26.55
N ASP E 2 -3.18 35.31 -27.65
CA ASP E 2 -3.90 34.09 -28.11
C ASP E 2 -3.07 33.44 -29.23
N VAL E 3 -2.73 32.16 -29.08
CA VAL E 3 -1.79 31.41 -29.98
C VAL E 3 -2.54 31.01 -31.25
N ASN E 4 -1.84 31.00 -32.38
CA ASN E 4 -2.38 30.64 -33.73
C ASN E 4 -1.28 30.03 -34.59
N PRO E 5 -1.04 28.69 -34.52
CA PRO E 5 0.06 28.07 -35.25
C PRO E 5 0.10 28.50 -36.72
N THR E 6 -1.07 28.61 -37.36
CA THR E 6 -1.26 29.00 -38.78
C THR E 6 -0.46 30.27 -39.10
N LEU E 7 -0.19 31.13 -38.11
CA LEU E 7 0.55 32.41 -38.32
C LEU E 7 2.04 32.14 -38.60
N LEU E 8 2.55 30.93 -38.36
CA LEU E 8 3.93 30.52 -38.73
C LEU E 8 4.18 30.84 -40.22
N PHE E 9 3.22 30.53 -41.08
CA PHE E 9 3.30 30.62 -42.56
C PHE E 9 3.51 32.07 -43.01
N LEU E 10 3.44 33.04 -42.10
CA LEU E 10 3.84 34.45 -42.36
C LEU E 10 5.35 34.51 -42.54
N LYS E 11 6.10 33.82 -41.67
CA LYS E 11 7.58 33.72 -41.73
C LYS E 11 7.98 32.52 -42.60
N VAL E 12 7.33 31.37 -42.41
CA VAL E 12 7.74 30.06 -43.02
C VAL E 12 6.99 29.87 -44.33
N PRO E 13 7.65 29.38 -45.41
CA PRO E 13 6.95 28.90 -46.60
C PRO E 13 6.12 27.62 -46.32
N VAL E 14 4.87 27.62 -46.79
CA VAL E 14 3.87 26.54 -46.54
C VAL E 14 4.51 25.18 -46.85
N GLN E 15 5.25 25.07 -47.95
CA GLN E 15 5.92 23.80 -48.40
C GLN E 15 6.83 23.28 -47.28
N ASN E 16 7.53 24.18 -46.59
CA ASN E 16 8.56 23.84 -45.57
C ASN E 16 7.86 23.22 -44.36
N ALA E 17 6.86 23.92 -43.80
CA ALA E 17 6.11 23.51 -42.59
C ALA E 17 4.76 22.90 -42.97
N ILE E 18 4.68 22.24 -44.13
CA ILE E 18 3.44 21.56 -44.64
C ILE E 18 3.11 20.40 -43.68
N SER E 19 4.14 19.75 -43.14
CA SER E 19 4.06 18.71 -42.09
C SER E 19 3.07 19.10 -40.99
N THR E 20 2.77 20.39 -40.83
CA THR E 20 1.93 20.96 -39.74
C THR E 20 0.45 21.05 -40.16
N THR E 21 0.07 20.61 -41.36
CA THR E 21 -1.32 20.69 -41.90
C THR E 21 -1.95 19.28 -41.97
N PHE E 22 -1.38 18.31 -41.25
CA PHE E 22 -1.81 16.88 -41.25
C PHE E 22 -2.17 16.46 -39.82
N PRO E 23 -3.44 16.13 -39.52
CA PRO E 23 -3.85 15.68 -38.19
C PRO E 23 -3.95 14.15 -38.03
N TYR E 24 -2.84 13.45 -38.25
CA TYR E 24 -2.75 11.96 -38.26
C TYR E 24 -2.15 11.46 -36.93
N THR E 25 -2.73 11.92 -35.81
CA THR E 25 -2.32 11.58 -34.42
C THR E 25 -3.49 11.00 -33.62
N GLY E 26 -4.73 11.40 -33.94
CA GLY E 26 -5.97 10.83 -33.38
C GLY E 26 -6.54 9.76 -34.29
N ASP E 27 -7.64 9.12 -33.88
CA ASP E 27 -8.29 8.00 -34.61
C ASP E 27 -8.79 8.50 -35.96
N PRO E 28 -8.82 7.65 -37.01
CA PRO E 28 -9.34 8.05 -38.31
C PRO E 28 -10.85 7.95 -38.37
N PRO E 29 -11.53 8.63 -39.32
CA PRO E 29 -12.96 8.42 -39.55
C PRO E 29 -13.27 6.98 -39.96
N TYR E 30 -13.93 6.23 -39.06
CA TYR E 30 -14.45 4.86 -39.30
C TYR E 30 -15.96 4.94 -39.61
N SER E 31 -16.41 4.20 -40.62
CA SER E 31 -17.84 4.09 -41.03
C SER E 31 -18.56 3.06 -40.16
N HIS E 32 -19.69 3.44 -39.56
CA HIS E 32 -20.53 2.55 -38.71
C HIS E 32 -21.68 1.98 -39.56
N GLY E 33 -22.14 0.77 -39.22
CA GLY E 33 -23.36 0.14 -39.77
C GLY E 33 -23.12 -0.57 -41.08
N THR E 34 -23.81 -0.15 -42.14
CA THR E 34 -23.78 -0.78 -43.50
C THR E 34 -23.54 0.29 -44.57
N GLY E 35 -22.55 0.07 -45.44
CA GLY E 35 -22.23 0.94 -46.58
C GLY E 35 -22.95 0.52 -47.84
N THR E 36 -24.13 -0.11 -47.69
CA THR E 36 -25.02 -0.51 -48.80
C THR E 36 -25.52 0.74 -49.52
N GLY E 37 -25.89 1.77 -48.74
CA GLY E 37 -26.33 3.08 -49.26
C GLY E 37 -25.25 3.77 -50.08
N TYR E 38 -23.99 3.62 -49.67
CA TYR E 38 -22.81 4.30 -50.28
C TYR E 38 -22.47 3.69 -51.65
N THR E 39 -22.74 2.39 -51.82
CA THR E 39 -22.54 1.63 -53.09
C THR E 39 -23.50 2.14 -54.16
N MET E 40 -24.79 2.18 -53.83
CA MET E 40 -25.89 2.60 -54.75
C MET E 40 -25.61 4.00 -55.30
N ASP E 41 -25.03 4.89 -54.48
CA ASP E 41 -24.54 6.23 -54.90
C ASP E 41 -23.49 6.07 -56.01
N THR E 42 -22.50 5.19 -55.79
CA THR E 42 -21.38 4.92 -56.73
C THR E 42 -21.93 4.32 -58.02
N VAL E 43 -22.91 3.41 -57.92
CA VAL E 43 -23.57 2.80 -59.12
C VAL E 43 -24.34 3.89 -59.87
N ASN E 44 -25.16 4.67 -59.15
CA ASN E 44 -26.09 5.67 -59.73
C ASN E 44 -25.32 6.87 -60.32
N ARG E 45 -24.16 7.21 -59.76
CA ARG E 45 -23.26 8.27 -60.30
C ARG E 45 -22.60 7.75 -61.59
N THR E 46 -21.99 6.55 -61.53
CA THR E 46 -21.30 5.87 -62.66
C THR E 46 -22.22 5.86 -63.89
N HIS E 47 -23.51 5.53 -63.70
CA HIS E 47 -24.53 5.43 -64.79
C HIS E 47 -25.01 6.82 -65.22
N LYS E 48 -24.70 7.88 -64.46
CA LYS E 48 -25.11 9.27 -64.76
C LYS E 48 -24.12 9.92 -65.74
N TYR E 49 -22.82 9.66 -65.56
CA TYR E 49 -21.73 10.25 -66.39
C TYR E 49 -21.69 9.56 -67.76
N SER E 50 -22.42 8.45 -67.91
CA SER E 50 -22.48 7.58 -69.12
C SER E 50 -23.91 7.52 -69.68
N GLU E 51 -24.83 8.35 -69.17
CA GLU E 51 -26.30 8.28 -69.39
C GLU E 51 -26.65 8.04 -70.86
N LYS E 52 -26.02 8.77 -71.79
CA LYS E 52 -26.44 8.90 -73.21
C LYS E 52 -25.85 7.77 -74.07
N GLY E 53 -25.27 6.73 -73.45
CA GLY E 53 -24.76 5.54 -74.15
C GLY E 53 -25.87 4.65 -74.67
N LYS E 54 -25.53 3.47 -75.18
CA LYS E 54 -26.48 2.46 -75.73
C LYS E 54 -26.68 1.35 -74.70
N TRP E 55 -27.95 1.08 -74.31
CA TRP E 55 -28.31 -0.01 -73.36
C TRP E 55 -28.47 -1.33 -74.12
N THR E 56 -27.69 -2.34 -73.72
CA THR E 56 -27.74 -3.75 -74.21
C THR E 56 -28.28 -4.64 -73.08
N THR E 57 -28.80 -5.82 -73.42
CA THR E 57 -29.15 -6.92 -72.48
C THR E 57 -28.20 -8.09 -72.75
N ASN E 58 -27.39 -8.47 -71.76
CA ASN E 58 -26.33 -9.53 -71.90
C ASN E 58 -27.02 -10.85 -72.29
N THR E 59 -26.37 -11.64 -73.15
CA THR E 59 -26.89 -12.92 -73.68
C THR E 59 -26.87 -13.99 -72.58
N GLU E 60 -25.77 -14.11 -71.84
CA GLU E 60 -25.57 -15.11 -70.76
C GLU E 60 -26.24 -14.61 -69.47
N THR E 61 -25.98 -13.35 -69.11
CA THR E 61 -26.27 -12.76 -67.78
C THR E 61 -27.69 -12.21 -67.74
N GLY E 62 -28.08 -11.45 -68.78
CA GLY E 62 -29.33 -10.67 -68.80
C GLY E 62 -29.21 -9.41 -67.96
N ALA E 63 -28.03 -8.76 -67.98
CA ALA E 63 -27.71 -7.52 -67.24
C ALA E 63 -27.90 -6.32 -68.17
N PRO E 64 -28.58 -5.24 -67.73
CA PRO E 64 -28.69 -4.00 -68.51
C PRO E 64 -27.35 -3.26 -68.62
N GLN E 65 -26.61 -3.50 -69.72
CA GLN E 65 -25.23 -2.98 -69.93
C GLN E 65 -25.28 -1.64 -70.66
N LEU E 66 -24.76 -0.57 -70.04
CA LEU E 66 -24.64 0.78 -70.64
C LEU E 66 -23.23 0.96 -71.23
N ASN E 67 -23.14 1.37 -72.49
CA ASN E 67 -21.87 1.58 -73.23
C ASN E 67 -21.80 3.04 -73.70
N PRO E 68 -21.04 3.91 -73.00
CA PRO E 68 -20.96 5.34 -73.35
C PRO E 68 -19.89 5.71 -74.37
N ILE E 69 -19.06 4.74 -74.78
CA ILE E 69 -17.87 4.95 -75.66
C ILE E 69 -18.35 5.44 -77.04
N ASP E 70 -17.57 6.34 -77.65
CA ASP E 70 -17.89 7.00 -78.96
C ASP E 70 -19.18 7.81 -78.79
N GLY E 71 -19.51 8.19 -77.56
CA GLY E 71 -20.80 8.82 -77.20
C GLY E 71 -20.82 10.30 -77.55
N PRO E 72 -21.86 11.05 -77.13
CA PRO E 72 -21.96 12.49 -77.43
C PRO E 72 -20.81 13.28 -76.77
N LEU E 73 -20.02 13.98 -77.58
CA LEU E 73 -18.89 14.83 -77.13
C LEU E 73 -19.44 15.89 -76.17
N PRO E 74 -19.00 15.92 -74.88
CA PRO E 74 -19.66 16.74 -73.87
C PRO E 74 -19.77 18.23 -74.24
N GLU E 75 -20.83 18.89 -73.76
CA GLU E 75 -21.15 20.31 -74.07
C GLU E 75 -21.00 21.18 -72.81
N ASP E 76 -20.81 20.56 -71.63
CA ASP E 76 -20.66 21.24 -70.32
C ASP E 76 -19.36 20.77 -69.65
N ASN E 77 -18.97 21.40 -68.54
CA ASN E 77 -17.75 21.04 -67.76
C ASN E 77 -18.13 20.09 -66.62
N GLU E 78 -19.03 19.15 -66.88
CA GLU E 78 -19.44 18.06 -65.95
C GLU E 78 -18.54 16.85 -66.21
N PRO E 79 -18.55 15.83 -65.32
CA PRO E 79 -17.79 14.59 -65.55
C PRO E 79 -18.36 13.77 -66.72
N SER E 80 -17.58 13.62 -67.79
CA SER E 80 -17.92 12.87 -69.03
C SER E 80 -17.37 11.44 -68.94
N GLY E 81 -18.24 10.44 -69.13
CA GLY E 81 -17.84 9.03 -69.33
C GLY E 81 -17.65 8.70 -70.81
N TYR E 82 -17.91 9.67 -71.69
CA TYR E 82 -17.94 9.53 -73.17
C TYR E 82 -16.54 9.75 -73.72
N ALA E 83 -15.75 8.66 -73.76
CA ALA E 83 -14.40 8.59 -74.35
C ALA E 83 -14.53 8.15 -75.82
N GLN E 84 -13.59 8.58 -76.68
CA GLN E 84 -13.61 8.30 -78.15
C GLN E 84 -12.49 7.33 -78.51
N THR E 85 -12.83 6.20 -79.14
CA THR E 85 -11.90 5.08 -79.50
C THR E 85 -10.76 5.60 -80.37
N ASP E 86 -11.07 6.29 -81.47
CA ASP E 86 -10.08 6.83 -82.45
C ASP E 86 -9.06 7.70 -81.69
N CYS E 87 -9.51 8.43 -80.67
CA CYS E 87 -8.67 9.35 -79.85
C CYS E 87 -7.75 8.55 -78.91
N VAL E 88 -8.28 7.52 -78.25
CA VAL E 88 -7.52 6.63 -77.32
C VAL E 88 -6.48 5.83 -78.12
N LEU E 89 -6.87 5.28 -79.28
CA LEU E 89 -5.97 4.53 -80.18
C LEU E 89 -4.86 5.45 -80.68
N GLU E 90 -5.20 6.68 -81.09
CA GLU E 90 -4.23 7.71 -81.56
C GLU E 90 -3.19 7.98 -80.46
N ALA E 91 -3.64 8.11 -79.21
CA ALA E 91 -2.79 8.37 -78.01
C ALA E 91 -1.77 7.24 -77.85
N MET E 92 -2.24 5.98 -77.84
CA MET E 92 -1.41 4.75 -77.77
C MET E 92 -0.43 4.75 -78.95
N ALA E 93 -0.93 4.99 -80.16
CA ALA E 93 -0.12 5.03 -81.40
C ALA E 93 1.02 6.03 -81.24
N PHE E 94 0.71 7.25 -80.80
CA PHE E 94 1.68 8.37 -80.65
C PHE E 94 2.62 8.11 -79.47
N LEU E 95 2.26 7.21 -78.54
CA LEU E 95 3.16 6.74 -77.46
C LEU E 95 4.23 5.83 -78.08
N GLU E 96 3.81 4.75 -78.76
CA GLU E 96 4.69 3.79 -79.48
C GLU E 96 5.63 4.55 -80.42
N GLU E 97 5.20 5.69 -80.96
CA GLU E 97 6.02 6.56 -81.84
C GLU E 97 7.14 7.22 -81.03
N SER E 98 6.78 7.96 -79.98
CA SER E 98 7.72 8.74 -79.13
C SER E 98 8.64 7.81 -78.33
N HIS E 99 8.20 6.57 -78.06
CA HIS E 99 8.99 5.52 -77.37
C HIS E 99 9.03 4.26 -78.24
N PRO E 100 9.88 4.21 -79.28
CA PRO E 100 9.92 3.07 -80.20
C PRO E 100 10.08 1.70 -79.50
N GLY E 101 9.16 0.78 -79.77
CA GLY E 101 9.22 -0.63 -79.34
C GLY E 101 8.64 -0.86 -77.95
N ILE E 102 8.29 0.21 -77.23
CA ILE E 102 7.86 0.18 -75.79
C ILE E 102 6.84 -0.96 -75.56
N PHE E 103 5.88 -1.14 -76.48
CA PHE E 103 4.83 -2.18 -76.40
C PHE E 103 5.41 -3.54 -76.80
N GLU E 104 6.16 -3.57 -77.91
CA GLU E 104 6.82 -4.78 -78.45
C GLU E 104 7.52 -5.51 -77.29
N ASN E 105 8.41 -4.81 -76.58
CA ASN E 105 9.32 -5.37 -75.54
C ASN E 105 8.51 -5.81 -74.32
N SER E 106 7.68 -4.90 -73.78
CA SER E 106 6.81 -5.12 -72.60
C SER E 106 6.10 -6.47 -72.75
N CYS E 107 5.44 -6.68 -73.90
CA CYS E 107 4.73 -7.93 -74.27
C CYS E 107 5.67 -9.13 -74.09
N LEU E 108 6.91 -9.02 -74.58
CA LEU E 108 7.92 -10.12 -74.52
C LEU E 108 8.24 -10.43 -73.06
N GLU E 109 8.52 -9.40 -72.26
CA GLU E 109 8.89 -9.52 -70.82
C GLU E 109 7.69 -10.03 -70.01
N THR E 110 6.46 -9.72 -70.45
CA THR E 110 5.18 -10.10 -69.78
C THR E 110 4.82 -11.54 -70.16
N MET E 111 5.11 -11.97 -71.39
CA MET E 111 4.88 -13.37 -71.86
C MET E 111 5.68 -14.32 -70.97
N GLU E 112 6.96 -14.02 -70.77
CA GLU E 112 7.85 -14.75 -69.83
C GLU E 112 7.17 -14.83 -68.46
N ILE E 113 6.69 -13.70 -67.94
CA ILE E 113 6.01 -13.59 -66.62
C ILE E 113 4.74 -14.45 -66.61
N VAL E 114 4.03 -14.56 -67.74
CA VAL E 114 2.78 -15.39 -67.86
C VAL E 114 3.15 -16.86 -67.74
N GLN E 115 4.23 -17.30 -68.40
CA GLN E 115 4.63 -18.73 -68.51
C GLN E 115 5.39 -19.19 -67.26
N GLN E 116 5.72 -18.27 -66.35
CA GLN E 116 6.40 -18.57 -65.06
C GLN E 116 5.39 -18.59 -63.92
N THR E 117 4.55 -17.55 -63.82
CA THR E 117 3.67 -17.24 -62.65
C THR E 117 2.99 -18.52 -62.16
N ARG E 118 3.10 -18.78 -60.85
CA ARG E 118 2.44 -19.91 -60.14
C ARG E 118 1.12 -19.42 -59.54
N VAL E 119 0.18 -20.36 -59.36
CA VAL E 119 -1.16 -20.11 -58.72
C VAL E 119 -0.92 -19.58 -57.31
N ASP E 120 0.25 -19.87 -56.73
CA ASP E 120 0.73 -19.40 -55.40
C ASP E 120 0.61 -17.86 -55.30
N LYS E 121 0.79 -17.14 -56.42
CA LYS E 121 0.86 -15.66 -56.47
C LYS E 121 -0.49 -15.05 -56.07
N LEU E 122 -1.60 -15.78 -56.25
CA LEU E 122 -2.98 -15.31 -55.96
C LEU E 122 -3.22 -15.19 -54.45
N THR E 123 -2.55 -16.04 -53.66
CA THR E 123 -2.64 -16.08 -52.17
C THR E 123 -2.14 -14.75 -51.59
N GLN E 124 -1.16 -14.11 -52.24
CA GLN E 124 -0.59 -12.80 -51.86
C GLN E 124 -1.55 -11.68 -52.28
N GLY E 125 -2.68 -11.54 -51.58
CA GLY E 125 -3.75 -10.57 -51.92
C GLY E 125 -4.50 -10.09 -50.69
N ARG E 126 -5.46 -9.17 -50.90
CA ARG E 126 -6.25 -8.50 -49.85
C ARG E 126 -7.47 -9.38 -49.49
N GLN E 127 -8.43 -8.82 -48.75
CA GLN E 127 -9.75 -9.45 -48.45
C GLN E 127 -10.55 -9.61 -49.75
N THR E 128 -10.29 -10.69 -50.49
CA THR E 128 -11.01 -11.08 -51.74
C THR E 128 -12.42 -11.56 -51.39
N TYR E 129 -13.28 -11.66 -52.42
CA TYR E 129 -14.65 -12.22 -52.36
C TYR E 129 -14.62 -13.68 -52.83
N ASP E 130 -14.98 -14.63 -51.96
CA ASP E 130 -15.00 -16.08 -52.28
C ASP E 130 -16.39 -16.45 -52.79
N TRP E 131 -16.51 -16.72 -54.09
CA TRP E 131 -17.75 -17.17 -54.77
C TRP E 131 -18.21 -18.52 -54.20
N THR E 132 -17.28 -19.31 -53.64
CA THR E 132 -17.54 -20.63 -53.02
C THR E 132 -18.47 -20.49 -51.81
N LEU E 133 -18.43 -19.35 -51.11
CA LEU E 133 -19.20 -19.09 -49.86
C LEU E 133 -20.12 -17.86 -50.00
N ASN E 134 -19.92 -17.03 -51.02
CA ASN E 134 -20.62 -15.73 -51.20
C ASN E 134 -20.29 -14.83 -49.99
N ARG E 135 -19.00 -14.74 -49.66
CA ARG E 135 -18.48 -14.04 -48.46
C ARG E 135 -17.07 -13.50 -48.75
N ASN E 136 -16.68 -12.40 -48.09
CA ASN E 136 -15.31 -11.81 -48.17
C ASN E 136 -14.39 -12.64 -47.28
N GLN E 137 -13.34 -13.22 -47.86
CA GLN E 137 -12.45 -14.22 -47.19
C GLN E 137 -10.99 -13.87 -47.44
N PRO E 138 -10.04 -14.40 -46.62
CA PRO E 138 -8.62 -14.31 -46.93
C PRO E 138 -8.26 -14.83 -48.33
N ALA E 139 -7.26 -14.22 -48.97
CA ALA E 139 -6.83 -14.48 -50.36
C ALA E 139 -6.42 -15.96 -50.53
N ALA E 140 -5.75 -16.53 -49.53
CA ALA E 140 -5.26 -17.94 -49.55
C ALA E 140 -6.43 -18.92 -49.40
N THR E 141 -7.39 -18.60 -48.52
CA THR E 141 -8.57 -19.44 -48.21
C THR E 141 -9.52 -19.49 -49.42
N ALA E 142 -9.72 -18.35 -50.08
CA ALA E 142 -10.63 -18.19 -51.24
C ALA E 142 -10.14 -19.00 -52.45
N LEU E 143 -8.82 -19.09 -52.62
CA LEU E 143 -8.15 -19.83 -53.73
C LEU E 143 -8.26 -21.35 -53.49
N ALA E 144 -7.96 -21.79 -52.26
CA ALA E 144 -8.00 -23.20 -51.82
C ALA E 144 -9.41 -23.78 -52.02
N ASN E 145 -10.45 -23.00 -51.66
CA ASN E 145 -11.88 -23.34 -51.87
C ASN E 145 -12.15 -23.53 -53.38
N THR E 146 -11.76 -22.53 -54.17
CA THR E 146 -11.94 -22.47 -55.65
C THR E 146 -11.27 -23.69 -56.31
N ILE E 147 -9.99 -23.96 -55.98
CA ILE E 147 -9.23 -25.09 -56.58
C ILE E 147 -9.91 -26.43 -56.24
N GLU E 148 -10.46 -26.55 -55.02
CA GLU E 148 -11.16 -27.75 -54.51
C GLU E 148 -12.50 -27.92 -55.25
N VAL E 149 -13.32 -26.86 -55.30
CA VAL E 149 -14.65 -26.88 -56.00
C VAL E 149 -14.42 -27.09 -57.51
N PHE E 150 -13.27 -26.64 -58.04
CA PHE E 150 -12.84 -26.84 -59.45
C PHE E 150 -12.39 -28.29 -59.66
N ARG E 151 -11.64 -28.85 -58.72
CA ARG E 151 -11.18 -30.27 -58.75
C ARG E 151 -12.40 -31.20 -58.75
N SER E 152 -13.43 -30.88 -57.94
CA SER E 152 -14.66 -31.71 -57.76
C SER E 152 -15.69 -31.41 -58.85
N ASN E 153 -15.44 -30.42 -59.72
CA ASN E 153 -16.28 -30.10 -60.91
C ASN E 153 -15.47 -30.41 -62.19
N GLY E 154 -14.49 -31.32 -62.11
CA GLY E 154 -13.76 -31.90 -63.26
C GLY E 154 -12.78 -30.93 -63.90
N LEU E 155 -12.04 -30.15 -63.10
CA LEU E 155 -11.05 -29.15 -63.58
C LEU E 155 -9.80 -29.17 -62.68
N THR E 156 -8.71 -29.79 -63.16
CA THR E 156 -7.39 -29.87 -62.47
C THR E 156 -6.26 -29.58 -63.47
N ALA E 157 -6.36 -28.48 -64.21
CA ALA E 157 -5.26 -27.91 -65.04
C ALA E 157 -4.35 -27.06 -64.14
N ASN E 158 -4.87 -26.59 -63.00
CA ASN E 158 -4.12 -25.86 -61.95
C ASN E 158 -3.08 -26.80 -61.31
N GLU E 159 -3.31 -28.11 -61.39
CA GLU E 159 -2.44 -29.20 -60.86
C GLU E 159 -1.00 -29.05 -61.39
N SER E 160 -0.82 -28.49 -62.60
CA SER E 160 0.50 -28.25 -63.25
C SER E 160 1.35 -27.28 -62.41
N GLY E 161 0.71 -26.33 -61.72
CA GLY E 161 1.35 -25.36 -60.82
C GLY E 161 1.33 -23.94 -61.35
N ARG E 162 1.29 -23.78 -62.68
CA ARG E 162 1.26 -22.47 -63.38
C ARG E 162 -0.10 -21.81 -63.22
N LEU E 163 -0.14 -20.48 -63.13
CA LEU E 163 -1.39 -19.67 -62.99
C LEU E 163 -2.16 -19.70 -64.31
N ILE E 164 -1.45 -19.50 -65.43
CA ILE E 164 -1.99 -19.60 -66.83
C ILE E 164 -2.88 -20.85 -66.95
N ASP E 165 -2.44 -21.98 -66.38
CA ASP E 165 -3.16 -23.28 -66.46
C ASP E 165 -4.38 -23.28 -65.54
N PHE E 166 -4.35 -22.53 -64.43
CA PHE E 166 -5.53 -22.27 -63.56
C PHE E 166 -6.54 -21.43 -64.33
N LEU E 167 -6.07 -20.36 -64.99
CA LEU E 167 -6.92 -19.43 -65.77
C LEU E 167 -7.66 -20.20 -66.87
N LYS E 168 -7.06 -21.26 -67.43
CA LYS E 168 -7.74 -22.17 -68.39
C LYS E 168 -8.96 -22.81 -67.71
N ASP E 169 -8.81 -23.25 -66.46
CA ASP E 169 -9.91 -23.83 -65.64
C ASP E 169 -11.01 -22.78 -65.47
N VAL E 170 -10.64 -21.50 -65.29
CA VAL E 170 -11.59 -20.36 -65.13
C VAL E 170 -12.39 -20.23 -66.43
N MET E 171 -11.71 -20.30 -67.58
CA MET E 171 -12.33 -20.25 -68.94
C MET E 171 -13.27 -21.45 -69.11
N ASP E 172 -12.81 -22.65 -68.75
CA ASP E 172 -13.54 -23.93 -68.97
C ASP E 172 -14.73 -24.03 -68.00
N SER E 173 -14.66 -23.35 -66.85
CA SER E 173 -15.72 -23.37 -65.80
C SER E 173 -16.98 -22.66 -66.32
N MET E 174 -16.81 -21.65 -67.17
CA MET E 174 -17.90 -20.82 -67.76
C MET E 174 -18.87 -21.70 -68.56
N ASP E 175 -18.36 -22.76 -69.20
CA ASP E 175 -19.07 -23.57 -70.23
C ASP E 175 -20.05 -24.56 -69.60
N LYS E 176 -19.63 -25.31 -68.57
CA LYS E 176 -20.42 -26.47 -68.06
C LYS E 176 -21.74 -25.97 -67.45
N GLU E 177 -22.80 -26.77 -67.57
CA GLU E 177 -24.22 -26.37 -67.37
C GLU E 177 -24.58 -26.27 -65.87
N GLU E 178 -23.79 -26.89 -64.99
CA GLU E 178 -24.04 -26.88 -63.51
C GLU E 178 -22.76 -26.49 -62.76
N LEU E 212 -25.16 -25.08 -58.64
CA LEU E 212 -25.93 -23.99 -59.29
C LEU E 212 -25.73 -24.06 -60.82
N ASN E 213 -26.77 -23.67 -61.57
CA ASN E 213 -26.82 -23.64 -63.06
C ASN E 213 -25.79 -22.65 -63.61
N LYS E 214 -25.53 -22.69 -64.92
CA LYS E 214 -24.49 -21.90 -65.62
C LYS E 214 -24.82 -20.41 -65.56
N ARG E 215 -26.12 -20.04 -65.56
CA ARG E 215 -26.60 -18.64 -65.52
C ARG E 215 -26.30 -18.01 -64.15
N SER E 216 -26.50 -18.76 -63.06
CA SER E 216 -26.31 -18.29 -61.66
C SER E 216 -24.84 -18.37 -61.24
N TYR E 217 -24.02 -19.15 -61.95
CA TYR E 217 -22.56 -19.26 -61.72
C TYR E 217 -21.85 -18.01 -62.24
N LEU E 218 -22.16 -17.61 -63.47
CA LEU E 218 -21.52 -16.46 -64.18
C LEU E 218 -21.85 -15.15 -63.46
N ILE E 219 -22.96 -15.11 -62.71
CA ILE E 219 -23.37 -13.96 -61.84
C ILE E 219 -22.41 -13.89 -60.64
N ARG E 220 -21.82 -15.03 -60.24
CA ARG E 220 -20.83 -15.13 -59.13
C ARG E 220 -19.43 -14.80 -59.64
N ALA E 221 -19.08 -15.27 -60.85
CA ALA E 221 -17.76 -15.07 -61.49
C ALA E 221 -17.51 -13.58 -61.73
N LEU E 222 -18.51 -12.87 -62.25
CA LEU E 222 -18.47 -11.42 -62.57
C LEU E 222 -19.07 -10.64 -61.39
N THR E 223 -18.54 -10.80 -60.18
CA THR E 223 -19.07 -10.18 -58.94
C THR E 223 -17.99 -9.26 -58.32
N LEU E 224 -18.40 -8.03 -57.96
CA LEU E 224 -17.63 -7.10 -57.09
C LEU E 224 -18.40 -6.90 -55.78
N ASN E 225 -17.91 -7.50 -54.68
CA ASN E 225 -18.49 -7.33 -53.32
C ASN E 225 -18.08 -5.95 -52.79
N THR E 226 -18.96 -5.29 -52.03
CA THR E 226 -18.82 -3.86 -51.62
C THR E 226 -18.90 -3.72 -50.10
N MET E 227 -17.97 -2.95 -49.51
CA MET E 227 -18.01 -2.48 -48.10
C MET E 227 -17.54 -1.02 -48.06
N THR E 228 -17.99 -0.24 -47.07
CA THR E 228 -17.57 1.18 -46.87
C THR E 228 -16.09 1.18 -46.48
N LYS E 229 -15.34 2.22 -46.87
CA LYS E 229 -13.89 2.35 -46.56
C LYS E 229 -13.73 2.95 -45.15
N ASP E 230 -13.13 2.18 -44.24
CA ASP E 230 -12.71 2.62 -42.89
C ASP E 230 -11.28 3.19 -42.98
N ALA E 231 -10.91 4.05 -42.02
CA ALA E 231 -9.57 4.65 -41.89
C ALA E 231 -9.19 5.39 -43.18
N GLU E 232 -10.06 6.28 -43.66
CA GLU E 232 -9.81 7.20 -44.79
C GLU E 232 -9.79 8.65 -44.26
N ARG E 233 -8.66 9.32 -44.42
CA ARG E 233 -8.43 10.73 -43.96
C ARG E 233 -8.86 11.68 -45.08
N GLY E 234 -8.94 12.98 -44.77
CA GLY E 234 -9.26 14.06 -45.73
C GLY E 234 -10.61 13.87 -46.41
N LYS E 235 -11.59 13.29 -45.72
CA LYS E 235 -12.96 13.02 -46.25
C LYS E 235 -13.98 13.07 -45.12
N LEU E 236 -14.94 13.99 -45.22
CA LEU E 236 -16.11 14.13 -44.29
C LEU E 236 -16.97 12.87 -44.38
N LYS E 237 -17.56 12.61 -45.56
CA LYS E 237 -18.53 11.51 -45.80
C LYS E 237 -17.77 10.27 -46.31
N ARG E 238 -18.21 9.08 -45.90
CA ARG E 238 -17.52 7.79 -46.14
C ARG E 238 -17.68 7.41 -47.62
N ARG E 239 -16.85 6.48 -48.11
CA ARG E 239 -16.82 6.04 -49.53
C ARG E 239 -17.05 4.52 -49.61
N ALA E 240 -17.48 4.04 -50.79
CA ALA E 240 -17.80 2.62 -51.09
C ALA E 240 -16.67 2.00 -51.95
N ILE E 241 -15.80 1.21 -51.32
CA ILE E 241 -14.76 0.36 -51.99
C ILE E 241 -15.43 -0.95 -52.45
N ALA E 242 -14.84 -1.62 -53.44
CA ALA E 242 -15.29 -2.93 -53.95
C ALA E 242 -14.09 -3.88 -54.12
N THR E 243 -14.29 -5.17 -53.89
CA THR E 243 -13.28 -6.26 -53.98
C THR E 243 -13.77 -7.33 -54.95
N PRO E 244 -12.93 -7.78 -55.91
CA PRO E 244 -13.36 -8.75 -56.93
C PRO E 244 -13.30 -10.23 -56.52
N GLY E 245 -13.93 -11.09 -57.32
CA GLY E 245 -13.90 -12.56 -57.19
C GLY E 245 -12.56 -13.14 -57.60
N MET E 246 -12.34 -14.44 -57.38
CA MET E 246 -11.03 -15.11 -57.57
C MET E 246 -10.87 -15.58 -59.02
N GLN E 247 -11.84 -15.30 -59.88
CA GLN E 247 -11.78 -15.59 -61.34
C GLN E 247 -11.03 -14.45 -62.04
N ILE E 248 -11.44 -13.20 -61.78
CA ILE E 248 -10.90 -11.96 -62.44
C ILE E 248 -9.45 -11.77 -61.96
N ARG E 249 -9.26 -11.74 -60.64
CA ARG E 249 -7.96 -11.56 -59.94
C ARG E 249 -6.79 -11.98 -60.83
N GLY E 250 -6.77 -13.25 -61.27
CA GLY E 250 -5.65 -13.86 -62.00
C GLY E 250 -5.20 -13.05 -63.20
N PHE E 251 -6.16 -12.54 -63.99
CA PHE E 251 -5.92 -11.82 -65.27
C PHE E 251 -5.36 -10.42 -64.96
N VAL E 252 -5.99 -9.72 -64.00
CA VAL E 252 -5.68 -8.32 -63.60
C VAL E 252 -4.19 -8.23 -63.25
N TYR E 253 -3.66 -9.22 -62.54
CA TYR E 253 -2.22 -9.32 -62.22
C TYR E 253 -1.42 -9.24 -63.53
N PHE E 254 -1.77 -10.07 -64.52
CA PHE E 254 -1.08 -10.18 -65.82
C PHE E 254 -1.21 -8.87 -66.60
N VAL E 255 -2.40 -8.25 -66.56
CA VAL E 255 -2.67 -6.91 -67.16
C VAL E 255 -1.71 -5.90 -66.53
N GLU E 256 -1.68 -5.84 -65.19
CA GLU E 256 -0.87 -4.88 -64.40
C GLU E 256 0.62 -5.16 -64.56
N ALA E 257 1.00 -6.40 -64.89
CA ALA E 257 2.40 -6.78 -65.20
C ALA E 257 2.85 -6.07 -66.49
N LEU E 258 2.03 -6.17 -67.55
CA LEU E 258 2.23 -5.48 -68.84
C LEU E 258 2.31 -3.96 -68.61
N ALA E 259 1.29 -3.41 -67.95
CA ALA E 259 1.20 -1.98 -67.60
C ALA E 259 2.44 -1.55 -66.82
N ARG E 260 2.88 -2.38 -65.86
CA ARG E 260 4.12 -2.13 -65.05
C ARG E 260 5.32 -2.10 -66.00
N SER E 261 5.47 -3.15 -66.82
CA SER E 261 6.56 -3.30 -67.82
C SER E 261 6.67 -2.02 -68.66
N ILE E 262 5.54 -1.41 -69.00
CA ILE E 262 5.46 -0.14 -69.78
C ILE E 262 5.83 1.05 -68.87
N CYS E 263 5.18 1.17 -67.71
CA CYS E 263 5.37 2.28 -66.73
C CYS E 263 6.85 2.39 -66.33
N GLU E 264 7.55 1.26 -66.21
CA GLU E 264 9.01 1.19 -65.92
C GLU E 264 9.79 1.92 -67.03
N LYS E 265 9.35 1.79 -68.28
CA LYS E 265 10.03 2.34 -69.48
C LYS E 265 9.59 3.80 -69.74
N LEU E 266 8.56 4.29 -69.04
CA LEU E 266 8.03 5.67 -69.21
C LEU E 266 8.55 6.59 -68.10
N GLU E 267 9.06 7.76 -68.49
CA GLU E 267 9.72 8.75 -67.58
C GLU E 267 8.67 9.53 -66.79
N GLN E 268 7.55 9.88 -67.42
CA GLN E 268 6.47 10.72 -66.83
C GLN E 268 5.65 9.90 -65.82
N SER E 269 5.83 8.58 -65.77
CA SER E 269 5.16 7.66 -64.82
C SER E 269 5.79 7.82 -63.44
N GLY E 270 4.96 8.00 -62.40
CA GLY E 270 5.39 8.05 -61.00
C GLY E 270 5.34 6.69 -60.33
N LEU E 271 5.05 5.63 -61.11
CA LEU E 271 4.87 4.23 -60.63
C LEU E 271 5.79 3.31 -61.43
N PRO E 272 6.15 2.11 -60.90
CA PRO E 272 5.77 1.68 -59.56
C PRO E 272 6.81 2.03 -58.47
N VAL E 273 7.74 2.93 -58.80
CA VAL E 273 9.02 3.15 -58.04
C VAL E 273 8.73 3.59 -56.61
N GLY E 274 9.71 3.44 -55.71
CA GLY E 274 9.65 3.87 -54.30
C GLY E 274 9.98 5.34 -54.12
N GLY E 275 9.89 5.85 -52.89
CA GLY E 275 10.04 7.27 -52.53
C GLY E 275 11.42 7.83 -52.89
N ASN E 276 12.44 6.96 -52.83
CA ASN E 276 13.86 7.27 -53.18
C ASN E 276 13.91 7.97 -54.54
N GLU E 277 13.32 7.34 -55.56
CA GLU E 277 13.42 7.70 -57.00
C GLU E 277 12.43 8.83 -57.35
N LYS E 278 11.25 8.86 -56.73
CA LYS E 278 10.14 9.81 -57.04
C LYS E 278 10.62 11.25 -56.87
N LYS E 279 11.39 11.53 -55.82
CA LYS E 279 11.99 12.86 -55.53
C LYS E 279 12.77 13.35 -56.75
N ALA E 280 13.65 12.51 -57.29
CA ALA E 280 14.51 12.80 -58.47
C ALA E 280 13.64 13.18 -59.68
N LYS E 281 12.54 12.45 -59.88
CA LYS E 281 11.65 12.57 -61.07
C LYS E 281 11.02 13.97 -61.12
N LEU E 282 10.86 14.64 -59.96
CA LEU E 282 10.28 16.02 -59.88
C LEU E 282 11.28 17.02 -60.49
N ALA E 283 12.55 16.96 -60.09
CA ALA E 283 13.65 17.81 -60.61
C ALA E 283 13.94 17.44 -62.06
N ASN E 284 13.94 16.14 -62.35
CA ASN E 284 14.09 15.53 -63.71
C ASN E 284 13.19 16.27 -64.71
N VAL E 285 11.93 16.53 -64.34
CA VAL E 285 10.89 17.10 -65.24
C VAL E 285 10.98 18.63 -65.22
N VAL E 286 11.13 19.25 -64.05
CA VAL E 286 11.24 20.73 -63.91
C VAL E 286 12.45 21.22 -64.70
N ARG E 287 13.58 20.51 -64.59
CA ARG E 287 14.84 20.79 -65.36
C ARG E 287 14.51 20.97 -66.85
N LYS E 288 13.81 19.98 -67.43
CA LYS E 288 13.51 19.89 -68.87
C LYS E 288 12.85 21.20 -69.36
N MET E 289 11.92 21.74 -68.58
CA MET E 289 11.01 22.85 -69.01
C MET E 289 11.66 24.22 -68.72
N MET E 290 12.63 24.29 -67.81
CA MET E 290 13.22 25.57 -67.30
C MET E 290 14.53 25.87 -68.03
N THR E 291 15.44 24.89 -68.14
CA THR E 291 16.80 25.05 -68.72
C THR E 291 16.70 25.29 -70.24
N ASN E 292 15.76 24.62 -70.91
CA ASN E 292 15.48 24.77 -72.37
C ASN E 292 14.97 26.19 -72.63
N SER E 293 13.95 26.62 -71.89
CA SER E 293 13.23 27.91 -72.06
C SER E 293 14.21 29.09 -72.06
N GLN E 294 14.23 29.86 -73.16
CA GLN E 294 14.93 31.16 -73.27
C GLN E 294 14.23 32.17 -72.35
N ASP E 295 14.75 33.41 -72.29
CA ASP E 295 14.22 34.49 -71.42
C ASP E 295 12.80 34.89 -71.86
N THR E 296 12.50 34.78 -73.16
CA THR E 296 11.16 35.03 -73.75
C THR E 296 10.41 33.69 -73.86
N GLU E 297 9.87 33.20 -72.72
CA GLU E 297 9.12 31.91 -72.62
C GLU E 297 8.57 31.77 -71.20
N LEU E 298 7.25 31.83 -71.03
CA LEU E 298 6.57 31.60 -69.73
C LEU E 298 6.57 30.11 -69.42
N SER E 299 6.56 29.75 -68.13
CA SER E 299 6.45 28.37 -67.62
C SER E 299 5.55 28.34 -66.39
N PHE E 300 4.33 27.80 -66.53
CA PHE E 300 3.33 27.64 -65.45
C PHE E 300 3.15 26.14 -65.16
N THR E 301 3.29 25.77 -63.89
CA THR E 301 3.04 24.40 -63.36
C THR E 301 1.65 24.38 -62.70
N ILE E 302 0.83 23.40 -63.08
CA ILE E 302 -0.53 23.15 -62.49
C ILE E 302 -0.41 21.98 -61.51
N THR E 303 -0.72 22.22 -60.23
CA THR E 303 -0.80 21.19 -59.17
C THR E 303 -2.09 20.40 -59.36
N GLY E 304 -2.03 19.28 -60.08
CA GLY E 304 -3.20 18.64 -60.71
C GLY E 304 -3.85 17.57 -59.85
N ASP E 305 -5.11 17.26 -60.14
CA ASP E 305 -5.87 16.09 -59.63
C ASP E 305 -7.12 15.90 -60.49
N ASN E 306 -7.36 14.67 -60.96
CA ASN E 306 -8.53 14.29 -61.81
C ASN E 306 -9.65 13.78 -60.89
N THR E 307 -10.90 14.17 -61.18
CA THR E 307 -12.13 13.87 -60.39
C THR E 307 -12.87 12.69 -61.01
N LYS E 308 -13.47 11.84 -60.16
CA LYS E 308 -14.29 10.66 -60.54
C LYS E 308 -13.50 9.77 -61.51
N TRP E 309 -12.20 9.60 -61.25
CA TRP E 309 -11.26 8.81 -62.09
C TRP E 309 -11.83 7.43 -62.36
N ASN E 310 -12.09 6.65 -61.30
CA ASN E 310 -12.58 5.25 -61.35
C ASN E 310 -13.89 5.19 -62.16
N GLU E 311 -14.82 6.11 -61.92
CA GLU E 311 -16.21 6.06 -62.46
C GLU E 311 -16.25 6.49 -63.94
N ASN E 312 -15.18 7.08 -64.48
CA ASN E 312 -15.19 7.74 -65.82
C ASN E 312 -14.23 7.07 -66.80
N GLN E 313 -13.63 5.93 -66.44
CA GLN E 313 -12.77 5.15 -67.38
C GLN E 313 -13.46 3.81 -67.65
N ASN E 314 -13.81 3.56 -68.93
CA ASN E 314 -14.67 2.44 -69.37
C ASN E 314 -13.80 1.23 -69.68
N PRO E 315 -14.18 0.02 -69.19
CA PRO E 315 -13.36 -1.18 -69.38
C PRO E 315 -13.00 -1.46 -70.85
N ARG E 316 -13.95 -1.19 -71.75
CA ARG E 316 -13.79 -1.34 -73.23
C ARG E 316 -12.59 -0.51 -73.72
N MET E 317 -12.26 0.59 -73.04
CA MET E 317 -11.11 1.46 -73.41
C MET E 317 -9.80 0.78 -73.04
N PHE E 318 -9.78 0.03 -71.94
CA PHE E 318 -8.60 -0.78 -71.50
C PHE E 318 -8.45 -1.97 -72.45
N LEU E 319 -9.55 -2.58 -72.90
CA LEU E 319 -9.54 -3.61 -73.97
C LEU E 319 -8.97 -2.98 -75.24
N ALA E 320 -9.52 -1.85 -75.65
CA ALA E 320 -9.06 -1.04 -76.82
C ALA E 320 -7.55 -0.79 -76.71
N MET E 321 -7.08 -0.37 -75.53
CA MET E 321 -5.63 -0.18 -75.24
C MET E 321 -4.89 -1.51 -75.46
N ILE E 322 -5.19 -2.52 -74.62
CA ILE E 322 -4.51 -3.85 -74.63
C ILE E 322 -4.38 -4.34 -76.08
N THR E 323 -5.49 -4.38 -76.82
CA THR E 323 -5.53 -4.93 -78.20
C THR E 323 -4.53 -4.17 -79.10
N TYR E 324 -4.36 -2.86 -78.89
CA TYR E 324 -3.37 -2.04 -79.65
C TYR E 324 -1.95 -2.42 -79.22
N ILE E 325 -1.73 -2.60 -77.91
CA ILE E 325 -0.40 -2.94 -77.33
C ILE E 325 0.02 -4.31 -77.84
N THR E 326 -0.94 -5.26 -77.95
CA THR E 326 -0.69 -6.69 -78.30
C THR E 326 -0.85 -6.91 -79.81
N ARG E 327 -0.70 -5.87 -80.63
CA ARG E 327 -0.56 -5.96 -82.10
C ARG E 327 0.73 -6.74 -82.42
N ASN E 328 0.68 -7.66 -83.39
CA ASN E 328 1.82 -8.50 -83.85
C ASN E 328 2.29 -9.41 -82.70
N GLN E 329 1.38 -9.87 -81.84
CA GLN E 329 1.70 -10.79 -80.71
C GLN E 329 0.85 -12.06 -80.83
N PRO E 330 1.35 -13.20 -80.29
CA PRO E 330 0.61 -14.46 -80.34
C PRO E 330 -0.84 -14.36 -79.83
N GLU E 331 -1.74 -15.08 -80.51
CA GLU E 331 -3.22 -15.03 -80.28
C GLU E 331 -3.53 -15.40 -78.82
N TRP E 332 -2.86 -16.43 -78.28
CA TRP E 332 -3.05 -16.91 -76.90
C TRP E 332 -2.79 -15.77 -75.90
N PHE E 333 -1.75 -14.96 -76.14
CA PHE E 333 -1.29 -13.86 -75.25
C PHE E 333 -2.34 -12.74 -75.25
N ARG E 334 -2.82 -12.37 -76.44
CA ARG E 334 -3.88 -11.32 -76.63
C ARG E 334 -5.11 -11.71 -75.81
N ASN E 335 -5.56 -12.96 -75.98
CA ASN E 335 -6.79 -13.52 -75.34
C ASN E 335 -6.66 -13.44 -73.81
N VAL E 336 -5.54 -13.90 -73.26
CA VAL E 336 -5.26 -13.93 -71.79
C VAL E 336 -5.47 -12.53 -71.20
N LEU E 337 -4.79 -11.53 -71.77
CA LEU E 337 -4.84 -10.12 -71.30
C LEU E 337 -6.22 -9.52 -71.57
N SER E 338 -6.82 -9.84 -72.72
CA SER E 338 -8.13 -9.28 -73.17
C SER E 338 -9.27 -9.65 -72.20
N ILE E 339 -9.11 -10.69 -71.39
CA ILE E 339 -10.20 -11.31 -70.57
C ILE E 339 -10.60 -10.35 -69.43
N ALA E 340 -9.63 -9.84 -68.68
CA ALA E 340 -9.86 -8.95 -67.52
C ALA E 340 -10.85 -7.84 -67.88
N PRO E 341 -10.53 -6.96 -68.87
CA PRO E 341 -11.41 -5.84 -69.20
C PRO E 341 -12.80 -6.28 -69.70
N ILE E 342 -12.88 -7.40 -70.42
CA ILE E 342 -14.20 -7.96 -70.89
C ILE E 342 -14.99 -8.40 -69.66
N MET E 343 -14.37 -9.10 -68.70
CA MET E 343 -15.01 -9.49 -67.42
C MET E 343 -15.46 -8.22 -66.68
N PHE E 344 -14.60 -7.20 -66.66
CA PHE E 344 -14.86 -5.91 -65.97
C PHE E 344 -15.98 -5.14 -66.69
N SER E 345 -16.14 -5.33 -68.00
CA SER E 345 -17.18 -4.64 -68.82
C SER E 345 -18.56 -5.26 -68.59
N ASN E 346 -18.62 -6.52 -68.14
CA ASN E 346 -19.88 -7.27 -67.88
C ASN E 346 -20.05 -7.52 -66.38
N LYS E 347 -19.27 -6.82 -65.54
CA LYS E 347 -19.22 -7.01 -64.07
C LYS E 347 -20.57 -6.67 -63.42
N MET E 348 -20.83 -7.28 -62.26
CA MET E 348 -22.01 -7.02 -61.39
C MET E 348 -21.51 -6.74 -59.96
N ALA E 349 -21.96 -5.64 -59.35
CA ALA E 349 -21.56 -5.18 -58.01
C ALA E 349 -22.61 -5.59 -56.97
N ARG E 350 -22.23 -6.44 -56.00
CA ARG E 350 -23.08 -6.80 -54.83
C ARG E 350 -23.40 -5.53 -54.06
N LEU E 351 -24.60 -5.44 -53.48
CA LEU E 351 -25.17 -4.20 -52.89
C LEU E 351 -24.54 -3.93 -51.52
N GLY E 352 -24.51 -4.94 -50.64
CA GLY E 352 -23.86 -4.86 -49.31
C GLY E 352 -24.58 -5.67 -48.25
N LYS E 353 -24.47 -5.24 -46.99
CA LYS E 353 -25.07 -5.92 -45.81
C LYS E 353 -26.58 -5.66 -45.78
N GLY E 354 -27.00 -4.47 -46.22
CA GLY E 354 -28.41 -4.06 -46.34
C GLY E 354 -28.69 -2.78 -45.59
N TYR E 355 -29.89 -2.67 -45.00
CA TYR E 355 -30.35 -1.51 -44.18
C TYR E 355 -30.98 -2.03 -42.88
N MET E 356 -31.03 -1.16 -41.86
CA MET E 356 -31.63 -1.45 -40.54
C MET E 356 -32.92 -0.62 -40.40
N PHE E 357 -33.96 -1.18 -39.77
CA PHE E 357 -35.28 -0.53 -39.57
C PHE E 357 -35.62 -0.54 -38.07
N GLU E 358 -36.14 0.58 -37.56
CA GLU E 358 -36.34 0.86 -36.11
C GLU E 358 -37.81 1.22 -35.84
N SER E 359 -38.48 0.49 -34.94
CA SER E 359 -39.89 0.72 -34.52
C SER E 359 -39.93 1.61 -33.27
N LYS E 360 -40.30 2.88 -33.45
CA LYS E 360 -40.26 3.94 -32.39
C LYS E 360 -41.27 3.60 -31.27
N SER E 361 -42.38 2.92 -31.60
CA SER E 361 -43.48 2.58 -30.67
C SER E 361 -43.17 1.28 -29.92
N MET E 362 -42.88 0.20 -30.64
CA MET E 362 -42.67 -1.17 -30.10
C MET E 362 -41.25 -1.33 -29.53
N LYS E 363 -40.31 -0.45 -29.93
CA LYS E 363 -38.88 -0.53 -29.55
C LYS E 363 -38.27 -1.82 -30.14
N LEU E 364 -38.26 -1.92 -31.48
CA LEU E 364 -37.73 -3.05 -32.27
C LEU E 364 -36.66 -2.56 -33.24
N ARG E 365 -35.82 -3.47 -33.72
CA ARG E 365 -34.82 -3.26 -34.80
C ARG E 365 -34.82 -4.50 -35.69
N THR E 366 -34.41 -4.35 -36.95
CA THR E 366 -34.31 -5.47 -37.92
C THR E 366 -33.37 -5.08 -39.08
N GLN E 367 -32.44 -5.99 -39.42
CA GLN E 367 -31.49 -5.89 -40.56
C GLN E 367 -32.12 -6.55 -41.78
N VAL E 368 -32.56 -5.74 -42.75
CA VAL E 368 -33.13 -6.19 -44.06
C VAL E 368 -31.98 -6.46 -45.01
N PRO E 369 -31.66 -7.75 -45.33
CA PRO E 369 -30.57 -8.08 -46.25
C PRO E 369 -30.78 -7.43 -47.63
N ALA E 370 -29.68 -7.05 -48.28
CA ALA E 370 -29.65 -6.16 -49.47
C ALA E 370 -30.42 -6.78 -50.65
N GLU E 371 -30.53 -8.12 -50.70
CA GLU E 371 -31.27 -8.86 -51.76
C GLU E 371 -32.71 -8.36 -51.84
N MET E 372 -33.33 -8.10 -50.69
CA MET E 372 -34.77 -7.74 -50.55
C MET E 372 -35.03 -6.28 -50.95
N LEU E 373 -33.98 -5.49 -51.23
CA LEU E 373 -34.12 -4.09 -51.72
C LEU E 373 -34.82 -4.10 -53.09
N ALA E 374 -34.71 -5.21 -53.84
CA ALA E 374 -35.37 -5.45 -55.14
C ALA E 374 -36.89 -5.32 -55.00
N ASN E 375 -37.50 -6.18 -54.17
CA ASN E 375 -38.97 -6.25 -53.93
C ASN E 375 -39.26 -5.91 -52.46
N ILE E 376 -39.49 -4.64 -52.15
CA ILE E 376 -39.82 -4.15 -50.78
C ILE E 376 -40.49 -2.77 -50.87
N ASP E 377 -41.30 -2.44 -49.86
CA ASP E 377 -42.03 -1.15 -49.72
C ASP E 377 -41.02 0.01 -49.78
N LEU E 378 -41.34 1.06 -50.57
CA LEU E 378 -40.53 2.29 -50.70
C LEU E 378 -40.91 3.30 -49.61
N LYS E 379 -42.02 3.05 -48.90
CA LYS E 379 -42.59 3.96 -47.86
C LYS E 379 -41.88 3.75 -46.51
N TYR E 380 -40.95 2.79 -46.45
CA TYR E 380 -40.10 2.48 -45.27
C TYR E 380 -38.88 3.41 -45.24
N PHE E 381 -38.29 3.67 -46.40
CA PHE E 381 -37.08 4.51 -46.59
C PHE E 381 -37.46 5.99 -46.57
N ASN E 382 -36.47 6.88 -46.41
CA ASN E 382 -36.65 8.36 -46.43
C ASN E 382 -36.54 8.83 -47.89
N LYS E 383 -36.81 10.12 -48.14
CA LYS E 383 -37.06 10.71 -49.49
C LYS E 383 -35.81 10.61 -50.37
N SER E 384 -34.61 10.70 -49.80
CA SER E 384 -33.32 10.64 -50.54
C SER E 384 -32.90 9.19 -50.78
N THR E 385 -32.98 8.34 -49.75
CA THR E 385 -32.61 6.90 -49.79
C THR E 385 -33.60 6.13 -50.68
N ARG E 386 -34.86 6.59 -50.77
CA ARG E 386 -35.90 6.02 -51.68
C ARG E 386 -35.46 6.26 -53.14
N GLU E 387 -35.00 7.48 -53.45
CA GLU E 387 -34.60 7.91 -54.82
C GLU E 387 -33.57 6.91 -55.39
N LYS E 388 -32.55 6.57 -54.60
CA LYS E 388 -31.44 5.67 -54.99
C LYS E 388 -31.97 4.25 -55.22
N ILE E 389 -32.82 3.74 -54.31
CA ILE E 389 -33.44 2.38 -54.39
C ILE E 389 -34.19 2.24 -55.71
N GLU E 390 -34.92 3.29 -56.12
CA GLU E 390 -35.72 3.31 -57.37
C GLU E 390 -34.79 3.23 -58.59
N LYS E 391 -33.79 4.11 -58.66
CA LYS E 391 -32.90 4.28 -59.85
C LYS E 391 -32.10 3.01 -60.12
N ILE E 392 -31.65 2.30 -59.06
CA ILE E 392 -30.79 1.09 -59.18
C ILE E 392 -31.64 -0.15 -59.52
N ARG E 393 -32.93 -0.14 -59.14
CA ARG E 393 -33.83 -1.33 -59.28
C ARG E 393 -33.76 -1.89 -60.69
N PRO E 394 -33.93 -1.09 -61.77
CA PRO E 394 -33.91 -1.64 -63.13
C PRO E 394 -32.65 -2.43 -63.50
N LEU E 395 -31.60 -2.41 -62.67
CA LEU E 395 -30.32 -3.14 -62.89
C LEU E 395 -30.26 -4.43 -62.06
N LEU E 396 -31.21 -4.66 -61.15
CA LEU E 396 -31.13 -5.75 -60.13
C LEU E 396 -31.45 -7.11 -60.78
N ILE E 397 -30.43 -7.96 -60.90
CA ILE E 397 -30.52 -9.40 -61.33
C ILE E 397 -29.83 -10.25 -60.25
N ASP E 398 -30.58 -11.19 -59.63
CA ASP E 398 -30.14 -12.04 -58.48
C ASP E 398 -29.88 -11.15 -57.24
N GLY E 399 -30.56 -10.00 -57.16
CA GLY E 399 -30.36 -8.99 -56.10
C GLY E 399 -28.91 -8.51 -56.04
N THR E 400 -28.26 -8.38 -57.20
CA THR E 400 -26.86 -7.91 -57.37
C THR E 400 -26.79 -6.99 -58.59
N ALA E 401 -26.83 -5.67 -58.37
CA ALA E 401 -26.90 -4.61 -59.40
C ALA E 401 -25.69 -4.68 -60.32
N SER E 402 -25.92 -4.71 -61.64
CA SER E 402 -24.86 -4.77 -62.69
C SER E 402 -24.28 -3.36 -62.93
N LEU E 403 -22.98 -3.28 -63.20
CA LEU E 403 -22.23 -2.02 -63.40
C LEU E 403 -21.29 -2.20 -64.61
N SER E 404 -21.88 -2.27 -65.82
CA SER E 404 -21.16 -2.55 -67.09
C SER E 404 -20.17 -1.44 -67.43
N PRO E 405 -20.50 -0.14 -67.21
CA PRO E 405 -19.52 0.93 -67.35
C PRO E 405 -18.73 1.17 -66.04
N GLY E 406 -17.86 2.19 -66.05
CA GLY E 406 -17.08 2.61 -64.88
C GLY E 406 -16.06 1.58 -64.45
N MET E 407 -15.35 1.85 -63.36
CA MET E 407 -14.27 0.99 -62.80
C MET E 407 -14.32 1.06 -61.28
N MET E 408 -15.50 0.85 -60.69
CA MET E 408 -15.72 0.89 -59.21
C MET E 408 -14.54 0.19 -58.53
N MET E 409 -13.71 0.97 -57.82
CA MET E 409 -12.39 0.56 -57.28
C MET E 409 -11.91 -0.68 -58.03
N GLY E 410 -11.60 -0.49 -59.31
CA GLY E 410 -10.83 -1.43 -60.15
C GLY E 410 -9.36 -1.33 -59.83
N MET E 411 -8.59 -2.31 -60.29
CA MET E 411 -7.18 -2.55 -59.86
C MET E 411 -6.24 -2.21 -61.02
N PHE E 412 -6.70 -1.38 -61.98
CA PHE E 412 -5.97 -1.00 -63.22
C PHE E 412 -5.23 0.32 -62.98
N ASN E 413 -4.67 0.49 -61.77
CA ASN E 413 -3.95 1.72 -61.32
C ASN E 413 -2.82 2.02 -62.32
N MET E 414 -2.15 0.97 -62.80
CA MET E 414 -0.95 1.05 -63.67
C MET E 414 -1.37 1.36 -65.10
N LEU E 415 -2.26 0.53 -65.67
CA LEU E 415 -2.73 0.66 -67.08
C LEU E 415 -3.41 2.02 -67.27
N SER E 416 -4.09 2.51 -66.24
CA SER E 416 -4.76 3.84 -66.20
C SER E 416 -3.70 4.94 -66.23
N THR E 417 -2.50 4.67 -65.68
CA THR E 417 -1.32 5.57 -65.73
C THR E 417 -0.81 5.64 -67.17
N VAL E 418 -0.76 4.49 -67.85
CA VAL E 418 -0.31 4.38 -69.28
C VAL E 418 -1.12 5.37 -70.13
N LEU E 419 -2.45 5.37 -69.96
CA LEU E 419 -3.40 6.29 -70.65
C LEU E 419 -3.05 7.73 -70.30
N GLY E 420 -3.09 8.08 -69.01
CA GLY E 420 -2.77 9.42 -68.50
C GLY E 420 -1.49 9.97 -69.09
N VAL E 421 -0.41 9.19 -69.03
CA VAL E 421 0.93 9.54 -69.58
C VAL E 421 0.78 9.82 -71.09
N SER E 422 0.06 8.96 -71.81
CA SER E 422 -0.07 9.00 -73.29
C SER E 422 -0.59 10.37 -73.75
N ILE E 423 -1.27 11.12 -72.88
CA ILE E 423 -1.76 12.51 -73.17
C ILE E 423 -0.61 13.49 -72.89
N LEU E 424 0.10 13.32 -71.78
CA LEU E 424 1.31 14.14 -71.44
C LEU E 424 2.30 14.05 -72.60
N ASN E 425 2.44 12.85 -73.16
CA ASN E 425 3.24 12.51 -74.37
C ASN E 425 2.83 13.43 -75.52
N LEU E 426 1.54 13.75 -75.65
CA LEU E 426 0.98 14.61 -76.75
C LEU E 426 1.26 16.09 -76.45
N GLY E 427 2.21 16.40 -75.56
CA GLY E 427 2.56 17.77 -75.16
C GLY E 427 3.76 18.32 -75.93
N GLN E 428 4.43 17.49 -76.72
CA GLN E 428 5.64 17.87 -77.51
C GLN E 428 5.21 18.75 -78.70
N LYS E 429 6.00 19.78 -79.04
CA LYS E 429 5.70 20.73 -80.14
C LYS E 429 5.34 19.95 -81.42
N LYS E 430 5.91 18.74 -81.57
CA LYS E 430 5.62 17.79 -82.68
C LYS E 430 4.11 17.56 -82.82
N TYR E 431 3.42 17.25 -81.72
CA TYR E 431 2.02 16.76 -81.71
C TYR E 431 1.04 17.92 -81.50
N THR E 432 1.47 19.01 -80.86
CA THR E 432 0.66 20.24 -80.65
C THR E 432 0.69 21.09 -81.92
N LYS E 433 1.88 21.28 -82.50
CA LYS E 433 2.12 22.07 -83.74
C LYS E 433 1.71 23.53 -83.50
N THR E 434 2.05 24.08 -82.32
CA THR E 434 1.69 25.46 -81.89
C THR E 434 2.87 26.09 -81.14
N THR E 435 2.70 27.35 -80.72
CA THR E 435 3.66 28.14 -79.91
C THR E 435 3.83 27.49 -78.53
N TYR E 436 2.75 26.90 -77.99
CA TYR E 436 2.68 26.30 -76.63
C TYR E 436 3.03 24.81 -76.68
N TRP E 437 3.47 24.27 -75.53
CA TRP E 437 3.81 22.83 -75.34
C TRP E 437 3.77 22.48 -73.85
N TRP E 438 3.83 21.18 -73.50
CA TRP E 438 3.72 20.72 -72.08
C TRP E 438 4.44 19.38 -71.86
N ASP E 439 4.90 19.17 -70.62
CA ASP E 439 5.34 17.86 -70.05
C ASP E 439 4.78 17.75 -68.64
N GLY E 440 4.83 16.57 -68.02
CA GLY E 440 4.35 16.38 -66.64
C GLY E 440 4.67 15.02 -66.04
N LEU E 441 4.05 14.73 -64.90
CA LEU E 441 4.11 13.45 -64.15
C LEU E 441 2.69 12.94 -63.91
N GLN E 442 2.48 11.62 -64.03
CA GLN E 442 1.17 10.94 -63.84
C GLN E 442 1.39 9.71 -62.96
N SER E 443 0.42 9.40 -62.09
CA SER E 443 0.33 8.13 -61.33
C SER E 443 -1.14 7.90 -60.93
N SER E 444 -1.86 7.09 -61.71
CA SER E 444 -3.34 6.92 -61.63
C SER E 444 -4.01 8.29 -61.78
N ASP E 445 -4.88 8.69 -60.84
CA ASP E 445 -5.71 9.93 -60.95
C ASP E 445 -4.84 11.17 -60.76
N ASP E 446 -3.84 11.11 -59.87
CA ASP E 446 -2.97 12.28 -59.55
C ASP E 446 -2.00 12.51 -60.70
N PHE E 447 -1.83 13.77 -61.08
CA PHE E 447 -0.88 14.25 -62.13
C PHE E 447 -0.33 15.63 -61.74
N ALA E 448 0.71 16.07 -62.43
CA ALA E 448 1.29 17.43 -62.33
C ALA E 448 1.85 17.82 -63.70
N LEU E 449 1.38 18.94 -64.26
CA LEU E 449 1.65 19.36 -65.66
C LEU E 449 2.37 20.72 -65.66
N ILE E 450 3.39 20.87 -66.51
CA ILE E 450 4.04 22.19 -66.80
C ILE E 450 3.67 22.58 -68.23
N VAL E 451 3.12 23.78 -68.42
CA VAL E 451 2.78 24.36 -69.75
C VAL E 451 3.79 25.47 -70.06
N ASN E 452 4.50 25.37 -71.20
CA ASN E 452 5.40 26.43 -71.72
C ASN E 452 4.73 27.07 -72.94
N ALA E 453 4.84 28.40 -73.05
CA ALA E 453 4.28 29.24 -74.12
C ALA E 453 5.03 30.58 -74.15
N PRO E 454 4.97 31.34 -75.26
CA PRO E 454 5.60 32.65 -75.31
C PRO E 454 4.81 33.74 -74.55
N ASN E 455 3.48 33.60 -74.46
CA ASN E 455 2.57 34.61 -73.89
C ASN E 455 1.51 33.93 -73.01
N HIS E 456 0.69 34.73 -72.32
CA HIS E 456 -0.37 34.26 -71.38
C HIS E 456 -1.49 33.55 -72.13
N GLU E 457 -1.84 34.02 -73.33
CA GLU E 457 -2.90 33.43 -74.19
C GLU E 457 -2.51 31.98 -74.54
N GLY E 458 -1.25 31.78 -74.96
CA GLY E 458 -0.66 30.47 -75.26
C GLY E 458 -0.71 29.53 -74.07
N ILE E 459 -0.38 30.02 -72.88
CA ILE E 459 -0.46 29.27 -71.59
C ILE E 459 -1.89 28.74 -71.43
N GLN E 460 -2.89 29.63 -71.57
CA GLN E 460 -4.34 29.29 -71.41
C GLN E 460 -4.74 28.27 -72.50
N ALA E 461 -4.44 28.58 -73.77
CA ALA E 461 -4.74 27.72 -74.95
C ALA E 461 -4.16 26.32 -74.73
N GLY E 462 -2.91 26.24 -74.26
CA GLY E 462 -2.23 24.96 -73.94
C GLY E 462 -2.93 24.19 -72.84
N VAL E 463 -3.29 24.87 -71.74
CA VAL E 463 -4.04 24.30 -70.58
C VAL E 463 -5.37 23.74 -71.10
N ASP E 464 -6.12 24.54 -71.85
CA ASP E 464 -7.42 24.13 -72.46
C ASP E 464 -7.17 22.90 -73.34
N ARG E 465 -6.21 22.98 -74.26
CA ARG E 465 -5.83 21.88 -75.20
C ARG E 465 -5.73 20.57 -74.40
N PHE E 466 -4.89 20.53 -73.37
CA PHE E 466 -4.69 19.35 -72.49
C PHE E 466 -6.04 18.93 -71.89
N TYR E 467 -6.71 19.84 -71.18
CA TYR E 467 -7.96 19.58 -70.43
C TYR E 467 -9.01 18.93 -71.35
N ARG E 468 -9.12 19.43 -72.58
CA ARG E 468 -10.09 18.95 -73.60
C ARG E 468 -9.59 17.62 -74.17
N THR E 469 -8.30 17.51 -74.51
CA THR E 469 -7.66 16.26 -75.01
C THR E 469 -7.85 15.14 -73.98
N CYS E 470 -7.94 15.47 -72.69
CA CYS E 470 -8.24 14.52 -71.57
C CYS E 470 -9.72 14.09 -71.63
N LYS E 471 -10.63 15.06 -71.75
CA LYS E 471 -12.11 14.85 -71.83
C LYS E 471 -12.44 13.88 -72.98
N LEU E 472 -11.62 13.85 -74.03
CA LEU E 472 -11.78 12.93 -75.20
C LEU E 472 -11.49 11.48 -74.82
N VAL E 473 -10.69 11.25 -73.77
CA VAL E 473 -10.36 9.86 -73.30
C VAL E 473 -10.99 9.64 -71.91
N GLY E 474 -12.01 10.43 -71.58
CA GLY E 474 -12.76 10.32 -70.30
C GLY E 474 -11.91 10.69 -69.10
N ILE E 475 -10.97 11.64 -69.25
CA ILE E 475 -10.16 12.16 -68.11
C ILE E 475 -10.68 13.57 -67.76
N ASN E 476 -11.31 13.69 -66.59
CA ASN E 476 -11.99 14.92 -66.10
C ASN E 476 -11.16 15.51 -64.96
N MET E 477 -10.36 16.55 -65.26
CA MET E 477 -9.55 17.28 -64.25
C MET E 477 -10.47 17.97 -63.24
N SER E 478 -10.19 17.85 -61.94
CA SER E 478 -10.93 18.53 -60.86
C SER E 478 -10.52 20.00 -60.80
N LYS E 479 -11.46 20.91 -61.09
CA LYS E 479 -11.24 22.38 -61.05
C LYS E 479 -11.10 22.83 -59.59
N LYS E 480 -11.83 22.17 -58.68
CA LYS E 480 -11.84 22.47 -57.23
C LYS E 480 -10.48 22.08 -56.64
N LYS E 481 -10.14 20.80 -56.75
CA LYS E 481 -8.95 20.17 -56.11
C LYS E 481 -7.72 20.30 -57.03
N SER E 482 -7.60 21.40 -57.78
CA SER E 482 -6.37 21.76 -58.53
C SER E 482 -6.24 23.29 -58.66
N TYR E 483 -5.05 23.74 -59.05
CA TYR E 483 -4.65 25.16 -59.19
C TYR E 483 -3.39 25.25 -60.05
N ILE E 484 -3.15 26.42 -60.67
CA ILE E 484 -1.98 26.69 -61.54
C ILE E 484 -1.23 27.92 -61.02
N ASN E 485 0.07 27.98 -61.28
CA ASN E 485 1.01 29.02 -60.78
C ASN E 485 2.30 28.96 -61.62
N ARG E 486 3.12 30.02 -61.58
CA ARG E 486 4.48 30.05 -62.17
C ARG E 486 5.26 28.83 -61.69
N THR E 487 5.95 28.14 -62.61
CA THR E 487 6.78 26.94 -62.29
C THR E 487 7.81 27.32 -61.22
N GLY E 488 7.94 26.50 -60.18
CA GLY E 488 8.81 26.76 -59.02
C GLY E 488 8.30 26.08 -57.76
N THR E 489 6.99 26.15 -57.51
CA THR E 489 6.29 25.49 -56.38
C THR E 489 5.13 24.65 -56.94
N PHE E 490 5.02 23.39 -56.51
CA PHE E 490 3.88 22.49 -56.85
C PHE E 490 3.94 21.22 -55.99
N GLU E 491 2.91 20.38 -56.12
CA GLU E 491 2.75 19.09 -55.39
C GLU E 491 2.37 17.99 -56.39
N PHE E 492 2.89 16.78 -56.17
CA PHE E 492 2.58 15.56 -56.93
C PHE E 492 2.67 14.37 -55.96
N THR E 493 1.57 13.65 -55.74
CA THR E 493 1.45 12.46 -54.85
C THR E 493 1.92 12.81 -53.43
N SER E 494 1.69 14.06 -53.01
CA SER E 494 2.01 14.60 -51.66
C SER E 494 3.52 14.78 -51.48
N PHE E 495 4.23 15.13 -52.56
CA PHE E 495 5.64 15.60 -52.53
C PHE E 495 5.64 17.10 -52.82
N PHE E 496 5.78 17.93 -51.77
CA PHE E 496 5.63 19.40 -51.85
C PHE E 496 6.97 20.03 -52.27
N TYR E 497 7.08 20.37 -53.56
CA TYR E 497 8.29 20.90 -54.24
C TYR E 497 8.36 22.41 -54.04
N ARG E 498 9.56 22.94 -53.76
CA ARG E 498 9.81 24.40 -53.65
C ARG E 498 11.24 24.73 -54.12
N TYR E 499 11.38 25.14 -55.38
CA TYR E 499 12.64 25.60 -56.02
C TYR E 499 13.77 24.58 -55.79
N GLY E 500 13.45 23.27 -55.85
CA GLY E 500 14.45 22.19 -55.80
C GLY E 500 14.33 21.35 -54.54
N PHE E 501 13.86 21.93 -53.43
CA PHE E 501 13.65 21.23 -52.14
C PHE E 501 12.30 20.50 -52.16
N VAL E 502 12.32 19.23 -51.75
CA VAL E 502 11.14 18.31 -51.72
C VAL E 502 10.92 17.85 -50.27
N ALA E 503 9.65 17.65 -49.89
CA ALA E 503 9.24 17.04 -48.62
C ALA E 503 8.29 15.86 -48.90
N ASN E 504 8.79 14.63 -48.81
CA ASN E 504 8.01 13.37 -48.98
C ASN E 504 7.07 13.21 -47.77
N PHE E 505 5.78 13.51 -47.94
CA PHE E 505 4.72 13.33 -46.90
C PHE E 505 3.58 12.47 -47.47
N SER E 506 3.95 11.41 -48.22
CA SER E 506 3.09 10.25 -48.56
C SER E 506 3.31 9.17 -47.49
N MET E 507 3.56 9.60 -46.26
CA MET E 507 3.91 8.75 -45.09
C MET E 507 2.98 9.11 -43.91
N GLU E 508 2.25 8.13 -43.40
CA GLU E 508 1.72 8.18 -42.00
C GLU E 508 2.60 7.22 -41.19
N LEU E 509 3.31 7.75 -40.19
CA LEU E 509 4.31 6.99 -39.39
C LEU E 509 3.59 5.86 -38.66
N PRO E 510 4.17 4.64 -38.63
CA PRO E 510 3.53 3.50 -37.96
C PRO E 510 3.69 3.62 -36.44
N SER E 511 2.94 2.83 -35.67
CA SER E 511 3.18 2.66 -34.21
C SER E 511 4.57 2.04 -34.05
N PHE E 512 5.44 2.67 -33.27
CA PHE E 512 6.82 2.22 -33.00
C PHE E 512 6.82 1.45 -31.68
N GLY E 513 5.78 0.66 -31.46
CA GLY E 513 5.58 -0.16 -30.25
C GLY E 513 6.03 -1.59 -30.48
N VAL E 514 5.74 -2.46 -29.51
CA VAL E 514 6.06 -3.92 -29.53
C VAL E 514 5.25 -4.56 -30.67
N SER E 515 5.84 -5.55 -31.33
CA SER E 515 5.31 -6.21 -32.55
C SER E 515 4.45 -7.44 -32.17
N GLY E 516 4.71 -8.04 -31.00
CA GLY E 516 3.85 -9.08 -30.38
C GLY E 516 4.25 -10.48 -30.81
N ILE E 517 5.53 -10.84 -30.69
CA ILE E 517 6.12 -12.12 -31.16
C ILE E 517 6.88 -12.78 -30.01
N ASN E 518 7.99 -12.15 -29.60
CA ASN E 518 8.90 -12.58 -28.50
C ASN E 518 10.02 -11.54 -28.35
N GLU E 519 10.67 -11.53 -27.19
CA GLU E 519 11.75 -10.56 -26.81
C GLU E 519 12.72 -10.38 -27.99
N SER E 520 13.34 -11.46 -28.47
CA SER E 520 14.40 -11.44 -29.52
C SER E 520 13.82 -10.90 -30.84
N ALA E 521 12.65 -11.38 -31.26
CA ALA E 521 12.00 -11.04 -32.54
C ALA E 521 11.59 -9.55 -32.53
N ASP E 522 10.82 -9.15 -31.52
CA ASP E 522 10.20 -7.81 -31.39
C ASP E 522 11.26 -6.71 -31.56
N MET E 523 12.42 -6.89 -30.92
CA MET E 523 13.59 -5.98 -31.02
C MET E 523 14.00 -5.87 -32.50
N SER E 524 14.39 -6.98 -33.10
CA SER E 524 14.89 -7.08 -34.50
C SER E 524 13.85 -6.51 -35.47
N VAL E 525 12.55 -6.68 -35.18
CA VAL E 525 11.43 -6.11 -35.99
C VAL E 525 11.41 -4.58 -35.80
N GLY E 526 11.17 -4.13 -34.57
CA GLY E 526 10.97 -2.72 -34.19
C GLY E 526 12.15 -1.85 -34.57
N VAL E 527 13.38 -2.37 -34.44
CA VAL E 527 14.63 -1.66 -34.82
C VAL E 527 14.64 -1.48 -36.34
N THR E 528 14.35 -2.54 -37.10
CA THR E 528 14.33 -2.56 -38.59
C THR E 528 13.22 -1.63 -39.11
N VAL E 529 12.02 -1.69 -38.50
CA VAL E 529 10.87 -0.81 -38.85
C VAL E 529 11.37 0.63 -39.02
N ILE E 530 12.09 1.12 -38.00
CA ILE E 530 12.62 2.51 -37.93
C ILE E 530 13.61 2.72 -39.09
N LYS E 531 14.55 1.78 -39.27
CA LYS E 531 15.53 1.79 -40.40
C LYS E 531 14.78 1.99 -41.72
N ASN E 532 13.76 1.15 -41.97
CA ASN E 532 13.00 1.12 -43.24
C ASN E 532 12.31 2.48 -43.47
N ASN E 533 11.75 3.07 -42.41
CA ASN E 533 11.08 4.40 -42.48
C ASN E 533 12.09 5.50 -42.84
N MET E 534 13.34 5.40 -42.36
CA MET E 534 14.43 6.37 -42.64
C MET E 534 14.82 6.28 -44.12
N ILE E 535 14.86 5.06 -44.67
CA ILE E 535 15.23 4.78 -46.09
C ILE E 535 14.08 5.21 -47.01
N ASN E 536 12.87 4.72 -46.75
CA ASN E 536 11.71 4.79 -47.68
C ASN E 536 10.86 6.04 -47.40
N ASN E 537 10.27 6.13 -46.20
CA ASN E 537 9.24 7.13 -45.83
C ASN E 537 9.87 8.50 -45.50
N ASP E 538 11.20 8.56 -45.34
CA ASP E 538 11.97 9.80 -45.05
C ASP E 538 11.66 10.25 -43.62
N LEU E 539 11.99 9.42 -42.64
CA LEU E 539 11.96 9.76 -41.19
C LEU E 539 13.23 10.55 -40.87
N GLY E 540 13.08 11.74 -40.27
CA GLY E 540 14.21 12.59 -39.84
C GLY E 540 15.06 11.89 -38.79
N PRO E 541 16.40 12.10 -38.79
CA PRO E 541 17.28 11.37 -37.88
C PRO E 541 16.88 11.55 -36.40
N ALA E 542 16.76 12.81 -35.95
CA ALA E 542 16.33 13.16 -34.58
C ALA E 542 15.02 12.45 -34.25
N THR E 543 14.07 12.45 -35.19
CA THR E 543 12.74 11.80 -35.07
C THR E 543 12.92 10.29 -34.90
N ALA E 544 13.81 9.69 -35.68
CA ALA E 544 14.15 8.25 -35.63
C ALA E 544 14.67 7.89 -34.23
N GLN E 545 15.52 8.75 -33.66
CA GLN E 545 16.07 8.56 -32.29
C GLN E 545 14.91 8.54 -31.28
N MET E 546 13.94 9.46 -31.41
CA MET E 546 12.76 9.53 -30.51
C MET E 546 11.86 8.30 -30.72
N ALA E 547 11.70 7.87 -31.98
CA ALA E 547 11.00 6.63 -32.35
C ALA E 547 11.64 5.44 -31.62
N LEU E 548 12.98 5.33 -31.71
CA LEU E 548 13.79 4.31 -31.00
C LEU E 548 13.52 4.41 -29.49
N GLN E 549 13.70 5.62 -28.92
CA GLN E 549 13.44 5.91 -27.49
C GLN E 549 12.07 5.38 -27.09
N LEU E 550 11.02 5.67 -27.89
CA LEU E 550 9.62 5.26 -27.60
C LEU E 550 9.49 3.74 -27.73
N PHE E 551 10.09 3.15 -28.76
CA PHE E 551 10.09 1.67 -28.96
C PHE E 551 10.68 1.00 -27.73
N ILE E 552 11.88 1.42 -27.32
CA ILE E 552 12.59 0.82 -26.15
C ILE E 552 11.67 0.94 -24.92
N LYS E 553 11.06 2.10 -24.72
CA LYS E 553 10.15 2.37 -23.57
C LYS E 553 9.05 1.29 -23.56
N ASP E 554 8.35 1.13 -24.68
CA ASP E 554 7.24 0.15 -24.83
C ASP E 554 7.78 -1.27 -24.58
N TYR E 555 8.90 -1.60 -25.25
CA TYR E 555 9.60 -2.91 -25.20
C TYR E 555 9.88 -3.31 -23.74
N ARG E 556 10.63 -2.45 -23.04
CA ARG E 556 11.05 -2.69 -21.62
C ARG E 556 9.80 -2.88 -20.76
N TYR E 557 8.79 -2.03 -20.93
CA TYR E 557 7.51 -2.08 -20.17
C TYR E 557 6.82 -3.43 -20.41
N THR E 558 6.65 -3.81 -21.68
CA THR E 558 5.93 -5.04 -22.10
C THR E 558 6.60 -6.28 -21.49
N TYR E 559 7.92 -6.41 -21.64
CA TYR E 559 8.70 -7.63 -21.29
C TYR E 559 9.36 -7.48 -19.91
N ARG E 560 8.95 -6.46 -19.14
CA ARG E 560 9.36 -6.26 -17.72
C ARG E 560 10.89 -6.27 -17.61
N CYS E 561 11.59 -5.97 -18.71
CA CYS E 561 13.07 -6.07 -18.84
C CYS E 561 13.68 -4.67 -18.76
N HIS E 562 13.26 -3.90 -17.75
CA HIS E 562 13.83 -2.58 -17.39
C HIS E 562 15.30 -2.79 -16.99
N ARG E 563 16.19 -1.89 -17.42
CA ARG E 563 17.65 -1.96 -17.19
C ARG E 563 17.95 -2.37 -15.74
N GLY E 564 19.03 -3.13 -15.53
CA GLY E 564 19.38 -3.79 -14.26
C GLY E 564 19.70 -2.83 -13.12
N ASP E 565 19.99 -1.56 -13.42
CA ASP E 565 20.41 -0.54 -12.42
C ASP E 565 19.22 0.33 -12.02
N THR E 566 18.04 0.13 -12.62
CA THR E 566 16.79 0.88 -12.29
C THR E 566 16.19 0.30 -10.99
N GLN E 567 15.35 1.08 -10.31
CA GLN E 567 14.66 0.66 -9.07
C GLN E 567 13.25 0.16 -9.40
N ILE E 568 12.81 0.29 -10.65
CA ILE E 568 11.48 -0.16 -11.16
C ILE E 568 11.21 -1.57 -10.62
N GLN E 569 9.96 -1.86 -10.24
CA GLN E 569 9.54 -3.14 -9.61
C GLN E 569 8.56 -3.89 -10.52
N THR E 570 9.00 -5.02 -11.08
CA THR E 570 8.19 -6.03 -11.79
C THR E 570 8.45 -7.38 -11.11
N ARG E 571 7.81 -8.46 -11.57
CA ARG E 571 8.09 -9.83 -11.08
C ARG E 571 9.53 -10.22 -11.49
N ARG E 572 9.95 -9.81 -12.69
CA ARG E 572 11.25 -10.16 -13.32
C ARG E 572 12.39 -9.35 -12.69
N ALA E 573 12.06 -8.25 -12.00
CA ALA E 573 12.99 -7.29 -11.36
C ALA E 573 14.18 -8.02 -10.75
N PHE E 574 13.93 -8.88 -9.76
CA PHE E 574 14.98 -9.56 -8.96
C PHE E 574 15.90 -10.35 -9.88
N GLU E 575 15.32 -11.20 -10.74
CA GLU E 575 16.06 -12.07 -11.68
C GLU E 575 17.02 -11.24 -12.53
N LEU E 576 16.54 -10.13 -13.10
CA LEU E 576 17.38 -9.21 -13.93
C LEU E 576 18.44 -8.55 -13.05
N LYS E 577 18.03 -8.06 -11.88
CA LYS E 577 18.89 -7.38 -10.89
C LYS E 577 20.09 -8.28 -10.56
N LYS E 578 19.82 -9.56 -10.27
CA LYS E 578 20.85 -10.58 -9.93
C LYS E 578 21.81 -10.75 -11.12
N LEU E 579 21.28 -10.99 -12.32
CA LEU E 579 22.05 -11.18 -13.57
C LEU E 579 22.97 -9.97 -13.80
N TRP E 580 22.41 -8.76 -13.68
CA TRP E 580 23.14 -7.46 -13.80
C TRP E 580 24.31 -7.44 -12.81
N GLU E 581 24.05 -7.79 -11.55
CA GLU E 581 25.04 -7.75 -10.44
C GLU E 581 26.23 -8.66 -10.75
N GLN E 582 25.95 -9.86 -11.25
CA GLN E 582 26.93 -10.95 -11.51
C GLN E 582 27.79 -10.60 -12.73
N THR E 583 27.18 -10.03 -13.78
CA THR E 583 27.82 -9.73 -15.10
C THR E 583 28.92 -8.67 -14.93
N ARG E 584 30.09 -8.91 -15.50
CA ARG E 584 31.25 -7.98 -15.49
C ARG E 584 31.02 -6.92 -16.59
N SER E 585 30.86 -7.36 -17.84
CA SER E 585 30.63 -6.52 -19.03
C SER E 585 29.13 -6.27 -19.21
N LYS E 586 28.62 -5.24 -18.52
CA LYS E 586 27.19 -4.83 -18.50
C LYS E 586 26.70 -4.67 -19.95
N ALA E 587 27.41 -3.84 -20.72
CA ALA E 587 27.17 -3.55 -22.15
C ALA E 587 26.77 -4.82 -22.90
N GLY E 588 27.39 -5.95 -22.54
CA GLY E 588 27.13 -7.27 -23.15
C GLY E 588 25.66 -7.64 -23.13
N LEU E 589 25.02 -7.49 -21.97
CA LEU E 589 23.61 -7.93 -21.72
C LEU E 589 22.70 -7.34 -22.80
N LEU E 590 21.73 -8.13 -23.28
CA LEU E 590 20.64 -7.64 -24.17
C LEU E 590 19.68 -6.78 -23.34
N VAL E 591 18.95 -5.88 -24.00
CA VAL E 591 17.87 -5.04 -23.38
C VAL E 591 16.87 -5.99 -22.71
N SER E 592 16.64 -7.16 -23.31
CA SER E 592 15.77 -8.26 -22.83
C SER E 592 16.27 -8.80 -21.48
N ASP E 593 17.57 -8.65 -21.18
CA ASP E 593 18.22 -9.19 -19.95
C ASP E 593 18.65 -8.02 -19.04
N GLY E 594 17.91 -6.90 -19.11
CA GLY E 594 18.16 -5.70 -18.30
C GLY E 594 19.44 -5.00 -18.72
N GLY E 595 19.89 -5.23 -19.96
CA GLY E 595 21.07 -4.56 -20.53
C GLY E 595 20.72 -3.16 -21.02
N PRO E 596 21.74 -2.32 -21.33
CA PRO E 596 21.50 -0.97 -21.86
C PRO E 596 21.29 -0.98 -23.37
N ASN E 597 20.42 -0.08 -23.87
CA ASN E 597 20.14 0.09 -25.32
C ASN E 597 21.35 0.75 -25.98
N LEU E 598 22.03 0.01 -26.86
CA LEU E 598 23.26 0.47 -27.57
C LEU E 598 22.92 0.93 -28.99
N TYR E 599 21.66 0.78 -29.42
CA TYR E 599 21.20 1.15 -30.77
C TYR E 599 21.22 2.67 -30.94
N ASN E 600 21.25 3.10 -32.21
CA ASN E 600 21.32 4.50 -32.68
C ASN E 600 21.23 4.44 -34.21
N ILE E 601 21.15 5.58 -34.90
CA ILE E 601 20.85 5.69 -36.36
C ILE E 601 21.77 4.75 -37.17
N ARG E 602 23.03 4.59 -36.77
CA ARG E 602 24.05 3.80 -37.51
C ARG E 602 23.90 2.29 -37.22
N ASN E 603 23.20 1.90 -36.15
CA ASN E 603 23.12 0.49 -35.67
C ASN E 603 21.86 -0.23 -36.16
N LEU E 604 20.87 0.51 -36.67
CA LEU E 604 19.47 0.02 -36.81
C LEU E 604 19.38 -1.13 -37.80
N HIS E 605 20.51 -1.66 -38.28
CA HIS E 605 20.57 -2.78 -39.26
C HIS E 605 21.41 -3.95 -38.72
N ILE E 606 21.78 -3.93 -37.43
CA ILE E 606 22.59 -5.03 -36.81
C ILE E 606 21.75 -5.73 -35.76
N PRO E 607 21.57 -7.06 -35.85
CA PRO E 607 20.90 -7.82 -34.79
C PRO E 607 21.59 -7.64 -33.43
N GLU E 608 20.79 -7.34 -32.40
CA GLU E 608 21.25 -6.96 -31.04
C GLU E 608 22.38 -7.90 -30.58
N VAL E 609 22.18 -9.21 -30.76
CA VAL E 609 23.14 -10.28 -30.33
C VAL E 609 24.47 -10.06 -31.05
N CYS E 610 24.42 -9.83 -32.37
CA CYS E 610 25.61 -9.47 -33.20
C CYS E 610 26.22 -8.18 -32.64
N LEU E 611 25.41 -7.11 -32.55
CA LEU E 611 25.82 -5.76 -32.09
C LEU E 611 26.59 -5.88 -30.78
N LYS E 612 26.12 -6.74 -29.86
CA LYS E 612 26.64 -6.86 -28.47
C LYS E 612 27.48 -8.14 -28.31
N TRP E 613 27.82 -8.83 -29.40
CA TRP E 613 28.56 -10.13 -29.35
C TRP E 613 29.89 -9.96 -28.60
N GLU E 614 30.73 -9.04 -29.06
CA GLU E 614 32.12 -8.83 -28.56
C GLU E 614 32.09 -8.43 -27.08
N LEU E 615 31.05 -7.70 -26.67
CA LEU E 615 30.93 -7.08 -25.33
C LEU E 615 30.46 -8.11 -24.28
N MET E 616 29.90 -9.24 -24.70
CA MET E 616 29.26 -10.24 -23.80
C MET E 616 30.30 -10.91 -22.90
N ASP E 617 29.87 -11.31 -21.70
CA ASP E 617 30.62 -12.24 -20.80
C ASP E 617 30.55 -13.65 -21.40
N GLU E 618 31.67 -14.39 -21.35
CA GLU E 618 31.80 -15.74 -21.96
C GLU E 618 30.68 -16.65 -21.45
N ASP E 619 30.55 -16.75 -20.12
CA ASP E 619 29.56 -17.65 -19.45
C ASP E 619 28.13 -17.15 -19.73
N TYR E 620 27.95 -15.86 -20.05
CA TYR E 620 26.62 -15.27 -20.38
C TYR E 620 26.17 -15.83 -21.74
N GLN E 621 26.88 -15.50 -22.82
CA GLN E 621 26.50 -15.94 -24.19
C GLN E 621 26.51 -17.47 -24.24
N GLY E 622 27.40 -18.10 -23.46
CA GLY E 622 27.47 -19.56 -23.27
C GLY E 622 26.16 -20.14 -22.77
N ARG E 623 25.30 -19.33 -22.15
CA ARG E 623 23.93 -19.70 -21.73
C ARG E 623 22.90 -19.14 -22.73
N LEU E 624 22.97 -17.83 -23.00
CA LEU E 624 22.02 -17.12 -23.91
C LEU E 624 21.87 -17.88 -25.24
N CYS E 625 23.00 -18.34 -25.80
CA CYS E 625 23.09 -18.97 -27.15
C CYS E 625 23.12 -20.50 -27.04
N ASN E 626 23.35 -21.05 -25.84
CA ASN E 626 23.37 -22.51 -25.59
C ASN E 626 22.19 -23.15 -26.32
N PRO E 627 22.43 -23.93 -27.40
CA PRO E 627 21.33 -24.55 -28.16
C PRO E 627 20.62 -25.66 -27.39
N MET E 628 21.15 -26.04 -26.23
CA MET E 628 20.62 -27.09 -25.33
C MET E 628 19.57 -26.47 -24.38
N ASN E 629 18.90 -25.39 -24.81
CA ASN E 629 17.90 -24.64 -24.00
C ASN E 629 16.52 -25.27 -24.17
N PRO E 630 15.62 -25.16 -23.17
CA PRO E 630 14.27 -25.74 -23.27
C PRO E 630 13.20 -24.83 -23.91
N PHE E 631 13.54 -23.56 -24.15
CA PHE E 631 12.57 -22.49 -24.55
C PHE E 631 12.23 -22.60 -26.03
N VAL E 632 13.23 -22.90 -26.87
CA VAL E 632 13.09 -23.04 -28.35
C VAL E 632 12.97 -24.52 -28.69
N SER E 633 12.08 -24.86 -29.63
CA SER E 633 11.86 -26.23 -30.15
C SER E 633 12.88 -26.53 -31.26
N HIS E 634 13.28 -27.80 -31.40
CA HIS E 634 14.27 -28.30 -32.39
C HIS E 634 13.78 -29.60 -33.01
N TYR E 657 13.04 -10.37 -41.35
CA TYR E 657 13.89 -9.69 -40.33
C TYR E 657 15.00 -10.65 -39.86
N ASP E 658 16.19 -10.10 -39.59
CA ASP E 658 17.44 -10.84 -39.24
C ASP E 658 17.37 -11.30 -37.78
N ALA E 659 16.96 -12.55 -37.56
CA ALA E 659 16.77 -13.17 -36.22
C ALA E 659 18.06 -13.86 -35.78
N VAL E 660 18.35 -13.84 -34.46
CA VAL E 660 19.52 -14.51 -33.82
C VAL E 660 18.98 -15.51 -32.80
N ALA E 661 19.32 -16.80 -32.95
CA ALA E 661 18.81 -17.92 -32.12
C ALA E 661 19.34 -17.77 -30.69
N THR E 662 18.47 -17.38 -29.75
CA THR E 662 18.78 -17.22 -28.31
C THR E 662 17.64 -17.81 -27.48
N THR E 663 17.83 -17.86 -26.15
CA THR E 663 16.83 -18.31 -25.15
C THR E 663 15.62 -17.35 -25.13
N HIS E 664 15.76 -16.15 -25.71
CA HIS E 664 14.69 -15.12 -25.83
C HIS E 664 13.67 -15.53 -26.91
N SER E 665 14.06 -16.41 -27.83
CA SER E 665 13.26 -16.79 -29.04
C SER E 665 12.19 -17.83 -28.67
N TRP E 666 11.45 -17.60 -27.58
CA TRP E 666 10.44 -18.54 -27.00
C TRP E 666 9.11 -18.36 -27.72
N ILE E 667 8.11 -19.20 -27.38
CA ILE E 667 6.76 -19.21 -28.02
C ILE E 667 5.71 -18.98 -26.94
N PRO E 668 4.77 -18.01 -27.12
CA PRO E 668 3.72 -17.77 -26.13
C PRO E 668 2.61 -18.84 -26.18
N LYS E 669 1.88 -19.01 -25.07
CA LYS E 669 0.71 -19.93 -24.96
C LYS E 669 -0.44 -19.36 -25.78
N ARG E 670 -1.31 -20.22 -26.31
CA ARG E 670 -2.50 -19.85 -27.13
C ARG E 670 -3.64 -20.82 -26.82
N GLN F 39 -9.61 -12.38 -26.62
CA GLN F 39 -9.66 -12.73 -28.07
C GLN F 39 -9.90 -11.47 -28.91
N GLU F 40 -9.13 -10.39 -28.65
CA GLU F 40 -9.02 -9.19 -29.52
C GLU F 40 -8.03 -9.49 -30.66
N LYS F 41 -7.98 -8.63 -31.67
CA LYS F 41 -7.27 -8.87 -32.96
C LYS F 41 -5.80 -8.43 -32.86
N ASN F 42 -5.51 -7.40 -32.05
CA ASN F 42 -4.19 -6.71 -32.03
C ASN F 42 -3.16 -7.62 -31.37
N PRO F 43 -2.02 -7.93 -32.04
CA PRO F 43 -1.00 -8.80 -31.44
C PRO F 43 -0.27 -8.17 -30.25
N ALA F 44 0.10 -6.89 -30.37
CA ALA F 44 0.74 -6.08 -29.31
C ALA F 44 -0.08 -6.19 -28.03
N LEU F 45 -1.34 -5.76 -28.06
CA LEU F 45 -2.29 -5.81 -26.92
C LEU F 45 -2.32 -7.24 -26.35
N ARG F 46 -2.44 -8.24 -27.21
CA ARG F 46 -2.49 -9.69 -26.82
C ARG F 46 -1.26 -10.01 -25.96
N MET F 47 -0.06 -9.67 -26.45
CA MET F 47 1.23 -9.95 -25.77
C MET F 47 1.23 -9.32 -24.37
N LYS F 48 0.85 -8.04 -24.27
CA LYS F 48 0.77 -7.29 -22.98
C LYS F 48 -0.13 -8.05 -21.99
N TRP F 49 -1.32 -8.46 -22.43
CA TRP F 49 -2.29 -9.28 -21.65
C TRP F 49 -1.62 -10.59 -21.24
N MET F 50 -0.91 -11.24 -22.16
CA MET F 50 -0.21 -12.53 -21.94
C MET F 50 0.84 -12.36 -20.82
N MET F 51 1.78 -11.44 -21.01
CA MET F 51 2.94 -11.22 -20.11
C MET F 51 2.48 -10.93 -18.67
N ALA F 52 1.29 -10.32 -18.50
CA ALA F 52 0.67 -10.00 -17.20
C ALA F 52 0.28 -11.29 -16.46
N MET F 53 0.05 -12.39 -17.18
CA MET F 53 -0.23 -13.73 -16.57
C MET F 53 1.06 -14.29 -15.99
N LYS F 54 0.97 -15.24 -15.07
CA LYS F 54 2.14 -15.76 -14.31
C LYS F 54 3.04 -16.60 -15.24
N TYR F 55 2.44 -17.48 -16.05
CA TYR F 55 3.16 -18.45 -16.93
C TYR F 55 2.67 -18.32 -18.36
N PRO F 56 3.11 -17.29 -19.13
CA PRO F 56 2.68 -17.12 -20.51
C PRO F 56 3.56 -17.81 -21.58
N ILE F 57 4.69 -18.41 -21.19
CA ILE F 57 5.67 -19.03 -22.13
C ILE F 57 5.55 -20.55 -22.09
N THR F 58 5.58 -21.19 -23.27
CA THR F 58 5.58 -22.66 -23.47
C THR F 58 7.03 -23.14 -23.64
N ALA F 59 7.40 -24.24 -22.96
CA ALA F 59 8.74 -24.87 -23.02
C ALA F 59 8.64 -26.37 -22.72
N ASP F 60 9.62 -27.14 -23.17
CA ASP F 60 9.67 -28.63 -23.09
C ASP F 60 9.71 -29.07 -21.62
N LYS F 61 9.08 -30.21 -21.32
CA LYS F 61 8.98 -30.81 -19.96
C LYS F 61 10.36 -30.93 -19.31
N ARG F 62 11.41 -31.07 -20.13
CA ARG F 62 12.83 -31.24 -19.68
C ARG F 62 13.25 -30.10 -18.76
N ILE F 63 12.69 -28.91 -18.94
CA ILE F 63 13.01 -27.67 -18.15
C ILE F 63 12.92 -27.96 -16.64
N MET F 64 11.97 -28.82 -16.24
CA MET F 64 11.67 -29.16 -14.82
C MET F 64 12.86 -29.87 -14.16
N GLU F 65 13.70 -30.54 -14.95
CA GLU F 65 14.94 -31.20 -14.46
C GLU F 65 16.08 -30.17 -14.42
N MET F 66 16.21 -29.38 -15.49
CA MET F 66 17.29 -28.37 -15.68
C MET F 66 17.23 -27.28 -14.61
N ILE F 67 16.12 -26.53 -14.52
CA ILE F 67 16.01 -25.34 -13.62
C ILE F 67 15.10 -25.67 -12.43
N PRO F 68 15.30 -25.03 -11.25
CA PRO F 68 14.45 -25.28 -10.08
C PRO F 68 13.07 -24.63 -10.24
N GLU F 69 12.07 -25.14 -9.51
CA GLU F 69 10.66 -24.67 -9.57
C GLU F 69 10.57 -23.23 -9.02
N ARG F 70 11.37 -22.91 -8.01
CA ARG F 70 11.33 -21.61 -7.31
C ARG F 70 12.73 -20.98 -7.25
N ASN F 71 12.79 -19.72 -7.69
CA ASN F 71 13.91 -18.75 -7.49
C ASN F 71 14.14 -18.56 -5.98
N GLU F 72 15.33 -18.13 -5.58
CA GLU F 72 15.79 -18.08 -4.16
C GLU F 72 15.06 -17.00 -3.36
N GLN F 73 14.45 -16.00 -4.03
CA GLN F 73 13.55 -14.99 -3.40
C GLN F 73 12.17 -15.63 -3.15
N GLY F 74 11.88 -16.74 -3.84
CA GLY F 74 10.63 -17.52 -3.68
C GLY F 74 9.81 -17.54 -4.97
N GLN F 75 10.12 -16.65 -5.91
CA GLN F 75 9.38 -16.49 -7.18
C GLN F 75 9.30 -17.83 -7.91
N THR F 76 8.10 -18.30 -8.23
CA THR F 76 7.85 -19.56 -8.99
C THR F 76 8.20 -19.33 -10.46
N LEU F 77 9.06 -20.18 -11.01
CA LEU F 77 9.67 -20.01 -12.36
C LEU F 77 8.84 -20.75 -13.43
N TRP F 78 8.47 -22.02 -13.17
CA TRP F 78 7.63 -22.86 -14.06
C TRP F 78 6.51 -23.52 -13.26
N SER F 79 5.46 -23.99 -13.95
CA SER F 79 4.28 -24.64 -13.33
C SER F 79 4.18 -26.11 -13.79
N LYS F 80 3.49 -26.94 -12.99
CA LYS F 80 3.27 -28.39 -13.26
C LYS F 80 2.19 -28.55 -14.33
N THR F 81 1.39 -27.51 -14.60
CA THR F 81 0.35 -27.46 -15.66
C THR F 81 0.97 -27.91 -16.99
N ASN F 82 0.40 -28.95 -17.61
CA ASN F 82 0.87 -29.56 -18.87
C ASN F 82 0.27 -28.77 -20.05
N ASP F 83 0.96 -28.74 -21.20
CA ASP F 83 0.54 -28.02 -22.43
C ASP F 83 -0.47 -28.89 -23.20
N ALA F 84 -1.59 -28.30 -23.63
CA ALA F 84 -2.67 -28.96 -24.40
C ALA F 84 -2.37 -28.86 -25.90
N GLY F 85 -1.45 -29.70 -26.40
CA GLY F 85 -0.98 -29.68 -27.80
C GLY F 85 0.29 -30.48 -28.02
N SER F 86 1.21 -30.51 -27.04
CA SER F 86 2.56 -31.12 -27.16
C SER F 86 3.07 -31.62 -25.80
N ASP F 87 4.30 -32.14 -25.75
CA ASP F 87 5.03 -32.58 -24.53
C ASP F 87 5.74 -31.38 -23.89
N ARG F 88 4.98 -30.38 -23.44
CA ARG F 88 5.51 -29.09 -22.91
C ARG F 88 4.76 -28.70 -21.62
N VAL F 89 5.31 -27.73 -20.88
CA VAL F 89 4.76 -27.22 -19.59
C VAL F 89 4.73 -25.69 -19.65
N MET F 90 4.04 -25.05 -18.70
CA MET F 90 3.91 -23.57 -18.62
C MET F 90 5.05 -22.99 -17.80
N VAL F 91 5.63 -21.89 -18.31
CA VAL F 91 6.90 -21.27 -17.82
C VAL F 91 6.73 -19.75 -17.78
N SER F 92 7.34 -19.11 -16.77
CA SER F 92 7.32 -17.65 -16.51
C SER F 92 8.56 -17.01 -17.15
N PRO F 93 8.46 -15.77 -17.69
CA PRO F 93 9.60 -15.10 -18.32
C PRO F 93 10.85 -15.03 -17.43
N LEU F 94 10.66 -15.15 -16.11
CA LEU F 94 11.75 -15.20 -15.10
C LEU F 94 12.68 -16.38 -15.40
N ALA F 95 12.14 -17.48 -15.92
CA ALA F 95 12.89 -18.70 -16.28
C ALA F 95 13.97 -18.36 -17.33
N VAL F 96 13.58 -17.59 -18.35
CA VAL F 96 14.49 -17.13 -19.44
C VAL F 96 15.69 -16.44 -18.80
N THR F 97 15.42 -15.45 -17.95
CA THR F 97 16.43 -14.62 -17.24
C THR F 97 17.28 -15.52 -16.32
N TRP F 98 16.63 -16.43 -15.59
CA TRP F 98 17.32 -17.36 -14.65
C TRP F 98 18.36 -18.20 -15.41
N TRP F 99 17.96 -18.77 -16.54
CA TRP F 99 18.84 -19.61 -17.42
C TRP F 99 20.10 -18.83 -17.79
N ASN F 100 19.96 -17.52 -18.03
CA ASN F 100 21.03 -16.64 -18.60
C ASN F 100 22.03 -16.23 -17.51
N ARG F 101 21.71 -16.42 -16.23
CA ARG F 101 22.62 -16.08 -15.09
C ARG F 101 23.08 -17.35 -14.37
N ASN F 102 22.20 -18.35 -14.22
CA ASN F 102 22.53 -19.72 -13.74
C ASN F 102 22.12 -20.71 -14.84
N GLY F 103 23.08 -21.34 -15.51
CA GLY F 103 22.81 -22.23 -16.64
C GLY F 103 24.09 -22.85 -17.22
N PRO F 104 23.98 -23.75 -18.21
CA PRO F 104 25.14 -24.47 -18.75
C PRO F 104 25.94 -23.64 -19.76
N THR F 105 27.18 -23.31 -19.43
CA THR F 105 28.14 -22.60 -20.31
C THR F 105 28.80 -23.62 -21.25
N THR F 106 28.40 -23.62 -22.52
CA THR F 106 29.02 -24.44 -23.60
C THR F 106 29.82 -23.51 -24.52
N SER F 107 31.05 -23.91 -24.89
CA SER F 107 32.02 -23.11 -25.69
C SER F 107 31.44 -22.77 -27.06
N THR F 108 30.52 -21.79 -27.12
CA THR F 108 29.77 -21.37 -28.33
C THR F 108 30.53 -20.25 -29.05
N VAL F 109 31.65 -20.58 -29.70
CA VAL F 109 32.50 -19.64 -30.48
C VAL F 109 32.18 -19.80 -31.96
N SER G 7 -3.38 33.97 -6.03
CA SER G 7 -2.19 33.64 -6.87
C SER G 7 -1.79 32.18 -6.66
N TYR G 8 -2.14 31.30 -7.60
CA TYR G 8 -1.94 29.82 -7.54
C TYR G 8 -2.13 29.22 -8.93
N SER G 9 -2.33 27.90 -9.01
CA SER G 9 -2.68 27.15 -10.25
C SER G 9 -3.95 26.33 -10.02
N PRO G 10 -5.02 26.50 -10.84
CA PRO G 10 -6.26 25.77 -10.63
C PRO G 10 -6.18 24.27 -10.96
N THR G 11 -5.09 23.83 -11.59
CA THR G 11 -4.80 22.41 -11.94
C THR G 11 -4.05 21.73 -10.80
N SEP G 12 -2.92 22.34 -10.39
CA SEP G 12 -2.10 21.81 -9.32
CB SEP G 12 -0.71 21.46 -9.83
OG SEP G 12 -0.79 21.17 -11.24
C SEP G 12 -2.04 22.81 -8.16
O SEP G 12 -1.07 23.56 -8.04
P SEP G 12 -0.02 22.14 -12.27
O1P SEP G 12 1.42 22.17 -11.80
O2P SEP G 12 -0.71 23.49 -12.16
O3P SEP G 12 -0.17 21.51 -13.65
N PRO G 13 -3.07 22.86 -7.28
CA PRO G 13 -3.02 23.67 -6.07
C PRO G 13 -2.32 22.96 -4.90
N SER G 14 -2.08 23.68 -3.81
CA SER G 14 -1.48 23.14 -2.55
C SER G 14 -2.52 23.20 -1.42
N TYR G 15 -3.39 22.19 -1.36
CA TYR G 15 -4.54 22.07 -0.41
C TYR G 15 -4.06 21.49 0.93
N SER G 16 -2.81 21.76 1.32
CA SER G 16 -2.17 21.27 2.56
C SER G 16 -2.81 21.92 3.79
N TYR H 1 29.94 3.15 7.84
CA TYR H 1 28.52 2.77 7.55
C TYR H 1 27.90 2.09 8.78
N SER H 2 26.63 2.41 9.05
CA SER H 2 25.84 1.91 10.21
C SER H 2 25.46 0.45 10.00
N PRO H 3 26.02 -0.51 10.76
CA PRO H 3 25.68 -1.93 10.60
C PRO H 3 24.23 -2.30 10.96
N THR H 4 23.54 -1.45 11.74
CA THR H 4 22.13 -1.66 12.18
C THR H 4 21.18 -1.25 11.06
N SEP H 5 21.41 -0.05 10.50
CA SEP H 5 20.52 0.58 9.54
CB SEP H 5 19.67 1.61 10.25
OG SEP H 5 20.09 1.63 11.64
C SEP H 5 21.33 1.19 8.40
O SEP H 5 21.34 2.40 8.23
P SEP H 5 20.30 3.03 12.41
O1P SEP H 5 20.11 2.71 13.88
O2P SEP H 5 21.70 3.49 12.08
O3P SEP H 5 19.23 3.97 11.87
N PRO H 6 22.04 0.38 7.58
CA PRO H 6 22.88 0.90 6.51
C PRO H 6 22.08 1.04 5.21
N SER H 7 22.45 1.98 4.34
CA SER H 7 21.79 2.22 3.03
C SER H 7 22.37 1.25 1.99
N TYR H 8 21.51 0.39 1.43
CA TYR H 8 21.89 -0.78 0.59
C TYR H 8 21.50 -0.56 -0.88
N SER H 9 20.70 0.48 -1.16
CA SER H 9 20.27 0.88 -2.53
C SER H 9 20.50 2.37 -2.72
N PRO H 10 20.82 2.84 -3.95
CA PRO H 10 21.07 4.26 -4.20
C PRO H 10 19.81 5.08 -4.48
N THR H 11 19.88 6.41 -4.27
CA THR H 11 18.83 7.40 -4.65
C THR H 11 19.49 8.74 -4.96
MG MG K . 14.62 -1.64 57.04
MG MG L . -1.99 16.40 -56.81
#